data_1G91
#
_entry.id   1G91
#
_cell.length_a   1.000
_cell.length_b   1.000
_cell.length_c   1.000
_cell.angle_alpha   90.00
_cell.angle_beta   90.00
_cell.angle_gamma   90.00
#
_symmetry.space_group_name_H-M   'P 1'
#
_entity_poly.entity_id   1
_entity_poly.type   'polypeptide(L)'
_entity_poly.pdbx_seq_one_letter_code
;MDRFHATSADCCISYTPRSIPCSLLESYFETNSECSKPGVIFLTKKGRRFCANPSDKQVQVCMRMLKLDTRIKTRKN
;
_entity_poly.pdbx_strand_id   A
#
# COMPACT_ATOMS: atom_id res chain seq x y z
N MET A 1 -10.11 6.29 -18.75
CA MET A 1 -10.43 4.98 -18.13
C MET A 1 -11.59 4.33 -18.89
N ASP A 2 -11.30 3.46 -19.81
CA ASP A 2 -12.38 2.79 -20.58
C ASP A 2 -12.45 1.31 -20.20
N ARG A 3 -12.77 1.03 -18.97
CA ARG A 3 -12.86 -0.40 -18.53
C ARG A 3 -14.31 -0.86 -18.56
N PHE A 4 -14.70 -1.57 -19.60
CA PHE A 4 -16.11 -2.06 -19.68
C PHE A 4 -16.12 -3.58 -19.68
N HIS A 5 -15.43 -4.19 -18.76
CA HIS A 5 -15.40 -5.68 -18.71
C HIS A 5 -15.35 -6.15 -17.25
N ALA A 6 -16.42 -6.70 -16.75
CA ALA A 6 -16.42 -7.17 -15.34
C ALA A 6 -15.94 -6.04 -14.42
N THR A 7 -15.54 -6.37 -13.23
CA THR A 7 -15.05 -5.31 -12.30
C THR A 7 -13.69 -5.72 -11.73
N SER A 8 -13.04 -6.66 -12.35
CA SER A 8 -11.71 -7.11 -11.84
C SER A 8 -10.61 -6.34 -12.57
N ALA A 9 -10.21 -5.21 -12.04
CA ALA A 9 -9.13 -4.42 -12.70
C ALA A 9 -7.76 -4.95 -12.26
N ASP A 10 -6.71 -4.46 -12.86
CA ASP A 10 -5.36 -4.94 -12.48
C ASP A 10 -4.48 -3.75 -12.08
N CYS A 11 -4.64 -2.63 -12.74
CA CYS A 11 -3.83 -1.45 -12.38
C CYS A 11 -4.51 -0.65 -11.28
N CYS A 12 -4.00 0.49 -10.93
CA CYS A 12 -4.63 1.31 -9.86
C CYS A 12 -5.66 2.26 -10.48
N ILE A 13 -6.92 2.08 -10.17
CA ILE A 13 -7.96 2.98 -10.74
C ILE A 13 -8.64 3.76 -9.61
N SER A 14 -8.12 3.66 -8.42
CA SER A 14 -8.74 4.39 -7.27
C SER A 14 -7.83 4.29 -6.05
N TYR A 15 -7.50 5.41 -5.46
CA TYR A 15 -6.61 5.39 -4.26
C TYR A 15 -7.44 5.64 -2.99
N THR A 16 -7.25 4.84 -1.98
CA THR A 16 -8.02 5.04 -0.72
C THR A 16 -7.78 6.46 -0.19
N PRO A 17 -8.80 7.28 -0.25
CA PRO A 17 -8.72 8.68 0.21
C PRO A 17 -8.84 8.73 1.74
N ARG A 18 -7.86 8.22 2.45
CA ARG A 18 -7.94 8.25 3.93
C ARG A 18 -6.52 8.17 4.51
N SER A 19 -6.25 8.91 5.55
CA SER A 19 -4.89 8.88 6.17
C SER A 19 -4.77 7.64 7.07
N ILE A 20 -4.73 6.48 6.50
CA ILE A 20 -4.60 5.24 7.33
C ILE A 20 -3.18 5.12 7.85
N PRO A 21 -3.05 4.71 9.08
CA PRO A 21 -1.73 4.53 9.74
C PRO A 21 -1.08 3.22 9.27
N CYS A 22 0.22 3.14 9.38
CA CYS A 22 0.92 1.89 8.95
C CYS A 22 0.57 0.75 9.91
N SER A 23 0.42 1.06 11.18
CA SER A 23 0.08 0.00 12.16
C SER A 23 -1.25 -0.66 11.78
N LEU A 24 -2.04 0.01 10.98
CA LEU A 24 -3.34 -0.58 10.57
C LEU A 24 -3.15 -1.38 9.28
N LEU A 25 -1.93 -1.70 8.93
CA LEU A 25 -1.68 -2.47 7.68
C LEU A 25 -0.79 -3.67 8.00
N GLU A 26 -0.66 -4.57 7.07
CA GLU A 26 0.21 -5.77 7.31
C GLU A 26 1.35 -5.79 6.30
N SER A 27 1.05 -5.56 5.04
CA SER A 27 2.12 -5.58 4.00
C SER A 27 1.67 -4.73 2.81
N TYR A 28 2.47 -4.71 1.77
CA TYR A 28 2.10 -3.90 0.58
C TYR A 28 3.02 -4.26 -0.59
N PHE A 29 2.69 -3.86 -1.78
CA PHE A 29 3.55 -4.18 -2.95
C PHE A 29 3.31 -3.15 -4.06
N GLU A 30 4.04 -3.25 -5.14
CA GLU A 30 3.85 -2.28 -6.25
C GLU A 30 3.12 -2.96 -7.41
N THR A 31 2.32 -2.23 -8.13
CA THR A 31 1.58 -2.85 -9.27
C THR A 31 2.55 -3.11 -10.42
N ASN A 32 2.08 -3.71 -11.48
CA ASN A 32 2.98 -3.98 -12.64
C ASN A 32 3.33 -2.67 -13.35
N SER A 33 4.59 -2.46 -13.62
CA SER A 33 5.00 -1.20 -14.30
C SER A 33 4.40 -1.15 -15.70
N GLU A 34 3.95 -2.28 -16.20
CA GLU A 34 3.34 -2.30 -17.55
C GLU A 34 2.00 -1.56 -17.53
N CYS A 35 1.40 -1.44 -16.37
CA CYS A 35 0.10 -0.74 -16.29
C CYS A 35 0.30 0.76 -16.57
N SER A 36 -0.44 1.30 -17.49
CA SER A 36 -0.28 2.75 -17.81
C SER A 36 -0.32 3.56 -16.51
N LYS A 37 -1.19 3.22 -15.61
CA LYS A 37 -1.29 3.97 -14.33
C LYS A 37 -0.92 3.05 -13.16
N PRO A 38 0.34 3.01 -12.84
CA PRO A 38 0.87 2.17 -11.75
C PRO A 38 0.59 2.83 -10.39
N GLY A 39 0.91 2.16 -9.32
CA GLY A 39 0.67 2.73 -7.98
C GLY A 39 1.08 1.72 -6.91
N VAL A 40 0.93 2.07 -5.66
CA VAL A 40 1.31 1.13 -4.58
C VAL A 40 0.04 0.54 -3.96
N ILE A 41 0.06 -0.73 -3.65
CA ILE A 41 -1.15 -1.37 -3.04
C ILE A 41 -0.83 -1.80 -1.62
N PHE A 42 -1.54 -1.27 -0.65
CA PHE A 42 -1.27 -1.65 0.77
C PHE A 42 -2.27 -2.73 1.20
N LEU A 43 -1.79 -3.76 1.84
CA LEU A 43 -2.72 -4.84 2.29
C LEU A 43 -2.95 -4.73 3.79
N THR A 44 -4.19 -4.77 4.21
CA THR A 44 -4.49 -4.66 5.66
C THR A 44 -4.59 -6.06 6.27
N LYS A 45 -4.70 -6.16 7.56
CA LYS A 45 -4.80 -7.50 8.21
C LYS A 45 -6.22 -8.05 8.01
N LYS A 46 -7.07 -7.32 7.33
CA LYS A 46 -8.46 -7.81 7.11
C LYS A 46 -8.58 -8.35 5.69
N GLY A 47 -7.50 -8.83 5.14
CA GLY A 47 -7.54 -9.37 3.75
C GLY A 47 -8.08 -8.30 2.80
N ARG A 48 -7.92 -7.05 3.14
CA ARG A 48 -8.42 -5.96 2.26
C ARG A 48 -7.25 -5.07 1.85
N ARG A 49 -7.05 -4.88 0.57
CA ARG A 49 -5.93 -4.02 0.11
C ARG A 49 -6.44 -3.00 -0.90
N PHE A 50 -5.81 -1.85 -0.96
CA PHE A 50 -6.27 -0.80 -1.93
C PHE A 50 -5.05 -0.13 -2.56
N CYS A 51 -5.26 0.79 -3.45
CA CYS A 51 -4.12 1.49 -4.10
C CYS A 51 -3.73 2.70 -3.27
N ALA A 52 -2.52 3.16 -3.41
CA ALA A 52 -2.07 4.35 -2.62
C ALA A 52 -1.01 5.12 -3.42
N ASN A 53 -1.06 6.43 -3.37
CA ASN A 53 -0.06 7.24 -4.12
C ASN A 53 1.27 7.26 -3.35
N PRO A 54 2.36 7.16 -4.06
CA PRO A 54 3.70 7.15 -3.47
C PRO A 54 4.10 8.57 -3.06
N SER A 55 3.22 9.52 -3.26
CA SER A 55 3.55 10.93 -2.87
C SER A 55 2.93 11.23 -1.51
N ASP A 56 2.19 10.31 -0.95
CA ASP A 56 1.57 10.56 0.38
C ASP A 56 2.62 10.39 1.48
N LYS A 57 2.71 11.32 2.38
CA LYS A 57 3.71 11.21 3.48
C LYS A 57 3.43 9.96 4.31
N GLN A 58 2.18 9.63 4.49
CA GLN A 58 1.83 8.42 5.29
C GLN A 58 2.28 7.16 4.54
N VAL A 59 2.36 7.24 3.25
CA VAL A 59 2.78 6.05 2.45
C VAL A 59 4.28 5.82 2.64
N GLN A 60 5.06 6.85 2.54
CA GLN A 60 6.54 6.69 2.72
C GLN A 60 6.84 6.35 4.18
N VAL A 61 6.05 6.84 5.09
CA VAL A 61 6.29 6.54 6.53
C VAL A 61 5.91 5.09 6.83
N CYS A 62 4.98 4.55 6.09
CA CYS A 62 4.56 3.14 6.33
C CYS A 62 5.53 2.19 5.64
N MET A 63 5.97 2.53 4.46
CA MET A 63 6.92 1.64 3.72
C MET A 63 8.17 1.42 4.58
N ARG A 64 8.70 2.46 5.16
CA ARG A 64 9.92 2.31 6.00
C ARG A 64 9.62 1.38 7.17
N MET A 65 8.36 1.11 7.42
CA MET A 65 8.01 0.20 8.55
C MET A 65 7.87 -1.23 8.04
N LEU A 66 7.11 -1.42 6.99
CA LEU A 66 6.94 -2.80 6.44
C LEU A 66 8.20 -3.21 5.69
N LYS A 67 9.00 -2.26 5.28
CA LYS A 67 10.26 -2.61 4.55
C LYS A 67 11.06 -3.63 5.37
N LEU A 68 11.81 -4.46 4.71
CA LEU A 68 12.61 -5.48 5.45
C LEU A 68 13.86 -4.82 6.03
N ASP A 69 14.19 -3.64 5.57
CA ASP A 69 15.40 -2.95 6.11
C ASP A 69 15.01 -2.11 7.32
N THR A 70 13.94 -1.36 7.22
CA THR A 70 13.51 -0.52 8.37
C THR A 70 14.56 0.58 8.62
N ARG A 71 15.73 0.21 9.05
CA ARG A 71 16.78 1.23 9.32
C ARG A 71 18.01 0.56 9.92
N ILE A 72 17.93 0.17 11.17
CA ILE A 72 19.10 -0.50 11.82
C ILE A 72 18.72 -1.93 12.19
N LYS A 73 17.82 -2.52 11.46
CA LYS A 73 17.41 -3.93 11.77
C LYS A 73 17.02 -4.03 13.24
N THR A 74 15.77 -3.84 13.55
CA THR A 74 15.32 -3.92 14.96
C THR A 74 14.19 -4.95 15.09
N ARG A 75 14.43 -6.02 15.78
CA ARG A 75 13.36 -7.07 15.93
C ARG A 75 13.07 -7.69 14.57
N LYS A 76 11.93 -8.31 14.42
CA LYS A 76 11.58 -8.94 13.11
C LYS A 76 10.08 -8.80 12.86
N ASN A 77 9.27 -9.14 13.82
CA ASN A 77 7.79 -9.03 13.63
C ASN A 77 7.08 -9.43 14.93
N MET A 1 -25.99 0.96 -6.66
CA MET A 1 -25.49 -0.03 -5.67
C MET A 1 -24.09 -0.50 -6.08
N ASP A 2 -23.37 -1.11 -5.17
CA ASP A 2 -22.00 -1.60 -5.52
C ASP A 2 -21.21 -0.47 -6.17
N ARG A 3 -20.85 0.54 -5.42
CA ARG A 3 -20.07 1.67 -6.01
C ARG A 3 -18.65 1.18 -6.34
N PHE A 4 -18.02 0.53 -5.40
CA PHE A 4 -16.64 0.04 -5.66
C PHE A 4 -16.67 -1.12 -6.65
N HIS A 5 -15.54 -1.58 -7.10
CA HIS A 5 -15.52 -2.71 -8.07
C HIS A 5 -15.10 -3.99 -7.35
N ALA A 6 -13.85 -4.08 -6.98
CA ALA A 6 -13.38 -5.31 -6.27
C ALA A 6 -12.50 -4.89 -5.09
N THR A 7 -12.32 -5.77 -4.13
CA THR A 7 -11.48 -5.42 -2.95
C THR A 7 -11.03 -6.70 -2.25
N SER A 8 -9.74 -6.85 -2.05
CA SER A 8 -9.23 -8.08 -1.38
C SER A 8 -9.13 -7.83 0.14
N ALA A 9 -8.08 -7.18 0.57
CA ALA A 9 -7.92 -6.91 2.02
C ALA A 9 -9.16 -6.16 2.53
N ASP A 10 -9.16 -5.77 3.78
CA ASP A 10 -10.33 -5.04 4.34
C ASP A 10 -9.85 -3.96 5.30
N CYS A 11 -9.69 -4.30 6.55
CA CYS A 11 -9.22 -3.30 7.55
C CYS A 11 -7.78 -3.63 7.96
N CYS A 12 -7.19 -2.80 8.78
CA CYS A 12 -5.79 -3.08 9.23
C CYS A 12 -5.79 -3.58 10.67
N ILE A 13 -5.89 -4.88 10.85
CA ILE A 13 -5.89 -5.43 12.23
C ILE A 13 -4.47 -5.81 12.64
N SER A 14 -3.55 -5.75 11.72
CA SER A 14 -2.14 -6.12 12.06
C SER A 14 -1.18 -5.31 11.18
N TYR A 15 -0.22 -4.67 11.77
CA TYR A 15 0.75 -3.88 10.96
C TYR A 15 2.09 -4.62 10.88
N THR A 16 2.53 -4.90 9.68
CA THR A 16 3.84 -5.63 9.53
C THR A 16 4.87 -5.02 10.48
N PRO A 17 5.13 -5.71 11.57
CA PRO A 17 6.10 -5.25 12.58
C PRO A 17 7.53 -5.53 12.11
N ARG A 18 7.94 -4.92 11.02
CA ARG A 18 9.32 -5.14 10.52
C ARG A 18 9.76 -3.93 9.68
N SER A 19 11.03 -3.73 9.53
CA SER A 19 11.53 -2.59 8.73
C SER A 19 11.52 -2.96 7.24
N ILE A 20 10.45 -2.68 6.56
CA ILE A 20 10.40 -3.02 5.11
C ILE A 20 11.19 -1.99 4.31
N PRO A 21 12.07 -2.46 3.46
CA PRO A 21 12.92 -1.59 2.63
C PRO A 21 12.13 -1.06 1.44
N CYS A 22 12.41 0.14 1.01
CA CYS A 22 11.67 0.71 -0.16
C CYS A 22 12.07 -0.03 -1.43
N SER A 23 13.13 -0.77 -1.39
CA SER A 23 13.59 -1.51 -2.59
C SER A 23 12.72 -2.75 -2.78
N LEU A 24 12.04 -3.18 -1.75
CA LEU A 24 11.17 -4.39 -1.87
C LEU A 24 9.71 -3.96 -1.86
N LEU A 25 9.41 -2.77 -2.33
CA LEU A 25 8.00 -2.30 -2.34
C LEU A 25 7.64 -1.83 -3.75
N GLU A 26 6.48 -2.19 -4.22
CA GLU A 26 6.06 -1.76 -5.59
C GLU A 26 5.20 -0.49 -5.49
N SER A 27 4.40 -0.39 -4.46
CA SER A 27 3.54 0.81 -4.31
C SER A 27 2.78 0.73 -3.00
N TYR A 28 1.89 1.65 -2.75
CA TYR A 28 1.11 1.62 -1.48
C TYR A 28 -0.19 2.42 -1.66
N PHE A 29 -1.18 2.14 -0.86
CA PHE A 29 -2.47 2.87 -0.98
C PHE A 29 -3.13 2.97 0.39
N GLU A 30 -4.29 3.58 0.47
CA GLU A 30 -4.98 3.71 1.78
C GLU A 30 -6.10 2.68 1.86
N THR A 31 -6.39 2.21 3.04
CA THR A 31 -7.47 1.20 3.20
C THR A 31 -8.82 1.86 2.92
N ASN A 32 -9.88 1.10 2.92
CA ASN A 32 -11.22 1.68 2.65
C ASN A 32 -11.74 2.37 3.91
N SER A 33 -12.23 3.58 3.79
CA SER A 33 -12.75 4.29 4.98
C SER A 33 -13.81 3.44 5.67
N GLU A 34 -14.37 2.49 4.97
CA GLU A 34 -15.42 1.63 5.58
C GLU A 34 -14.91 1.11 6.94
N CYS A 35 -13.64 0.86 7.04
CA CYS A 35 -13.09 0.36 8.34
C CYS A 35 -12.84 1.54 9.28
N SER A 36 -13.57 1.61 10.37
CA SER A 36 -13.37 2.74 11.32
C SER A 36 -11.87 2.97 11.53
N LYS A 37 -11.09 1.92 11.44
CA LYS A 37 -9.62 2.09 11.64
C LYS A 37 -8.89 1.71 10.34
N PRO A 38 -8.66 2.68 9.52
CA PRO A 38 -7.97 2.50 8.23
C PRO A 38 -6.46 2.36 8.45
N GLY A 39 -5.70 2.34 7.39
CA GLY A 39 -4.22 2.21 7.53
C GLY A 39 -3.57 2.27 6.15
N VAL A 40 -2.27 2.11 6.10
CA VAL A 40 -1.58 2.17 4.78
C VAL A 40 -1.24 0.74 4.32
N ILE A 41 -1.59 0.40 3.12
CA ILE A 41 -1.30 -0.96 2.61
C ILE A 41 -0.12 -0.90 1.63
N PHE A 42 1.01 -1.42 2.02
CA PHE A 42 2.19 -1.38 1.11
C PHE A 42 2.26 -2.68 0.30
N LEU A 43 2.41 -2.58 -0.99
CA LEU A 43 2.47 -3.81 -1.83
C LEU A 43 3.93 -4.09 -2.20
N THR A 44 4.33 -5.33 -2.12
CA THR A 44 5.75 -5.67 -2.47
C THR A 44 5.81 -6.28 -3.87
N LYS A 45 6.97 -6.31 -4.47
CA LYS A 45 7.09 -6.90 -5.84
C LYS A 45 6.88 -8.41 -5.76
N LYS A 46 6.78 -8.94 -4.58
CA LYS A 46 6.57 -10.41 -4.43
C LYS A 46 5.08 -10.68 -4.18
N GLY A 47 4.23 -9.81 -4.62
CA GLY A 47 2.78 -10.00 -4.41
C GLY A 47 2.48 -10.07 -2.92
N ARG A 48 3.25 -9.39 -2.11
CA ARG A 48 3.01 -9.42 -0.65
C ARG A 48 2.55 -8.04 -0.19
N ARG A 49 1.42 -7.96 0.47
CA ARG A 49 0.92 -6.64 0.94
C ARG A 49 0.68 -6.70 2.45
N PHE A 50 1.01 -5.66 3.15
CA PHE A 50 0.78 -5.65 4.63
C PHE A 50 0.38 -4.26 5.09
N CYS A 51 -0.23 -4.14 6.24
CA CYS A 51 -0.66 -2.81 6.73
C CYS A 51 0.55 -2.07 7.31
N ALA A 52 0.55 -0.77 7.23
CA ALA A 52 1.71 0.00 7.78
C ALA A 52 1.18 1.26 8.49
N ASN A 53 1.84 1.67 9.54
CA ASN A 53 1.38 2.88 10.27
C ASN A 53 1.84 4.14 9.53
N PRO A 54 0.97 5.12 9.47
CA PRO A 54 1.27 6.39 8.79
C PRO A 54 2.21 7.24 9.66
N SER A 55 2.37 6.88 10.90
CA SER A 55 3.27 7.66 11.79
C SER A 55 4.65 7.00 11.81
N ASP A 56 4.82 5.92 11.10
CA ASP A 56 6.14 5.24 11.08
C ASP A 56 7.14 6.08 10.27
N LYS A 57 8.24 6.43 10.88
CA LYS A 57 9.25 7.25 10.14
C LYS A 57 9.62 6.55 8.83
N GLN A 58 9.90 5.28 8.88
CA GLN A 58 10.26 4.55 7.64
C GLN A 58 9.14 4.68 6.62
N VAL A 59 7.93 4.82 7.08
CA VAL A 59 6.79 4.96 6.13
C VAL A 59 6.78 6.39 5.56
N GLN A 60 7.03 7.37 6.38
CA GLN A 60 7.04 8.77 5.88
C GLN A 60 8.22 8.97 4.93
N VAL A 61 9.29 8.25 5.15
CA VAL A 61 10.48 8.39 4.26
C VAL A 61 10.20 7.70 2.92
N CYS A 62 9.47 6.63 2.94
CA CYS A 62 9.15 5.92 1.67
C CYS A 62 7.99 6.61 0.97
N MET A 63 7.11 7.23 1.72
CA MET A 63 5.96 7.93 1.09
C MET A 63 6.46 8.99 0.11
N ARG A 64 7.71 9.38 0.23
CA ARG A 64 8.26 10.40 -0.70
C ARG A 64 8.73 9.72 -1.99
N MET A 65 9.53 8.70 -1.87
CA MET A 65 10.02 7.99 -3.09
C MET A 65 8.83 7.44 -3.87
N LEU A 66 8.02 6.62 -3.25
CA LEU A 66 6.85 6.05 -3.97
C LEU A 66 5.78 7.14 -4.14
N LYS A 67 5.95 8.01 -5.09
CA LYS A 67 4.96 9.08 -5.31
C LYS A 67 3.70 8.50 -5.97
N LEU A 68 3.01 9.30 -6.74
CA LEU A 68 1.78 8.78 -7.42
C LEU A 68 2.18 7.82 -8.53
N ASP A 69 2.70 6.67 -8.19
CA ASP A 69 3.11 5.69 -9.22
C ASP A 69 1.97 4.69 -9.46
N THR A 70 0.82 5.17 -9.81
CA THR A 70 -0.33 4.25 -10.05
C THR A 70 -0.74 4.33 -11.53
N ARG A 71 0.10 3.86 -12.41
CA ARG A 71 -0.23 3.90 -13.85
C ARG A 71 -0.78 2.54 -14.30
N ILE A 72 -0.92 2.33 -15.58
CA ILE A 72 -1.44 1.03 -16.07
C ILE A 72 -0.63 0.57 -17.28
N LYS A 73 0.37 -0.24 -17.05
CA LYS A 73 1.20 -0.72 -18.19
C LYS A 73 0.50 -1.90 -18.87
N THR A 74 -0.58 -1.65 -19.54
CA THR A 74 -1.31 -2.76 -20.22
C THR A 74 -1.05 -2.69 -21.73
N ARG A 75 -0.10 -1.91 -22.15
CA ARG A 75 0.20 -1.80 -23.60
C ARG A 75 1.58 -1.17 -23.79
N LYS A 76 2.50 -1.47 -22.92
CA LYS A 76 3.87 -0.90 -23.06
C LYS A 76 4.91 -1.98 -22.76
N ASN A 77 4.69 -3.18 -23.22
CA ASN A 77 5.67 -4.26 -22.96
C ASN A 77 7.02 -3.89 -23.56
N MET A 1 20.08 19.61 6.84
CA MET A 1 20.07 20.31 8.15
C MET A 1 18.70 20.14 8.81
N ASP A 2 18.38 18.95 9.24
CA ASP A 2 17.05 18.72 9.89
C ASP A 2 15.94 19.03 8.89
N ARG A 3 15.11 18.07 8.58
CA ARG A 3 14.01 18.32 7.62
C ARG A 3 12.79 18.88 8.36
N PHE A 4 11.75 19.22 7.65
CA PHE A 4 10.54 19.77 8.32
C PHE A 4 9.54 18.64 8.57
N HIS A 5 9.80 17.48 8.03
CA HIS A 5 8.86 16.34 8.24
C HIS A 5 9.65 15.08 8.60
N ALA A 6 9.57 14.65 9.83
CA ALA A 6 10.33 13.43 10.24
C ALA A 6 9.38 12.46 10.95
N THR A 7 8.13 12.82 11.10
CA THR A 7 7.17 11.92 11.77
C THR A 7 6.36 11.16 10.72
N SER A 8 6.87 11.06 9.53
CA SER A 8 6.12 10.34 8.46
C SER A 8 6.43 8.83 8.54
N ALA A 9 5.44 8.03 8.80
CA ALA A 9 5.68 6.57 8.89
C ALA A 9 6.37 6.07 7.62
N ASP A 10 7.04 4.96 7.67
CA ASP A 10 7.74 4.43 6.46
C ASP A 10 7.51 2.92 6.36
N CYS A 11 8.06 2.17 7.28
CA CYS A 11 7.88 0.69 7.23
C CYS A 11 6.53 0.32 7.85
N CYS A 12 6.25 -0.95 7.95
CA CYS A 12 4.95 -1.38 8.54
C CYS A 12 5.16 -1.78 10.01
N ILE A 13 4.37 -1.25 10.89
CA ILE A 13 4.52 -1.59 12.34
C ILE A 13 3.31 -2.41 12.80
N SER A 14 2.18 -2.19 12.19
CA SER A 14 0.96 -2.95 12.58
C SER A 14 0.10 -3.22 11.34
N TYR A 15 -0.38 -4.42 11.19
CA TYR A 15 -1.22 -4.74 9.99
C TYR A 15 -2.69 -4.65 10.38
N THR A 16 -3.54 -4.33 9.43
CA THR A 16 -4.99 -4.22 9.72
C THR A 16 -5.59 -5.63 9.85
N PRO A 17 -6.11 -5.95 11.01
CA PRO A 17 -6.72 -7.27 11.27
C PRO A 17 -8.12 -7.33 10.66
N ARG A 18 -8.23 -7.10 9.38
CA ARG A 18 -9.57 -7.15 8.74
C ARG A 18 -9.41 -7.43 7.24
N SER A 19 -10.30 -8.18 6.66
CA SER A 19 -10.19 -8.48 5.20
C SER A 19 -11.01 -7.47 4.41
N ILE A 20 -10.35 -6.54 3.77
CA ILE A 20 -11.09 -5.52 2.97
C ILE A 20 -11.02 -5.89 1.48
N PRO A 21 -12.11 -5.66 0.79
CA PRO A 21 -12.20 -5.96 -0.65
C PRO A 21 -11.50 -4.87 -1.47
N CYS A 22 -11.10 -5.19 -2.67
CA CYS A 22 -10.40 -4.17 -3.52
C CYS A 22 -11.37 -3.05 -3.87
N SER A 23 -12.66 -3.33 -3.88
CA SER A 23 -13.65 -2.28 -4.21
C SER A 23 -13.39 -1.04 -3.35
N LEU A 24 -12.76 -1.21 -2.22
CA LEU A 24 -12.49 -0.04 -1.34
C LEU A 24 -10.99 0.25 -1.35
N LEU A 25 -10.30 -0.06 -2.42
CA LEU A 25 -8.84 0.19 -2.47
C LEU A 25 -8.50 0.93 -3.76
N GLU A 26 -7.78 2.01 -3.68
CA GLU A 26 -7.41 2.77 -4.91
C GLU A 26 -6.06 2.26 -5.44
N SER A 27 -5.23 1.76 -4.58
CA SER A 27 -3.91 1.24 -5.05
C SER A 27 -3.15 0.63 -3.86
N TYR A 28 -1.94 0.19 -4.07
CA TYR A 28 -1.15 -0.41 -2.95
C TYR A 28 0.33 -0.45 -3.34
N PHE A 29 1.17 -0.81 -2.41
CA PHE A 29 2.63 -0.87 -2.72
C PHE A 29 3.36 -1.56 -1.57
N GLU A 30 4.61 -1.90 -1.76
CA GLU A 30 5.37 -2.57 -0.67
C GLU A 30 6.21 -1.53 0.08
N THR A 31 6.36 -1.70 1.37
CA THR A 31 7.16 -0.72 2.16
C THR A 31 8.65 -0.92 1.85
N ASN A 32 9.50 -0.11 2.43
CA ASN A 32 10.96 -0.26 2.18
C ASN A 32 11.37 -1.72 2.37
N SER A 33 11.70 -2.40 1.30
CA SER A 33 12.10 -3.82 1.42
C SER A 33 13.28 -3.95 2.39
N GLU A 34 13.95 -2.86 2.67
CA GLU A 34 15.11 -2.91 3.60
C GLU A 34 14.64 -3.44 4.95
N CYS A 35 13.48 -3.03 5.40
CA CYS A 35 12.98 -3.51 6.72
C CYS A 35 12.95 -5.04 6.72
N SER A 36 13.56 -5.65 7.70
CA SER A 36 13.57 -7.15 7.76
C SER A 36 12.12 -7.65 7.69
N LYS A 37 11.21 -6.98 8.33
CA LYS A 37 9.79 -7.43 8.30
C LYS A 37 8.93 -6.38 7.59
N PRO A 38 8.96 -6.44 6.28
CA PRO A 38 8.19 -5.50 5.44
C PRO A 38 6.71 -5.90 5.38
N GLY A 39 5.96 -5.29 4.52
CA GLY A 39 4.52 -5.64 4.41
C GLY A 39 3.91 -4.91 3.22
N VAL A 40 2.64 -5.13 2.95
CA VAL A 40 1.99 -4.44 1.81
C VAL A 40 1.03 -3.38 2.34
N ILE A 41 1.12 -2.18 1.84
CA ILE A 41 0.21 -1.09 2.31
C ILE A 41 -0.90 -0.90 1.29
N PHE A 42 -2.10 -0.61 1.73
CA PHE A 42 -3.23 -0.41 0.79
C PHE A 42 -3.80 1.00 0.95
N LEU A 43 -4.01 1.69 -0.13
CA LEU A 43 -4.58 3.07 -0.03
C LEU A 43 -6.07 3.03 -0.34
N THR A 44 -6.87 3.68 0.48
CA THR A 44 -8.34 3.68 0.23
C THR A 44 -8.75 4.97 -0.47
N LYS A 45 -9.97 5.06 -0.92
CA LYS A 45 -10.44 6.29 -1.60
C LYS A 45 -10.69 7.39 -0.56
N LYS A 46 -10.51 7.09 0.69
CA LYS A 46 -10.73 8.12 1.74
C LYS A 46 -9.39 8.59 2.30
N GLY A 47 -8.37 8.57 1.49
CA GLY A 47 -7.03 9.00 1.96
C GLY A 47 -6.62 8.17 3.18
N ARG A 48 -7.07 6.95 3.25
CA ARG A 48 -6.70 6.09 4.41
C ARG A 48 -5.81 4.95 3.93
N ARG A 49 -4.65 4.79 4.52
CA ARG A 49 -3.74 3.70 4.10
C ARG A 49 -3.37 2.85 5.32
N PHE A 50 -3.34 1.56 5.16
CA PHE A 50 -2.99 0.67 6.30
C PHE A 50 -2.09 -0.47 5.82
N CYS A 51 -1.38 -1.11 6.70
CA CYS A 51 -0.49 -2.22 6.29
C CYS A 51 -1.31 -3.50 6.13
N ALA A 52 -0.87 -4.41 5.31
CA ALA A 52 -1.62 -5.69 5.13
C ALA A 52 -0.64 -6.86 5.03
N ASN A 53 -1.10 -8.05 5.26
CA ASN A 53 -0.18 -9.22 5.17
C ASN A 53 -0.14 -9.74 3.73
N PRO A 54 1.06 -9.99 3.25
CA PRO A 54 1.26 -10.49 1.87
C PRO A 54 0.90 -11.97 1.78
N SER A 55 0.47 -12.55 2.86
CA SER A 55 0.10 -13.99 2.85
C SER A 55 -1.42 -14.12 2.75
N ASP A 56 -2.12 -13.03 2.81
CA ASP A 56 -3.61 -13.10 2.71
C ASP A 56 -4.02 -13.28 1.25
N LYS A 57 -4.93 -14.18 0.99
CA LYS A 57 -5.37 -14.40 -0.42
C LYS A 57 -5.97 -13.11 -0.98
N GLN A 58 -6.70 -12.38 -0.17
CA GLN A 58 -7.31 -11.12 -0.65
C GLN A 58 -6.21 -10.17 -1.12
N VAL A 59 -5.05 -10.24 -0.52
CA VAL A 59 -3.95 -9.34 -0.93
C VAL A 59 -3.42 -9.77 -2.30
N GLN A 60 -3.08 -11.02 -2.44
CA GLN A 60 -2.56 -11.51 -3.75
C GLN A 60 -3.65 -11.34 -4.82
N VAL A 61 -4.90 -11.42 -4.43
CA VAL A 61 -6.00 -11.27 -5.42
C VAL A 61 -6.10 -9.79 -5.83
N CYS A 62 -5.75 -8.90 -4.94
CA CYS A 62 -5.83 -7.45 -5.29
C CYS A 62 -4.62 -7.06 -6.14
N MET A 63 -3.53 -7.78 -6.00
CA MET A 63 -2.33 -7.46 -6.81
C MET A 63 -2.59 -7.77 -8.28
N ARG A 64 -3.45 -8.70 -8.56
CA ARG A 64 -3.76 -9.05 -9.96
C ARG A 64 -4.70 -8.00 -10.55
N MET A 65 -5.81 -7.76 -9.92
CA MET A 65 -6.77 -6.75 -10.45
C MET A 65 -6.07 -5.39 -10.56
N LEU A 66 -5.40 -4.97 -9.51
CA LEU A 66 -4.70 -3.66 -9.55
C LEU A 66 -3.47 -3.77 -10.45
N LYS A 67 -3.67 -3.95 -11.72
CA LYS A 67 -2.51 -4.06 -12.65
C LYS A 67 -1.64 -2.82 -12.52
N LEU A 68 -2.24 -1.68 -12.38
CA LEU A 68 -1.44 -0.42 -12.25
C LEU A 68 -0.69 -0.43 -10.92
N ASP A 69 0.61 -0.40 -10.96
CA ASP A 69 1.41 -0.41 -9.70
C ASP A 69 1.74 1.02 -9.29
N THR A 70 0.95 1.97 -9.72
CA THR A 70 1.22 3.39 -9.37
C THR A 70 2.63 3.77 -9.83
N ARG A 71 2.84 3.84 -11.11
CA ARG A 71 4.20 4.20 -11.62
C ARG A 71 4.12 4.49 -13.12
N ILE A 72 4.09 5.74 -13.48
CA ILE A 72 4.01 6.09 -14.93
C ILE A 72 4.87 7.33 -15.20
N LYS A 73 6.17 7.15 -15.33
CA LYS A 73 7.06 8.31 -15.59
C LYS A 73 6.60 9.01 -16.87
N THR A 74 7.11 8.62 -18.00
CA THR A 74 6.70 9.26 -19.28
C THR A 74 6.87 8.27 -20.43
N ARG A 75 5.91 7.40 -20.61
CA ARG A 75 6.01 6.41 -21.72
C ARG A 75 4.83 6.59 -22.67
N LYS A 76 3.72 5.96 -22.37
CA LYS A 76 2.52 6.09 -23.26
C LYS A 76 1.25 5.98 -22.43
N ASN A 77 1.34 6.27 -21.16
CA ASN A 77 0.12 6.17 -20.29
C ASN A 77 -0.81 7.34 -20.60
N MET A 1 1.24 -21.33 -10.05
CA MET A 1 1.17 -22.42 -11.07
C MET A 1 0.11 -23.44 -10.65
N ASP A 2 0.38 -24.22 -9.64
CA ASP A 2 -0.61 -25.24 -9.19
C ASP A 2 -1.78 -24.53 -8.49
N ARG A 3 -2.85 -24.30 -9.20
CA ARG A 3 -4.02 -23.62 -8.57
C ARG A 3 -4.79 -24.62 -7.71
N PHE A 4 -4.34 -24.86 -6.52
CA PHE A 4 -5.05 -25.83 -5.64
C PHE A 4 -4.89 -25.39 -4.17
N HIS A 5 -3.73 -24.93 -3.80
CA HIS A 5 -3.51 -24.50 -2.39
C HIS A 5 -3.30 -22.98 -2.36
N ALA A 6 -2.84 -22.42 -3.44
CA ALA A 6 -2.61 -20.95 -3.46
C ALA A 6 -3.93 -20.23 -3.82
N THR A 7 -4.91 -20.31 -2.96
CA THR A 7 -6.20 -19.64 -3.26
C THR A 7 -6.24 -18.28 -2.56
N SER A 8 -5.83 -18.22 -1.32
CA SER A 8 -5.85 -16.93 -0.59
C SER A 8 -4.51 -16.21 -0.77
N ALA A 9 -3.84 -16.48 -1.87
CA ALA A 9 -2.52 -15.81 -2.10
C ALA A 9 -2.75 -14.42 -2.72
N ASP A 10 -2.09 -13.43 -2.21
CA ASP A 10 -2.27 -12.06 -2.75
C ASP A 10 -0.91 -11.37 -2.86
N CYS A 11 -0.08 -11.79 -3.79
CA CYS A 11 1.26 -11.15 -3.94
C CYS A 11 1.21 -10.12 -5.06
N CYS A 12 2.30 -9.45 -5.31
CA CYS A 12 2.32 -8.43 -6.40
C CYS A 12 3.15 -8.96 -7.58
N ILE A 13 2.63 -8.82 -8.77
CA ILE A 13 3.38 -9.32 -9.96
C ILE A 13 4.03 -8.13 -10.67
N SER A 14 3.62 -6.94 -10.36
CA SER A 14 4.23 -5.75 -11.02
C SER A 14 3.88 -4.49 -10.21
N TYR A 15 4.59 -3.42 -10.43
CA TYR A 15 4.30 -2.17 -9.68
C TYR A 15 3.56 -1.17 -10.59
N THR A 16 2.71 -0.37 -10.03
CA THR A 16 1.96 0.62 -10.85
C THR A 16 2.92 1.68 -11.38
N PRO A 17 3.11 1.70 -12.68
CA PRO A 17 4.02 2.67 -13.33
C PRO A 17 3.35 4.04 -13.45
N ARG A 18 3.21 4.75 -12.36
CA ARG A 18 2.57 6.09 -12.42
C ARG A 18 3.03 6.92 -11.22
N SER A 19 3.55 8.09 -11.46
CA SER A 19 4.02 8.95 -10.33
C SER A 19 2.80 9.41 -9.52
N ILE A 20 2.49 8.74 -8.45
CA ILE A 20 1.33 9.15 -7.62
C ILE A 20 1.82 9.93 -6.40
N PRO A 21 1.14 11.01 -6.10
CA PRO A 21 1.49 11.87 -4.95
C PRO A 21 0.97 11.25 -3.65
N CYS A 22 1.61 11.56 -2.56
CA CYS A 22 1.17 10.99 -1.25
C CYS A 22 -0.19 11.60 -0.86
N SER A 23 -0.53 12.72 -1.44
CA SER A 23 -1.82 13.36 -1.11
C SER A 23 -2.98 12.50 -1.64
N LEU A 24 -2.69 11.57 -2.50
CA LEU A 24 -3.76 10.70 -3.05
C LEU A 24 -3.65 9.30 -2.42
N LEU A 25 -3.14 9.22 -1.23
CA LEU A 25 -3.01 7.89 -0.56
C LEU A 25 -3.70 7.94 0.80
N GLU A 26 -4.31 6.85 1.20
CA GLU A 26 -5.00 6.83 2.52
C GLU A 26 -4.27 5.89 3.46
N SER A 27 -3.60 4.89 2.94
CA SER A 27 -2.86 3.94 3.82
C SER A 27 -2.07 2.96 2.95
N TYR A 28 -1.47 1.97 3.56
CA TYR A 28 -0.68 0.98 2.77
C TYR A 28 -0.38 -0.24 3.64
N PHE A 29 0.02 -1.32 3.04
CA PHE A 29 0.34 -2.55 3.84
C PHE A 29 1.38 -3.39 3.09
N GLU A 30 1.85 -4.44 3.71
CA GLU A 30 2.87 -5.30 3.05
C GLU A 30 2.18 -6.53 2.45
N THR A 31 2.63 -6.98 1.31
CA THR A 31 2.00 -8.18 0.68
C THR A 31 2.46 -9.44 1.41
N ASN A 32 2.01 -10.59 0.98
CA ASN A 32 2.42 -11.85 1.66
C ASN A 32 3.92 -12.03 1.51
N SER A 33 4.69 -11.64 2.50
CA SER A 33 6.16 -11.79 2.42
C SER A 33 6.51 -13.21 1.96
N GLU A 34 5.62 -14.15 2.18
CA GLU A 34 5.89 -15.55 1.76
C GLU A 34 6.45 -15.55 0.33
N CYS A 35 6.09 -14.57 -0.46
CA CYS A 35 6.61 -14.52 -1.86
C CYS A 35 8.09 -14.13 -1.83
N SER A 36 8.88 -14.71 -2.70
CA SER A 36 10.33 -14.38 -2.74
C SER A 36 10.50 -12.89 -3.03
N LYS A 37 9.62 -12.32 -3.81
CA LYS A 37 9.74 -10.88 -4.13
C LYS A 37 8.43 -10.16 -3.76
N PRO A 38 8.35 -9.76 -2.51
CA PRO A 38 7.17 -9.06 -1.98
C PRO A 38 7.18 -7.59 -2.40
N GLY A 39 6.33 -6.79 -1.84
CA GLY A 39 6.29 -5.35 -2.19
C GLY A 39 5.37 -4.61 -1.23
N VAL A 40 5.20 -3.33 -1.43
CA VAL A 40 4.32 -2.54 -0.52
C VAL A 40 3.03 -2.19 -1.26
N ILE A 41 1.92 -2.23 -0.57
CA ILE A 41 0.62 -1.90 -1.23
C ILE A 41 0.13 -0.54 -0.72
N PHE A 42 -0.11 0.39 -1.61
CA PHE A 42 -0.59 1.73 -1.17
C PHE A 42 -2.05 1.91 -1.60
N LEU A 43 -2.90 2.30 -0.68
CA LEU A 43 -4.33 2.49 -1.03
C LEU A 43 -4.61 3.99 -1.23
N THR A 44 -5.48 4.32 -2.14
CA THR A 44 -5.79 5.75 -2.39
C THR A 44 -7.16 6.09 -1.79
N LYS A 45 -7.57 7.32 -1.88
CA LYS A 45 -8.89 7.71 -1.32
C LYS A 45 -10.00 7.27 -2.26
N LYS A 46 -9.66 6.59 -3.33
CA LYS A 46 -10.70 6.12 -4.29
C LYS A 46 -10.85 4.60 -4.16
N GLY A 47 -10.63 4.07 -3.00
CA GLY A 47 -10.76 2.61 -2.80
C GLY A 47 -9.88 1.88 -3.82
N ARG A 48 -8.82 2.51 -4.24
CA ARG A 48 -7.92 1.86 -5.24
C ARG A 48 -6.59 1.50 -4.56
N ARG A 49 -6.03 0.38 -4.91
CA ARG A 49 -4.72 -0.02 -4.29
C ARG A 49 -3.79 -0.57 -5.38
N PHE A 50 -2.55 -0.18 -5.36
CA PHE A 50 -1.60 -0.69 -6.39
C PHE A 50 -0.27 -1.08 -5.73
N CYS A 51 0.48 -1.93 -6.35
CA CYS A 51 1.78 -2.35 -5.76
C CYS A 51 2.77 -1.18 -5.81
N ALA A 52 3.58 -1.03 -4.80
CA ALA A 52 4.56 0.09 -4.81
C ALA A 52 5.95 -0.47 -4.49
N ASN A 53 6.99 0.27 -4.82
CA ASN A 53 8.36 -0.21 -4.56
C ASN A 53 8.78 0.19 -3.14
N PRO A 54 9.41 -0.72 -2.44
CA PRO A 54 9.88 -0.48 -1.05
C PRO A 54 11.12 0.41 -1.07
N SER A 55 11.75 0.54 -2.21
CA SER A 55 12.96 1.39 -2.29
C SER A 55 12.57 2.78 -2.79
N ASP A 56 11.31 3.02 -3.00
CA ASP A 56 10.87 4.36 -3.49
C ASP A 56 11.00 5.38 -2.35
N LYS A 57 11.88 6.33 -2.51
CA LYS A 57 12.06 7.36 -1.44
C LYS A 57 10.70 7.91 -1.03
N GLN A 58 9.81 8.10 -1.95
CA GLN A 58 8.46 8.64 -1.62
C GLN A 58 7.69 7.60 -0.79
N VAL A 59 8.02 6.35 -0.94
CA VAL A 59 7.31 5.30 -0.16
C VAL A 59 7.86 5.27 1.27
N GLN A 60 9.15 5.30 1.41
CA GLN A 60 9.75 5.28 2.77
C GLN A 60 9.52 6.63 3.46
N VAL A 61 9.43 7.68 2.68
CA VAL A 61 9.20 9.03 3.28
C VAL A 61 7.73 9.14 3.72
N CYS A 62 6.85 8.47 3.03
CA CYS A 62 5.41 8.54 3.40
C CYS A 62 5.12 7.55 4.52
N MET A 63 5.64 6.36 4.43
CA MET A 63 5.39 5.35 5.49
C MET A 63 5.79 5.93 6.85
N ARG A 64 6.74 6.82 6.86
CA ARG A 64 7.16 7.44 8.15
C ARG A 64 6.01 8.26 8.73
N MET A 65 5.29 8.96 7.90
CA MET A 65 4.15 9.78 8.40
C MET A 65 2.93 8.90 8.61
N LEU A 66 2.65 8.02 7.68
CA LEU A 66 1.47 7.12 7.82
C LEU A 66 1.74 6.11 8.94
N LYS A 67 2.98 5.81 9.20
CA LYS A 67 3.30 4.84 10.28
C LYS A 67 2.87 5.41 11.63
N LEU A 68 2.62 6.69 11.69
CA LEU A 68 2.19 7.30 12.98
C LEU A 68 0.73 6.95 13.25
N ASP A 69 0.47 5.81 13.83
CA ASP A 69 -0.93 5.41 14.11
C ASP A 69 -1.35 5.97 15.49
N THR A 70 -1.54 7.25 15.58
CA THR A 70 -1.95 7.84 16.89
C THR A 70 -3.08 8.84 16.65
N ARG A 71 -4.31 8.37 16.65
CA ARG A 71 -5.45 9.30 16.43
C ARG A 71 -5.48 9.74 14.97
N ILE A 72 -5.71 8.83 14.06
CA ILE A 72 -5.74 9.19 12.63
C ILE A 72 -7.08 8.79 12.02
N LYS A 73 -8.13 9.51 12.33
CA LYS A 73 -9.46 9.16 11.77
C LYS A 73 -10.23 10.45 11.42
N THR A 74 -9.61 11.32 10.68
CA THR A 74 -10.30 12.59 10.31
C THR A 74 -10.20 12.80 8.79
N ARG A 75 -10.76 11.91 8.02
CA ARG A 75 -10.69 12.06 6.54
C ARG A 75 -11.71 11.13 5.88
N LYS A 76 -12.97 11.46 5.97
CA LYS A 76 -14.01 10.59 5.35
C LYS A 76 -15.32 11.37 5.23
N ASN A 77 -15.65 12.16 6.22
CA ASN A 77 -16.91 12.95 6.15
C ASN A 77 -16.72 14.28 6.88
N MET A 1 -21.88 -13.83 -5.01
CA MET A 1 -20.93 -13.94 -3.86
C MET A 1 -21.74 -14.06 -2.56
N ASP A 2 -21.18 -14.70 -1.56
CA ASP A 2 -21.90 -14.85 -0.28
C ASP A 2 -21.39 -13.81 0.72
N ARG A 3 -22.27 -13.05 1.31
CA ARG A 3 -21.85 -12.02 2.30
C ARG A 3 -21.49 -12.70 3.62
N PHE A 4 -20.23 -13.02 3.81
CA PHE A 4 -19.82 -13.68 5.07
C PHE A 4 -20.08 -12.74 6.25
N HIS A 5 -19.90 -13.21 7.46
CA HIS A 5 -20.14 -12.35 8.64
C HIS A 5 -18.80 -11.80 9.15
N ALA A 6 -17.91 -11.47 8.25
CA ALA A 6 -16.58 -10.93 8.70
C ALA A 6 -16.58 -9.41 8.57
N THR A 7 -15.44 -8.81 8.50
CA THR A 7 -15.37 -7.32 8.39
C THR A 7 -15.61 -6.91 6.93
N SER A 8 -16.11 -5.73 6.71
CA SER A 8 -16.36 -5.27 5.31
C SER A 8 -15.02 -5.03 4.61
N ALA A 9 -14.80 -5.69 3.50
CA ALA A 9 -13.52 -5.49 2.77
C ALA A 9 -13.49 -4.09 2.14
N ASP A 10 -12.33 -3.62 1.77
CA ASP A 10 -12.25 -2.26 1.16
C ASP A 10 -11.02 -2.18 0.25
N CYS A 11 -11.13 -2.67 -0.95
CA CYS A 11 -9.97 -2.62 -1.87
C CYS A 11 -9.72 -1.17 -2.30
N CYS A 12 -8.84 -0.97 -3.25
CA CYS A 12 -8.56 0.43 -3.70
C CYS A 12 -9.51 0.81 -4.84
N ILE A 13 -10.69 1.28 -4.51
CA ILE A 13 -11.66 1.66 -5.58
C ILE A 13 -11.51 3.16 -5.88
N SER A 14 -10.87 3.89 -5.00
CA SER A 14 -10.70 5.35 -5.23
C SER A 14 -9.33 5.78 -4.73
N TYR A 15 -8.53 6.37 -5.59
CA TYR A 15 -7.17 6.81 -5.16
C TYR A 15 -7.24 8.28 -4.72
N THR A 16 -6.33 8.69 -3.87
CA THR A 16 -6.34 10.11 -3.41
C THR A 16 -5.59 10.98 -4.42
N PRO A 17 -6.17 12.11 -4.75
CA PRO A 17 -5.59 13.06 -5.70
C PRO A 17 -4.48 13.88 -5.03
N ARG A 18 -3.46 13.23 -4.55
CA ARG A 18 -2.35 13.98 -3.87
C ARG A 18 -1.07 13.14 -3.91
N SER A 19 0.00 13.70 -4.38
CA SER A 19 1.29 12.94 -4.43
C SER A 19 2.08 13.20 -3.15
N ILE A 20 2.33 12.17 -2.38
CA ILE A 20 3.10 12.35 -1.11
C ILE A 20 4.49 11.72 -1.26
N PRO A 21 5.48 12.37 -0.70
CA PRO A 21 6.87 11.90 -0.76
C PRO A 21 7.09 10.76 0.26
N CYS A 22 8.10 9.96 0.06
CA CYS A 22 8.37 8.85 1.00
C CYS A 22 8.64 9.42 2.40
N SER A 23 9.19 10.61 2.47
CA SER A 23 9.49 11.22 3.79
C SER A 23 8.18 11.34 4.59
N LEU A 24 7.06 11.32 3.92
CA LEU A 24 5.76 11.44 4.64
C LEU A 24 5.04 10.09 4.61
N LEU A 25 5.79 9.02 4.49
CA LEU A 25 5.14 7.67 4.46
C LEU A 25 5.93 6.71 5.34
N GLU A 26 5.28 5.70 5.86
CA GLU A 26 5.99 4.72 6.73
C GLU A 26 6.11 3.38 6.01
N SER A 27 5.13 3.03 5.23
CA SER A 27 5.19 1.73 4.50
C SER A 27 4.07 1.66 3.47
N TYR A 28 3.90 0.55 2.82
CA TYR A 28 2.81 0.43 1.80
C TYR A 28 2.67 -1.04 1.39
N PHE A 29 1.63 -1.35 0.65
CA PHE A 29 1.44 -2.76 0.21
C PHE A 29 0.43 -2.80 -0.94
N GLU A 30 0.08 -3.97 -1.40
CA GLU A 30 -0.89 -4.08 -2.52
C GLU A 30 -2.23 -4.58 -1.98
N THR A 31 -3.31 -4.11 -2.54
CA THR A 31 -4.65 -4.56 -2.07
C THR A 31 -4.84 -6.05 -2.40
N ASN A 32 -6.00 -6.58 -2.14
CA ASN A 32 -6.25 -8.02 -2.45
C ASN A 32 -6.37 -8.22 -3.96
N SER A 33 -5.66 -9.17 -4.50
CA SER A 33 -5.73 -9.40 -5.97
C SER A 33 -7.14 -9.85 -6.34
N GLU A 34 -7.86 -10.42 -5.42
CA GLU A 34 -9.24 -10.88 -5.72
C GLU A 34 -10.07 -9.70 -6.26
N CYS A 35 -9.65 -8.50 -5.96
CA CYS A 35 -10.41 -7.31 -6.46
C CYS A 35 -9.98 -6.99 -7.90
N SER A 36 -10.90 -7.03 -8.82
CA SER A 36 -10.54 -6.72 -10.23
C SER A 36 -9.87 -5.35 -10.30
N LYS A 37 -10.06 -4.54 -9.30
CA LYS A 37 -9.44 -3.19 -9.30
C LYS A 37 -8.48 -3.07 -8.11
N PRO A 38 -7.26 -3.52 -8.31
CA PRO A 38 -6.22 -3.49 -7.28
C PRO A 38 -5.62 -2.08 -7.16
N GLY A 39 -4.67 -1.90 -6.30
CA GLY A 39 -4.05 -0.57 -6.14
C GLY A 39 -2.93 -0.63 -5.10
N VAL A 40 -2.33 0.49 -4.79
CA VAL A 40 -1.23 0.48 -3.79
C VAL A 40 -1.66 1.26 -2.54
N ILE A 41 -1.65 0.63 -1.40
CA ILE A 41 -2.06 1.34 -0.16
C ILE A 41 -0.82 1.88 0.56
N PHE A 42 -0.68 3.17 0.67
CA PHE A 42 0.50 3.75 1.35
C PHE A 42 0.14 4.13 2.79
N LEU A 43 0.97 3.77 3.74
CA LEU A 43 0.66 4.11 5.15
C LEU A 43 1.51 5.31 5.58
N THR A 44 0.92 6.28 6.21
CA THR A 44 1.69 7.48 6.65
C THR A 44 2.15 7.29 8.10
N LYS A 45 3.01 8.15 8.57
CA LYS A 45 3.48 8.03 9.98
C LYS A 45 2.40 8.54 10.93
N LYS A 46 1.27 8.94 10.42
CA LYS A 46 0.19 9.45 11.29
C LYS A 46 -0.92 8.40 11.38
N GLY A 47 -0.59 7.15 11.24
CA GLY A 47 -1.61 6.07 11.31
C GLY A 47 -2.67 6.31 10.23
N ARG A 48 -2.26 6.84 9.11
CA ARG A 48 -3.25 7.08 8.01
C ARG A 48 -2.87 6.24 6.79
N ARG A 49 -3.82 5.92 5.96
CA ARG A 49 -3.51 5.09 4.76
C ARG A 49 -4.42 5.50 3.60
N PHE A 50 -3.88 5.63 2.42
CA PHE A 50 -4.71 6.02 1.25
C PHE A 50 -4.32 5.17 0.04
N CYS A 51 -5.13 5.18 -1.00
CA CYS A 51 -4.81 4.38 -2.20
C CYS A 51 -3.92 5.19 -3.14
N ALA A 52 -2.94 4.58 -3.74
CA ALA A 52 -2.05 5.31 -4.68
C ALA A 52 -2.02 4.59 -6.02
N ASN A 53 -1.69 5.30 -7.08
CA ASN A 53 -1.65 4.65 -8.42
C ASN A 53 -0.31 3.90 -8.58
N PRO A 54 -0.40 2.63 -8.89
CA PRO A 54 0.79 1.78 -9.07
C PRO A 54 1.46 2.08 -10.42
N SER A 55 0.92 2.99 -11.17
CA SER A 55 1.52 3.32 -12.48
C SER A 55 2.21 4.69 -12.39
N ASP A 56 2.10 5.35 -11.26
CA ASP A 56 2.75 6.68 -11.11
C ASP A 56 4.24 6.48 -10.83
N LYS A 57 5.09 7.03 -11.65
CA LYS A 57 6.56 6.88 -11.42
C LYS A 57 6.87 7.13 -9.94
N GLN A 58 6.21 8.07 -9.34
CA GLN A 58 6.47 8.37 -7.90
C GLN A 58 6.22 7.09 -7.07
N VAL A 59 5.30 6.28 -7.50
CA VAL A 59 5.01 5.02 -6.74
C VAL A 59 6.09 3.98 -7.08
N GLN A 60 6.51 3.94 -8.31
CA GLN A 60 7.55 2.96 -8.71
C GLN A 60 8.90 3.39 -8.12
N VAL A 61 9.12 4.68 -8.00
CA VAL A 61 10.41 5.17 -7.43
C VAL A 61 10.42 4.94 -5.92
N CYS A 62 9.35 5.28 -5.24
CA CYS A 62 9.29 5.09 -3.77
C CYS A 62 9.13 3.59 -3.46
N MET A 63 8.66 2.84 -4.43
CA MET A 63 8.47 1.38 -4.19
C MET A 63 9.82 0.74 -3.86
N ARG A 64 10.86 1.14 -4.54
CA ARG A 64 12.21 0.56 -4.26
C ARG A 64 12.84 1.29 -3.08
N MET A 65 12.40 2.50 -2.81
CA MET A 65 12.97 3.27 -1.68
C MET A 65 12.55 2.61 -0.35
N LEU A 66 11.28 2.41 -0.16
CA LEU A 66 10.82 1.77 1.10
C LEU A 66 11.21 0.29 1.10
N LYS A 67 11.70 -0.20 0.01
CA LYS A 67 12.11 -1.63 -0.06
C LYS A 67 12.88 -1.99 1.22
N LEU A 68 13.10 -3.26 1.45
CA LEU A 68 13.85 -3.68 2.67
C LEU A 68 15.31 -3.27 2.54
N ASP A 69 16.03 -3.21 3.63
CA ASP A 69 17.46 -2.82 3.57
C ASP A 69 18.25 -3.90 2.84
N THR A 70 18.20 -3.92 1.53
CA THR A 70 18.95 -4.95 0.76
C THR A 70 18.72 -6.32 1.40
N ARG A 71 17.52 -6.82 1.32
CA ARG A 71 17.24 -8.16 1.92
C ARG A 71 15.87 -8.64 1.45
N ILE A 72 15.81 -9.80 0.86
CA ILE A 72 14.49 -10.32 0.39
C ILE A 72 14.42 -11.83 0.64
N LYS A 73 14.60 -12.24 1.86
CA LYS A 73 14.54 -13.70 2.18
C LYS A 73 13.08 -14.15 2.21
N THR A 74 12.18 -13.26 2.54
CA THR A 74 10.75 -13.65 2.59
C THR A 74 10.58 -14.92 3.43
N ARG A 75 10.69 -14.79 4.73
CA ARG A 75 10.53 -15.99 5.60
C ARG A 75 9.05 -16.32 5.78
N LYS A 76 8.28 -15.38 6.26
CA LYS A 76 6.82 -15.64 6.45
C LYS A 76 6.10 -14.31 6.69
N ASN A 77 6.46 -13.28 5.97
CA ASN A 77 5.80 -11.96 6.17
C ASN A 77 4.29 -12.11 5.94
N MET A 1 6.08 7.08 28.77
CA MET A 1 5.09 7.57 27.78
C MET A 1 4.57 8.94 28.20
N ASP A 2 4.30 9.81 27.26
CA ASP A 2 3.80 11.17 27.61
C ASP A 2 2.65 11.54 26.67
N ARG A 3 1.46 11.63 27.18
CA ARG A 3 0.30 11.99 26.32
C ARG A 3 0.27 13.51 26.10
N PHE A 4 1.17 14.02 25.30
CA PHE A 4 1.21 15.48 25.05
C PHE A 4 1.63 15.75 23.61
N HIS A 5 1.05 15.05 22.68
CA HIS A 5 1.43 15.25 21.25
C HIS A 5 0.18 15.11 20.36
N ALA A 6 -0.61 16.14 20.27
CA ALA A 6 -1.85 16.05 19.43
C ALA A 6 -1.46 16.17 17.95
N THR A 7 -1.69 15.15 17.19
CA THR A 7 -1.35 15.20 15.73
C THR A 7 -2.57 14.83 14.90
N SER A 8 -2.97 15.69 13.99
CA SER A 8 -4.16 15.39 13.15
C SER A 8 -3.71 14.65 11.88
N ALA A 9 -2.48 14.22 11.84
CA ALA A 9 -1.99 13.50 10.63
C ALA A 9 -2.22 12.00 10.81
N ASP A 10 -1.86 11.21 9.84
CA ASP A 10 -2.06 9.73 9.95
C ASP A 10 -0.73 9.01 9.69
N CYS A 11 0.01 8.74 10.74
CA CYS A 11 1.31 8.04 10.56
C CYS A 11 1.11 6.53 10.75
N CYS A 12 2.11 5.76 10.46
CA CYS A 12 1.97 4.28 10.62
C CYS A 12 2.84 3.80 11.80
N ILE A 13 2.23 3.27 12.82
CA ILE A 13 3.02 2.79 13.99
C ILE A 13 3.39 1.32 13.77
N SER A 14 2.64 0.63 12.96
CA SER A 14 2.94 -0.81 12.71
C SER A 14 2.27 -1.24 11.41
N TYR A 15 2.97 -1.99 10.58
CA TYR A 15 2.36 -2.44 9.30
C TYR A 15 1.69 -3.80 9.51
N THR A 16 0.74 -4.13 8.66
CA THR A 16 0.04 -5.44 8.80
C THR A 16 1.08 -6.57 8.76
N PRO A 17 1.27 -7.22 9.89
CA PRO A 17 2.23 -8.33 10.00
C PRO A 17 1.64 -9.61 9.39
N ARG A 18 1.36 -9.60 8.12
CA ARG A 18 0.78 -10.80 7.47
C ARG A 18 0.99 -10.72 5.95
N SER A 19 1.36 -11.80 5.33
CA SER A 19 1.58 -11.78 3.86
C SER A 19 0.23 -11.70 3.14
N ILE A 20 -0.09 -10.58 2.57
CA ILE A 20 -1.39 -10.45 1.86
C ILE A 20 -1.17 -10.60 0.35
N PRO A 21 -2.07 -11.26 -0.31
CA PRO A 21 -2.00 -11.50 -1.76
C PRO A 21 -2.42 -10.23 -2.52
N CYS A 22 -1.66 -9.83 -3.49
CA CYS A 22 -2.01 -8.62 -4.27
C CYS A 22 -3.39 -8.81 -4.91
N SER A 23 -3.88 -10.01 -4.97
CA SER A 23 -5.22 -10.25 -5.57
C SER A 23 -6.31 -9.82 -4.59
N LEU A 24 -5.94 -9.52 -3.37
CA LEU A 24 -6.95 -9.09 -2.38
C LEU A 24 -6.78 -7.60 -2.07
N LEU A 25 -6.22 -6.87 -2.99
CA LEU A 25 -6.02 -5.40 -2.75
C LEU A 25 -6.66 -4.61 -3.90
N GLU A 26 -7.23 -3.48 -3.61
CA GLU A 26 -7.88 -2.66 -4.67
C GLU A 26 -6.97 -1.49 -5.05
N SER A 27 -6.15 -1.05 -4.14
CA SER A 27 -5.24 0.09 -4.45
C SER A 27 -4.34 0.38 -3.24
N TYR A 28 -3.27 1.10 -3.45
CA TYR A 28 -2.36 1.42 -2.32
C TYR A 28 -1.76 2.82 -2.53
N PHE A 29 -1.28 3.43 -1.48
CA PHE A 29 -0.70 4.79 -1.62
C PHE A 29 0.20 5.10 -0.42
N GLU A 30 0.80 6.25 -0.40
CA GLU A 30 1.68 6.61 0.75
C GLU A 30 0.88 7.37 1.80
N THR A 31 1.23 7.25 3.05
CA THR A 31 0.49 7.96 4.12
C THR A 31 0.62 9.47 3.91
N ASN A 32 0.07 10.26 4.80
CA ASN A 32 0.16 11.74 4.65
C ASN A 32 1.63 12.17 4.76
N SER A 33 2.05 13.09 3.94
CA SER A 33 3.46 13.55 4.00
C SER A 33 3.66 14.42 5.24
N GLU A 34 2.59 14.86 5.85
CA GLU A 34 2.72 15.72 7.05
C GLU A 34 3.17 14.87 8.25
N CYS A 35 3.19 13.57 8.09
CA CYS A 35 3.62 12.69 9.21
C CYS A 35 5.14 12.73 9.34
N SER A 36 5.66 12.29 10.45
CA SER A 36 7.14 12.30 10.64
C SER A 36 7.77 11.14 9.87
N LYS A 37 7.17 9.98 9.93
CA LYS A 37 7.73 8.82 9.20
C LYS A 37 6.79 8.43 8.05
N PRO A 38 7.37 8.06 6.93
CA PRO A 38 6.60 7.67 5.74
C PRO A 38 6.08 6.24 5.88
N GLY A 39 5.32 5.77 4.94
CA GLY A 39 4.79 4.39 5.02
C GLY A 39 3.88 4.11 3.82
N VAL A 40 3.48 2.88 3.64
CA VAL A 40 2.60 2.55 2.48
C VAL A 40 1.23 2.12 3.00
N ILE A 41 0.19 2.42 2.27
CA ILE A 41 -1.18 2.03 2.73
C ILE A 41 -1.81 1.08 1.69
N PHE A 42 -2.06 -0.14 2.09
CA PHE A 42 -2.67 -1.11 1.13
C PHE A 42 -4.19 -1.12 1.32
N LEU A 43 -4.93 -0.90 0.28
CA LEU A 43 -6.42 -0.91 0.38
C LEU A 43 -6.95 -2.26 -0.08
N THR A 44 -7.84 -2.85 0.68
CA THR A 44 -8.40 -4.17 0.27
C THR A 44 -9.80 -3.98 -0.31
N LYS A 45 -10.38 -5.02 -0.85
CA LYS A 45 -11.74 -4.89 -1.44
C LYS A 45 -12.79 -4.95 -0.32
N LYS A 46 -12.36 -4.97 0.91
CA LYS A 46 -13.34 -5.01 2.04
C LYS A 46 -13.27 -3.69 2.81
N GLY A 47 -13.03 -2.61 2.13
CA GLY A 47 -12.97 -1.30 2.82
C GLY A 47 -11.93 -1.37 3.96
N ARG A 48 -10.96 -2.23 3.83
CA ARG A 48 -9.93 -2.35 4.89
C ARG A 48 -8.60 -1.80 4.38
N ARG A 49 -7.93 -0.99 5.15
CA ARG A 49 -6.63 -0.42 4.69
C ARG A 49 -5.61 -0.53 5.83
N PHE A 50 -4.45 -1.06 5.55
CA PHE A 50 -3.41 -1.19 6.61
C PHE A 50 -2.08 -0.66 6.09
N CYS A 51 -1.20 -0.27 6.97
CA CYS A 51 0.12 0.25 6.52
C CYS A 51 0.99 -0.89 6.00
N ALA A 52 2.00 -0.58 5.23
CA ALA A 52 2.88 -1.66 4.69
C ALA A 52 4.31 -1.12 4.58
N ASN A 53 5.28 -1.92 4.91
CA ASN A 53 6.69 -1.46 4.83
C ASN A 53 7.16 -1.48 3.37
N PRO A 54 7.77 -0.40 2.95
CA PRO A 54 8.28 -0.28 1.57
C PRO A 54 9.55 -1.09 1.39
N SER A 55 10.08 -1.63 2.45
CA SER A 55 11.32 -2.45 2.35
C SER A 55 10.94 -3.93 2.28
N ASP A 56 9.67 -4.24 2.35
CA ASP A 56 9.25 -5.66 2.30
C ASP A 56 9.23 -6.14 0.84
N LYS A 57 9.85 -7.24 0.55
CA LYS A 57 9.87 -7.75 -0.84
C LYS A 57 8.44 -7.88 -1.36
N GLN A 58 7.54 -8.37 -0.55
CA GLN A 58 6.14 -8.53 -1.00
C GLN A 58 5.51 -7.15 -1.21
N VAL A 59 6.03 -6.14 -0.55
CA VAL A 59 5.45 -4.77 -0.72
C VAL A 59 5.97 -4.17 -2.02
N GLN A 60 7.24 -4.32 -2.30
CA GLN A 60 7.80 -3.74 -3.56
C GLN A 60 7.23 -4.51 -4.75
N VAL A 61 6.88 -5.74 -4.56
CA VAL A 61 6.31 -6.54 -5.69
C VAL A 61 4.86 -6.10 -5.94
N CYS A 62 4.13 -5.83 -4.90
CA CYS A 62 2.72 -5.38 -5.08
C CYS A 62 2.69 -3.97 -5.64
N MET A 63 3.74 -3.22 -5.43
CA MET A 63 3.78 -1.82 -5.95
C MET A 63 3.65 -1.85 -7.48
N ARG A 64 4.54 -2.54 -8.14
CA ARG A 64 4.47 -2.61 -9.62
C ARG A 64 3.30 -3.50 -10.04
N MET A 65 2.83 -4.34 -9.15
CA MET A 65 1.69 -5.23 -9.51
C MET A 65 0.43 -4.38 -9.70
N LEU A 66 -0.03 -3.72 -8.67
CA LEU A 66 -1.25 -2.88 -8.82
C LEU A 66 -1.06 -1.88 -9.97
N LYS A 67 0.15 -1.51 -10.24
CA LYS A 67 0.40 -0.54 -11.35
C LYS A 67 0.13 -1.22 -12.68
N LEU A 68 -0.13 -0.45 -13.70
CA LEU A 68 -0.41 -1.06 -15.04
C LEU A 68 0.91 -1.24 -15.80
N ASP A 69 1.89 -1.84 -15.19
CA ASP A 69 3.19 -2.04 -15.88
C ASP A 69 3.09 -3.23 -16.83
N THR A 70 2.12 -3.23 -17.70
CA THR A 70 1.96 -4.37 -18.65
C THR A 70 1.36 -3.85 -19.97
N ARG A 71 1.99 -2.90 -20.59
CA ARG A 71 1.44 -2.35 -21.87
C ARG A 71 2.52 -2.44 -22.95
N ILE A 72 2.50 -3.47 -23.75
CA ILE A 72 3.51 -3.60 -24.83
C ILE A 72 2.84 -4.05 -26.12
N LYS A 73 1.68 -3.52 -26.42
CA LYS A 73 0.98 -3.92 -27.66
C LYS A 73 1.47 -3.05 -28.83
N THR A 74 2.10 -3.66 -29.80
CA THR A 74 2.61 -2.89 -30.97
C THR A 74 1.47 -2.64 -31.95
N ARG A 75 1.74 -1.96 -33.02
CA ARG A 75 0.67 -1.68 -34.02
C ARG A 75 0.71 -2.75 -35.12
N LYS A 76 -0.42 -3.32 -35.45
CA LYS A 76 -0.44 -4.38 -36.50
C LYS A 76 -1.47 -4.00 -37.58
N ASN A 77 -2.66 -3.64 -37.17
CA ASN A 77 -3.71 -3.27 -38.17
C ASN A 77 -4.17 -4.52 -38.91
N MET A 1 -19.30 1.69 -11.33
CA MET A 1 -18.74 0.35 -11.65
C MET A 1 -17.65 -0.01 -10.64
N ASP A 2 -18.04 -0.38 -9.44
CA ASP A 2 -17.03 -0.74 -8.41
C ASP A 2 -16.94 -2.27 -8.30
N ARG A 3 -15.77 -2.78 -8.04
CA ARG A 3 -15.61 -4.25 -7.91
C ARG A 3 -16.53 -4.77 -6.79
N PHE A 4 -16.41 -6.03 -6.46
CA PHE A 4 -17.27 -6.59 -5.38
C PHE A 4 -16.41 -7.41 -4.41
N HIS A 5 -15.11 -7.33 -4.56
CA HIS A 5 -14.22 -8.11 -3.65
C HIS A 5 -13.81 -7.23 -2.46
N ALA A 6 -13.90 -5.94 -2.62
CA ALA A 6 -13.52 -5.03 -1.49
C ALA A 6 -14.54 -5.17 -0.37
N THR A 7 -14.29 -6.05 0.57
CA THR A 7 -15.25 -6.23 1.69
C THR A 7 -14.52 -6.84 2.89
N SER A 8 -13.66 -7.81 2.64
CA SER A 8 -12.93 -8.45 3.77
C SER A 8 -12.38 -7.37 4.71
N ALA A 9 -12.15 -7.69 5.94
CA ALA A 9 -11.62 -6.69 6.90
C ALA A 9 -10.20 -6.29 6.49
N ASP A 10 -9.94 -5.01 6.41
CA ASP A 10 -8.57 -4.56 6.01
C ASP A 10 -8.31 -3.16 6.57
N CYS A 11 -9.02 -2.79 7.60
CA CYS A 11 -8.82 -1.44 8.20
C CYS A 11 -7.48 -1.40 8.92
N CYS A 12 -6.97 -0.22 9.18
CA CYS A 12 -5.66 -0.12 9.89
C CYS A 12 -5.87 0.42 11.31
N ILE A 13 -5.17 -0.12 12.26
CA ILE A 13 -5.33 0.34 13.67
C ILE A 13 -4.01 0.93 14.16
N SER A 14 -2.94 0.69 13.46
CA SER A 14 -1.63 1.23 13.89
C SER A 14 -0.78 1.57 12.65
N TYR A 15 -0.23 2.75 12.62
CA TYR A 15 0.60 3.14 11.44
C TYR A 15 2.08 2.98 11.79
N THR A 16 2.89 2.58 10.84
CA THR A 16 4.34 2.40 11.11
C THR A 16 4.95 3.76 11.47
N PRO A 17 5.45 3.88 12.68
CA PRO A 17 6.07 5.12 13.17
C PRO A 17 7.49 5.26 12.62
N ARG A 18 7.62 5.26 11.32
CA ARG A 18 8.98 5.42 10.71
C ARG A 18 8.84 5.75 9.22
N SER A 19 9.83 6.38 8.66
CA SER A 19 9.76 6.74 7.21
C SER A 19 10.38 5.61 6.38
N ILE A 20 9.56 4.80 5.77
CA ILE A 20 10.10 3.68 4.95
C ILE A 20 10.41 4.18 3.54
N PRO A 21 11.54 3.77 3.02
CA PRO A 21 11.99 4.16 1.67
C PRO A 21 11.27 3.32 0.60
N CYS A 22 11.20 3.81 -0.60
CA CYS A 22 10.51 3.03 -1.67
C CYS A 22 11.32 1.77 -1.98
N SER A 23 12.61 1.81 -1.77
CA SER A 23 13.45 0.61 -2.04
C SER A 23 12.90 -0.58 -1.26
N LEU A 24 12.24 -0.33 -0.17
CA LEU A 24 11.69 -1.47 0.64
C LEU A 24 10.19 -1.58 0.38
N LEU A 25 9.70 -0.92 -0.64
CA LEU A 25 8.26 -1.00 -0.95
C LEU A 25 8.06 -1.46 -2.40
N GLU A 26 7.12 -2.32 -2.64
CA GLU A 26 6.89 -2.81 -4.03
C GLU A 26 5.44 -2.52 -4.44
N SER A 27 4.63 -2.08 -3.52
CA SER A 27 3.21 -1.79 -3.87
C SER A 27 2.53 -1.09 -2.69
N TYR A 28 1.40 -0.48 -2.94
CA TYR A 28 0.69 0.22 -1.83
C TYR A 28 -0.71 0.62 -2.30
N PHE A 29 -1.58 0.98 -1.39
CA PHE A 29 -2.96 1.38 -1.79
C PHE A 29 -3.69 1.98 -0.59
N GLU A 30 -4.74 2.72 -0.84
CA GLU A 30 -5.50 3.33 0.27
C GLU A 30 -6.31 2.27 1.01
N THR A 31 -6.62 2.50 2.25
CA THR A 31 -7.41 1.50 3.02
C THR A 31 -8.86 1.51 2.54
N ASN A 32 -9.72 0.73 3.15
CA ASN A 32 -11.14 0.71 2.71
C ASN A 32 -11.86 1.93 3.30
N SER A 33 -12.54 2.68 2.47
CA SER A 33 -13.28 3.87 2.98
C SER A 33 -14.33 3.43 4.01
N GLU A 34 -14.66 2.17 4.01
CA GLU A 34 -15.68 1.67 4.98
C GLU A 34 -15.31 2.13 6.39
N CYS A 35 -14.04 2.24 6.68
CA CYS A 35 -13.62 2.69 8.03
C CYS A 35 -13.60 4.22 8.09
N SER A 36 -13.81 4.78 9.25
CA SER A 36 -13.80 6.26 9.35
C SER A 36 -12.35 6.75 9.42
N LYS A 37 -11.42 5.85 9.59
CA LYS A 37 -9.98 6.26 9.65
C LYS A 37 -9.24 5.68 8.45
N PRO A 38 -9.11 6.48 7.42
CA PRO A 38 -8.41 6.07 6.19
C PRO A 38 -6.89 6.12 6.38
N GLY A 39 -6.15 5.58 5.45
CA GLY A 39 -4.68 5.59 5.58
C GLY A 39 -4.06 4.98 4.32
N VAL A 40 -2.77 5.06 4.18
CA VAL A 40 -2.10 4.47 2.99
C VAL A 40 -1.40 3.18 3.37
N ILE A 41 -1.75 2.09 2.75
CA ILE A 41 -1.10 0.79 3.08
C ILE A 41 0.13 0.60 2.20
N PHE A 42 1.28 0.40 2.79
CA PHE A 42 2.51 0.20 1.98
C PHE A 42 2.98 -1.24 2.10
N LEU A 43 3.10 -1.94 1.00
CA LEU A 43 3.56 -3.35 1.06
C LEU A 43 5.04 -3.42 0.69
N THR A 44 5.78 -4.25 1.35
CA THR A 44 7.24 -4.37 1.03
C THR A 44 7.50 -5.66 0.27
N LYS A 45 8.69 -5.84 -0.23
CA LYS A 45 9.01 -7.09 -0.98
C LYS A 45 9.27 -8.23 0.00
N LYS A 46 9.09 -7.99 1.27
CA LYS A 46 9.33 -9.05 2.28
C LYS A 46 7.99 -9.52 2.86
N GLY A 47 6.95 -9.45 2.07
CA GLY A 47 5.61 -9.89 2.55
C GLY A 47 5.24 -9.07 3.79
N ARG A 48 5.69 -7.85 3.88
CA ARG A 48 5.35 -7.00 5.06
C ARG A 48 4.49 -5.83 4.61
N ARG A 49 3.43 -5.55 5.33
CA ARG A 49 2.54 -4.42 4.95
C ARG A 49 2.28 -3.54 6.17
N PHE A 50 2.05 -2.27 5.97
CA PHE A 50 1.78 -1.36 7.12
C PHE A 50 1.20 -0.04 6.60
N CYS A 51 0.26 0.52 7.30
CA CYS A 51 -0.35 1.80 6.85
C CYS A 51 0.61 2.96 7.14
N ALA A 52 0.50 4.02 6.41
CA ALA A 52 1.39 5.19 6.63
C ALA A 52 0.59 6.49 6.53
N ASN A 53 1.12 7.58 7.02
CA ASN A 53 0.36 8.86 6.95
C ASN A 53 0.41 9.39 5.51
N PRO A 54 -0.73 9.80 5.01
CA PRO A 54 -0.86 10.34 3.65
C PRO A 54 -0.30 11.77 3.59
N SER A 55 0.01 12.34 4.73
CA SER A 55 0.56 13.71 4.74
C SER A 55 2.09 13.64 4.75
N ASP A 56 2.64 12.47 4.84
CA ASP A 56 4.12 12.34 4.84
C ASP A 56 4.66 12.59 3.44
N LYS A 57 5.61 13.49 3.31
CA LYS A 57 6.17 13.78 1.97
C LYS A 57 6.78 12.50 1.37
N GLN A 58 7.48 11.75 2.16
CA GLN A 58 8.08 10.48 1.64
C GLN A 58 6.98 9.58 1.07
N VAL A 59 5.80 9.67 1.61
CA VAL A 59 4.69 8.81 1.10
C VAL A 59 4.25 9.34 -0.27
N GLN A 60 4.13 10.64 -0.41
CA GLN A 60 3.69 11.21 -1.71
C GLN A 60 4.80 10.99 -2.75
N VAL A 61 6.04 10.99 -2.32
CA VAL A 61 7.16 10.79 -3.27
C VAL A 61 7.22 9.31 -3.66
N CYS A 62 6.80 8.43 -2.79
CA CYS A 62 6.85 6.98 -3.11
C CYS A 62 5.73 6.64 -4.10
N MET A 63 4.57 7.22 -3.93
CA MET A 63 3.44 6.92 -4.85
C MET A 63 3.82 7.39 -6.26
N ARG A 64 4.74 8.30 -6.37
CA ARG A 64 5.14 8.79 -7.72
C ARG A 64 6.07 7.77 -8.38
N MET A 65 6.80 7.03 -7.59
CA MET A 65 7.73 6.02 -8.17
C MET A 65 7.01 4.67 -8.28
N LEU A 66 6.35 4.26 -7.23
CA LEU A 66 5.63 2.95 -7.27
C LEU A 66 4.36 3.10 -8.12
N LYS A 67 4.52 3.35 -9.39
CA LYS A 67 3.32 3.51 -10.27
C LYS A 67 2.61 2.16 -10.40
N LEU A 68 1.60 2.09 -11.22
CA LEU A 68 0.85 0.81 -11.38
C LEU A 68 1.56 -0.04 -12.44
N ASP A 69 2.46 -0.90 -12.03
CA ASP A 69 3.18 -1.76 -13.01
C ASP A 69 2.16 -2.52 -13.85
N THR A 70 1.84 -3.72 -13.47
CA THR A 70 0.84 -4.52 -14.27
C THR A 70 0.78 -5.95 -13.73
N ARG A 71 0.73 -6.10 -12.43
CA ARG A 71 0.67 -7.48 -11.85
C ARG A 71 -0.75 -8.04 -12.04
N ILE A 72 -1.15 -8.21 -13.27
CA ILE A 72 -2.52 -8.78 -13.52
C ILE A 72 -2.39 -10.06 -14.35
N LYS A 73 -1.44 -10.89 -14.03
CA LYS A 73 -1.27 -12.15 -14.79
C LYS A 73 -1.52 -13.35 -13.86
N THR A 74 -2.24 -13.14 -12.80
CA THR A 74 -2.51 -14.27 -11.86
C THR A 74 -1.22 -14.64 -11.12
N ARG A 75 -0.22 -15.07 -11.84
CA ARG A 75 1.06 -15.44 -11.19
C ARG A 75 2.08 -15.83 -12.25
N LYS A 76 3.32 -15.45 -12.07
CA LYS A 76 4.37 -15.80 -13.07
C LYS A 76 5.74 -15.44 -12.51
N ASN A 77 5.83 -14.36 -11.76
CA ASN A 77 7.14 -13.97 -11.19
C ASN A 77 6.92 -13.36 -9.80
N MET A 1 -16.18 -11.06 11.78
CA MET A 1 -15.97 -12.14 10.77
C MET A 1 -14.67 -12.88 11.08
N ASP A 2 -14.25 -12.87 12.32
CA ASP A 2 -13.00 -13.58 12.69
C ASP A 2 -11.81 -12.89 12.02
N ARG A 3 -11.90 -11.61 11.79
CA ARG A 3 -10.78 -10.88 11.14
C ARG A 3 -9.75 -10.49 12.20
N PHE A 4 -8.61 -11.13 12.20
CA PHE A 4 -7.57 -10.78 13.21
C PHE A 4 -6.47 -9.96 12.55
N HIS A 5 -5.98 -8.96 13.22
CA HIS A 5 -4.91 -8.10 12.62
C HIS A 5 -3.57 -8.42 13.30
N ALA A 6 -2.63 -8.94 12.57
CA ALA A 6 -1.31 -9.26 13.17
C ALA A 6 -0.75 -8.02 13.87
N THR A 7 -1.16 -6.86 13.45
CA THR A 7 -0.65 -5.61 14.09
C THR A 7 -1.67 -5.13 15.12
N SER A 8 -1.23 -4.34 16.08
CA SER A 8 -2.18 -3.83 17.11
C SER A 8 -2.96 -2.64 16.55
N ALA A 9 -2.27 -1.69 16.00
CA ALA A 9 -2.97 -0.50 15.43
C ALA A 9 -3.18 -0.70 13.93
N ASP A 10 -3.91 0.18 13.30
CA ASP A 10 -4.16 0.03 11.84
C ASP A 10 -4.25 1.42 11.20
N CYS A 11 -4.95 2.33 11.82
CA CYS A 11 -5.08 3.69 11.25
C CYS A 11 -3.75 4.42 11.38
N CYS A 12 -3.41 5.24 10.43
CA CYS A 12 -2.12 5.99 10.50
C CYS A 12 -2.38 7.43 10.96
N ILE A 13 -1.49 7.98 11.73
CA ILE A 13 -1.68 9.38 12.21
C ILE A 13 -0.65 10.28 11.53
N SER A 14 0.35 9.70 10.92
CA SER A 14 1.39 10.53 10.23
C SER A 14 2.05 9.69 9.13
N TYR A 15 1.85 10.05 7.89
CA TYR A 15 2.46 9.27 6.79
C TYR A 15 3.93 9.68 6.63
N THR A 16 4.63 9.04 5.72
CA THR A 16 6.06 9.40 5.52
C THR A 16 6.16 10.59 4.56
N PRO A 17 6.78 11.65 5.02
CA PRO A 17 6.96 12.87 4.21
C PRO A 17 8.11 12.68 3.21
N ARG A 18 7.88 11.92 2.18
CA ARG A 18 8.96 11.69 1.17
C ARG A 18 8.33 11.20 -0.14
N SER A 19 9.00 11.43 -1.23
CA SER A 19 8.45 10.97 -2.55
C SER A 19 9.03 9.60 -2.88
N ILE A 20 8.46 8.56 -2.33
CA ILE A 20 8.98 7.19 -2.61
C ILE A 20 8.42 6.71 -3.96
N PRO A 21 9.29 6.19 -4.79
CA PRO A 21 8.92 5.67 -6.12
C PRO A 21 8.28 4.30 -6.00
N CYS A 22 7.45 3.94 -6.93
CA CYS A 22 6.80 2.60 -6.88
C CYS A 22 7.85 1.51 -7.08
N SER A 23 8.90 1.82 -7.79
CA SER A 23 9.97 0.80 -8.02
C SER A 23 10.34 0.14 -6.69
N LEU A 24 10.18 0.84 -5.60
CA LEU A 24 10.52 0.25 -4.28
C LEU A 24 9.24 -0.21 -3.59
N LEU A 25 8.16 -0.31 -4.30
CA LEU A 25 6.89 -0.75 -3.68
C LEU A 25 6.34 -1.96 -4.44
N GLU A 26 6.02 -3.01 -3.73
CA GLU A 26 5.48 -4.22 -4.42
C GLU A 26 3.95 -4.17 -4.41
N SER A 27 3.37 -3.52 -3.44
CA SER A 27 1.89 -3.43 -3.37
C SER A 27 1.47 -2.44 -2.29
N TYR A 28 0.20 -2.16 -2.17
CA TYR A 28 -0.27 -1.20 -1.13
C TYR A 28 -1.75 -1.42 -0.88
N PHE A 29 -2.26 -0.94 0.22
CA PHE A 29 -3.70 -1.12 0.55
C PHE A 29 -4.21 0.08 1.33
N GLU A 30 -5.51 0.20 1.48
CA GLU A 30 -6.06 1.35 2.24
C GLU A 30 -6.37 0.91 3.68
N THR A 31 -6.67 1.85 4.53
CA THR A 31 -6.98 1.49 5.94
C THR A 31 -8.49 1.46 6.15
N ASN A 32 -8.94 1.15 7.35
CA ASN A 32 -10.39 1.11 7.61
C ASN A 32 -10.97 2.53 7.57
N SER A 33 -11.67 2.87 6.53
CA SER A 33 -12.25 4.24 6.43
C SER A 33 -12.93 4.59 7.76
N GLU A 34 -13.34 3.61 8.51
CA GLU A 34 -14.01 3.89 9.81
C GLU A 34 -13.23 4.97 10.56
N CYS A 35 -11.94 4.89 10.54
CA CYS A 35 -11.11 5.91 11.26
C CYS A 35 -11.34 7.28 10.62
N SER A 36 -11.65 8.27 11.42
CA SER A 36 -11.89 9.63 10.86
C SER A 36 -10.70 10.03 9.99
N LYS A 37 -9.53 9.57 10.30
CA LYS A 37 -8.33 9.93 9.49
C LYS A 37 -7.71 8.66 8.90
N PRO A 38 -8.28 8.21 7.80
CA PRO A 38 -7.81 7.00 7.10
C PRO A 38 -6.55 7.32 6.30
N GLY A 39 -6.07 6.37 5.52
CA GLY A 39 -4.85 6.61 4.72
C GLY A 39 -4.51 5.33 3.93
N VAL A 40 -3.47 5.39 3.14
CA VAL A 40 -3.08 4.20 2.35
C VAL A 40 -1.70 3.70 2.81
N ILE A 41 -1.51 2.41 2.86
CA ILE A 41 -0.19 1.87 3.30
C ILE A 41 0.52 1.22 2.10
N PHE A 42 1.79 1.48 1.95
CA PHE A 42 2.54 0.88 0.81
C PHE A 42 3.62 -0.06 1.35
N LEU A 43 3.71 -1.25 0.81
CA LEU A 43 4.75 -2.21 1.29
C LEU A 43 5.92 -2.22 0.31
N THR A 44 7.13 -2.20 0.79
CA THR A 44 8.30 -2.22 -0.12
C THR A 44 8.92 -3.62 -0.13
N LYS A 45 9.87 -3.86 -0.99
CA LYS A 45 10.50 -5.20 -1.05
C LYS A 45 11.54 -5.33 0.07
N LYS A 46 11.63 -4.34 0.92
CA LYS A 46 12.62 -4.41 2.03
C LYS A 46 11.89 -4.78 3.33
N GLY A 47 10.79 -5.47 3.23
CA GLY A 47 10.03 -5.85 4.44
C GLY A 47 9.66 -4.61 5.24
N ARG A 48 9.49 -3.49 4.57
CA ARG A 48 9.13 -2.24 5.29
C ARG A 48 7.72 -1.82 4.90
N ARG A 49 7.08 -0.99 5.68
CA ARG A 49 5.70 -0.55 5.34
C ARG A 49 5.47 0.87 5.89
N PHE A 50 4.91 1.73 5.08
CA PHE A 50 4.66 3.12 5.55
C PHE A 50 3.32 3.61 4.99
N CYS A 51 2.74 4.61 5.59
CA CYS A 51 1.43 5.12 5.10
C CYS A 51 1.67 6.29 4.15
N ALA A 52 0.72 6.58 3.30
CA ALA A 52 0.88 7.71 2.34
C ALA A 52 -0.46 8.45 2.20
N ASN A 53 -0.42 9.69 1.81
CA ASN A 53 -1.69 10.46 1.65
C ASN A 53 -2.33 10.12 0.30
N PRO A 54 -3.63 9.97 0.32
CA PRO A 54 -4.41 9.64 -0.90
C PRO A 54 -4.56 10.87 -1.79
N SER A 55 -4.04 11.99 -1.36
CA SER A 55 -4.15 13.22 -2.19
C SER A 55 -2.80 13.51 -2.84
N ASP A 56 -1.79 12.73 -2.52
CA ASP A 56 -0.44 12.98 -3.12
C ASP A 56 -0.45 12.50 -4.57
N LYS A 57 0.11 13.27 -5.46
CA LYS A 57 0.13 12.85 -6.89
C LYS A 57 0.96 11.58 -7.04
N GLN A 58 1.99 11.44 -6.26
CA GLN A 58 2.84 10.21 -6.35
C GLN A 58 2.01 8.99 -5.93
N VAL A 59 1.05 9.18 -5.07
CA VAL A 59 0.20 8.03 -4.63
C VAL A 59 -0.78 7.68 -5.75
N GLN A 60 -1.38 8.66 -6.35
CA GLN A 60 -2.35 8.39 -7.44
C GLN A 60 -1.62 7.75 -8.62
N VAL A 61 -0.39 8.12 -8.84
CA VAL A 61 0.38 7.54 -9.97
C VAL A 61 0.81 6.11 -9.62
N CYS A 62 1.01 5.84 -8.35
CA CYS A 62 1.43 4.46 -7.94
C CYS A 62 0.24 3.52 -8.01
N MET A 63 -0.94 3.99 -7.68
CA MET A 63 -2.14 3.10 -7.74
C MET A 63 -2.41 2.70 -9.18
N ARG A 64 -1.96 3.48 -10.13
CA ARG A 64 -2.20 3.14 -11.56
C ARG A 64 -1.15 2.13 -12.02
N MET A 65 0.07 2.28 -11.59
CA MET A 65 1.13 1.33 -12.01
C MET A 65 0.98 0.02 -11.24
N LEU A 66 0.61 0.10 -9.99
CA LEU A 66 0.45 -1.14 -9.18
C LEU A 66 -0.82 -1.87 -9.62
N LYS A 67 -1.58 -1.29 -10.51
CA LYS A 67 -2.84 -1.95 -10.97
C LYS A 67 -2.49 -3.24 -11.72
N LEU A 68 -3.47 -4.02 -12.06
CA LEU A 68 -3.20 -5.29 -12.79
C LEU A 68 -2.77 -4.98 -14.22
N ASP A 69 -1.53 -4.64 -14.41
CA ASP A 69 -1.05 -4.32 -15.79
C ASP A 69 -0.99 -5.60 -16.62
N THR A 70 -1.23 -6.72 -16.01
CA THR A 70 -1.19 -8.01 -16.77
C THR A 70 0.18 -8.16 -17.43
N ARG A 71 1.06 -8.91 -16.83
CA ARG A 71 2.41 -9.10 -17.43
C ARG A 71 2.58 -10.56 -17.85
N ILE A 72 1.51 -11.22 -18.21
CA ILE A 72 1.61 -12.64 -18.62
C ILE A 72 2.29 -13.45 -17.51
N LYS A 73 1.54 -13.86 -16.53
CA LYS A 73 2.15 -14.65 -15.42
C LYS A 73 1.46 -16.01 -15.33
N THR A 74 2.12 -16.98 -14.74
CA THR A 74 1.50 -18.33 -14.62
C THR A 74 1.21 -18.63 -13.16
N ARG A 75 0.40 -19.63 -12.89
CA ARG A 75 0.08 -19.97 -11.48
C ARG A 75 -0.14 -21.48 -11.36
N LYS A 76 -0.26 -21.98 -10.16
CA LYS A 76 -0.49 -23.44 -9.97
C LYS A 76 -1.05 -23.70 -8.58
N ASN A 77 -0.33 -23.30 -7.56
CA ASN A 77 -0.82 -23.52 -6.17
C ASN A 77 -0.89 -25.03 -5.89
N MET A 1 -15.52 4.18 27.90
CA MET A 1 -14.48 4.44 28.93
C MET A 1 -13.49 3.28 28.97
N ASP A 2 -13.85 2.16 28.38
CA ASP A 2 -12.93 0.99 28.38
C ASP A 2 -11.79 1.24 27.40
N ARG A 3 -10.60 0.83 27.76
CA ARG A 3 -9.43 1.04 26.85
C ARG A 3 -9.70 0.33 25.52
N PHE A 4 -10.43 -0.75 25.54
CA PHE A 4 -10.72 -1.48 24.27
C PHE A 4 -11.52 -0.58 23.33
N HIS A 5 -10.86 0.31 22.64
CA HIS A 5 -11.58 1.22 21.71
C HIS A 5 -11.40 0.73 20.28
N ALA A 6 -12.12 1.31 19.35
CA ALA A 6 -11.98 0.88 17.93
C ALA A 6 -11.01 1.81 17.20
N THR A 7 -9.79 1.41 17.05
CA THR A 7 -8.80 2.28 16.35
C THR A 7 -8.48 1.69 14.98
N SER A 8 -9.37 0.92 14.43
CA SER A 8 -9.11 0.31 13.09
C SER A 8 -9.88 1.09 12.02
N ALA A 9 -9.91 2.39 12.14
CA ALA A 9 -10.65 3.21 11.12
C ALA A 9 -9.82 3.28 9.84
N ASP A 10 -9.97 2.32 8.98
CA ASP A 10 -9.19 2.33 7.71
C ASP A 10 -10.07 1.82 6.57
N CYS A 11 -11.16 2.50 6.29
CA CYS A 11 -12.05 2.05 5.19
C CYS A 11 -11.89 2.98 3.99
N CYS A 12 -11.85 2.44 2.80
CA CYS A 12 -11.70 3.30 1.59
C CYS A 12 -13.08 3.71 1.08
N ILE A 13 -13.37 4.99 1.06
CA ILE A 13 -14.69 5.45 0.57
C ILE A 13 -14.60 5.77 -0.92
N SER A 14 -13.54 6.40 -1.34
CA SER A 14 -13.39 6.75 -2.78
C SER A 14 -11.90 6.68 -3.17
N TYR A 15 -11.61 6.19 -4.34
CA TYR A 15 -10.20 6.08 -4.77
C TYR A 15 -9.83 7.31 -5.61
N THR A 16 -8.55 7.56 -5.78
CA THR A 16 -8.14 8.74 -6.59
C THR A 16 -8.22 8.39 -8.08
N PRO A 17 -8.89 9.24 -8.84
CA PRO A 17 -9.04 9.04 -10.29
C PRO A 17 -7.77 9.45 -11.02
N ARG A 18 -6.65 8.87 -10.68
CA ARG A 18 -5.38 9.24 -11.37
C ARG A 18 -4.39 8.08 -11.25
N SER A 19 -3.94 7.55 -12.35
CA SER A 19 -2.97 6.42 -12.31
C SER A 19 -1.61 6.96 -11.86
N ILE A 20 -1.40 7.08 -10.57
CA ILE A 20 -0.10 7.59 -10.08
C ILE A 20 0.99 6.52 -10.29
N PRO A 21 2.14 6.95 -10.75
CA PRO A 21 3.28 6.05 -11.00
C PRO A 21 3.99 5.70 -9.69
N CYS A 22 4.78 4.67 -9.70
CA CYS A 22 5.51 4.29 -8.45
C CYS A 22 6.48 5.40 -8.06
N SER A 23 6.89 6.19 -9.02
CA SER A 23 7.84 7.30 -8.70
C SER A 23 7.26 8.19 -7.60
N LEU A 24 5.96 8.30 -7.54
CA LEU A 24 5.33 9.14 -6.49
C LEU A 24 4.76 8.25 -5.38
N LEU A 25 5.32 7.08 -5.21
CA LEU A 25 4.81 6.17 -4.14
C LEU A 25 5.97 5.77 -3.22
N GLU A 26 5.85 6.05 -1.96
CA GLU A 26 6.94 5.70 -1.01
C GLU A 26 6.59 4.37 -0.32
N SER A 27 5.35 3.98 -0.36
CA SER A 27 4.95 2.70 0.30
C SER A 27 3.44 2.48 0.09
N TYR A 28 2.92 1.40 0.59
CA TYR A 28 1.47 1.12 0.41
C TYR A 28 1.02 0.07 1.42
N PHE A 29 -0.25 0.00 1.70
CA PHE A 29 -0.76 -1.01 2.67
C PHE A 29 -2.16 -1.46 2.26
N GLU A 30 -2.65 -2.51 2.84
CA GLU A 30 -4.01 -3.01 2.47
C GLU A 30 -5.01 -2.61 3.57
N THR A 31 -6.19 -2.22 3.18
CA THR A 31 -7.21 -1.82 4.21
C THR A 31 -7.63 -3.05 5.00
N ASN A 32 -8.19 -2.86 6.16
CA ASN A 32 -8.62 -4.02 6.98
C ASN A 32 -9.87 -4.65 6.35
N SER A 33 -9.95 -5.96 6.35
CA SER A 33 -11.12 -6.64 5.75
C SER A 33 -12.39 -6.20 6.48
N GLU A 34 -12.26 -5.75 7.71
CA GLU A 34 -13.45 -5.32 8.47
C GLU A 34 -14.22 -4.26 7.67
N CYS A 35 -13.51 -3.42 6.95
CA CYS A 35 -14.19 -2.36 6.16
C CYS A 35 -14.98 -3.02 5.02
N SER A 36 -16.19 -2.58 4.79
CA SER A 36 -17.00 -3.17 3.70
C SER A 36 -16.38 -2.81 2.35
N LYS A 37 -15.63 -1.75 2.29
CA LYS A 37 -14.99 -1.35 1.01
C LYS A 37 -13.47 -1.50 1.12
N PRO A 38 -12.98 -2.66 0.76
CA PRO A 38 -11.54 -2.96 0.80
C PRO A 38 -10.82 -2.33 -0.38
N GLY A 39 -9.51 -2.30 -0.35
CA GLY A 39 -8.76 -1.70 -1.47
C GLY A 39 -7.28 -1.54 -1.07
N VAL A 40 -6.50 -0.92 -1.90
CA VAL A 40 -5.06 -0.74 -1.56
C VAL A 40 -4.75 0.75 -1.39
N ILE A 41 -4.11 1.11 -0.32
CA ILE A 41 -3.78 2.55 -0.09
C ILE A 41 -2.30 2.79 -0.36
N PHE A 42 -1.99 3.69 -1.25
CA PHE A 42 -0.55 3.96 -1.56
C PHE A 42 -0.12 5.25 -0.85
N LEU A 43 1.01 5.24 -0.22
CA LEU A 43 1.49 6.47 0.48
C LEU A 43 2.59 7.13 -0.34
N THR A 44 2.47 8.40 -0.60
CA THR A 44 3.50 9.11 -1.41
C THR A 44 4.53 9.74 -0.48
N LYS A 45 5.63 10.20 -1.00
CA LYS A 45 6.67 10.83 -0.15
C LYS A 45 6.20 12.21 0.29
N LYS A 46 5.05 12.63 -0.15
CA LYS A 46 4.53 13.97 0.25
C LYS A 46 3.62 13.81 1.47
N GLY A 47 3.79 12.75 2.20
CA GLY A 47 2.93 12.54 3.40
C GLY A 47 1.47 12.49 2.98
N ARG A 48 1.19 11.92 1.83
CA ARG A 48 -0.22 11.84 1.36
C ARG A 48 -0.52 10.41 0.92
N ARG A 49 -1.72 9.95 1.13
CA ARG A 49 -2.07 8.57 0.71
C ARG A 49 -3.42 8.58 -0.02
N PHE A 50 -3.70 7.57 -0.80
CA PHE A 50 -4.99 7.54 -1.54
C PHE A 50 -5.41 6.08 -1.77
N CYS A 51 -6.69 5.84 -1.89
CA CYS A 51 -7.16 4.46 -2.12
C CYS A 51 -7.09 4.12 -3.60
N ALA A 52 -6.90 2.87 -3.93
CA ALA A 52 -6.82 2.48 -5.37
C ALA A 52 -7.47 1.12 -5.57
N ASN A 53 -7.78 0.77 -6.79
CA ASN A 53 -8.42 -0.55 -7.04
C ASN A 53 -7.33 -1.62 -7.22
N PRO A 54 -7.48 -2.72 -6.52
CA PRO A 54 -6.52 -3.83 -6.59
C PRO A 54 -6.71 -4.61 -7.88
N SER A 55 -7.66 -4.23 -8.69
CA SER A 55 -7.88 -4.95 -9.97
C SER A 55 -7.07 -4.27 -11.09
N ASP A 56 -6.50 -3.13 -10.80
CA ASP A 56 -5.70 -2.43 -11.83
C ASP A 56 -4.34 -3.12 -11.99
N LYS A 57 -3.96 -3.44 -13.19
CA LYS A 57 -2.65 -4.12 -13.40
C LYS A 57 -1.51 -3.20 -12.91
N GLN A 58 -1.59 -1.94 -13.22
CA GLN A 58 -0.51 -1.00 -12.78
C GLN A 58 -0.54 -0.89 -11.25
N VAL A 59 -1.66 -1.16 -10.64
CA VAL A 59 -1.74 -1.07 -9.15
C VAL A 59 -1.16 -2.34 -8.54
N GLN A 60 -1.44 -3.48 -9.11
CA GLN A 60 -0.90 -4.75 -8.56
C GLN A 60 0.56 -4.91 -8.99
N VAL A 61 0.91 -4.38 -10.13
CA VAL A 61 2.32 -4.51 -10.59
C VAL A 61 3.22 -3.58 -9.77
N CYS A 62 2.75 -2.39 -9.48
CA CYS A 62 3.57 -1.44 -8.68
C CYS A 62 3.67 -1.95 -7.24
N MET A 63 2.61 -2.52 -6.73
CA MET A 63 2.65 -3.02 -5.32
C MET A 63 3.78 -4.04 -5.18
N ARG A 64 4.23 -4.60 -6.27
CA ARG A 64 5.34 -5.59 -6.20
C ARG A 64 6.68 -4.87 -6.16
N MET A 65 6.71 -3.65 -6.62
CA MET A 65 7.99 -2.89 -6.62
C MET A 65 8.14 -2.15 -5.28
N LEU A 66 7.06 -1.65 -4.75
CA LEU A 66 7.13 -0.91 -3.47
C LEU A 66 7.84 -1.78 -2.43
N LYS A 67 7.73 -3.07 -2.54
CA LYS A 67 8.41 -3.97 -1.56
C LYS A 67 9.91 -3.68 -1.57
N LEU A 68 10.67 -4.40 -0.77
CA LEU A 68 12.14 -4.18 -0.73
C LEU A 68 12.77 -4.79 -1.98
N ASP A 69 13.27 -3.97 -2.87
CA ASP A 69 13.90 -4.51 -4.10
C ASP A 69 15.35 -4.89 -3.80
N THR A 70 15.55 -5.88 -2.98
CA THR A 70 16.94 -6.31 -2.65
C THR A 70 17.00 -7.83 -2.54
N ARG A 71 18.16 -8.40 -2.55
CA ARG A 71 18.27 -9.88 -2.43
C ARG A 71 19.73 -10.27 -2.15
N ILE A 72 19.94 -11.46 -1.65
CA ILE A 72 21.33 -11.90 -1.34
C ILE A 72 21.52 -13.34 -1.83
N LYS A 73 21.50 -13.54 -3.13
CA LYS A 73 21.67 -14.92 -3.67
C LYS A 73 23.07 -15.42 -3.33
N THR A 74 23.42 -16.57 -3.84
CA THR A 74 24.78 -17.13 -3.55
C THR A 74 24.84 -18.58 -4.03
N ARG A 75 26.02 -19.09 -4.28
CA ARG A 75 26.14 -20.50 -4.75
C ARG A 75 26.97 -21.31 -3.74
N LYS A 76 28.13 -20.82 -3.39
CA LYS A 76 28.97 -21.55 -2.41
C LYS A 76 30.09 -20.64 -1.91
N ASN A 77 29.75 -19.45 -1.51
CA ASN A 77 30.78 -18.50 -0.99
C ASN A 77 31.17 -18.90 0.43
N MET A 1 22.44 2.48 -10.64
CA MET A 1 21.05 2.51 -10.09
C MET A 1 20.71 3.93 -9.63
N ASP A 2 19.76 4.05 -8.73
CA ASP A 2 19.39 5.41 -8.25
C ASP A 2 20.10 5.69 -6.92
N ARG A 3 20.41 6.94 -6.66
CA ARG A 3 21.10 7.27 -5.38
C ARG A 3 20.19 6.93 -4.20
N PHE A 4 20.56 7.32 -3.02
CA PHE A 4 19.70 7.02 -1.83
C PHE A 4 19.38 8.32 -1.09
N HIS A 5 18.70 9.22 -1.74
CA HIS A 5 18.35 10.51 -1.07
C HIS A 5 17.07 10.32 -0.26
N ALA A 6 16.53 11.39 0.28
CA ALA A 6 15.29 11.27 1.09
C ALA A 6 14.08 11.66 0.23
N THR A 7 12.89 11.46 0.73
CA THR A 7 11.68 11.83 -0.06
C THR A 7 11.06 13.08 0.54
N SER A 8 9.79 13.31 0.27
CA SER A 8 9.12 14.52 0.82
C SER A 8 8.27 14.12 2.03
N ALA A 9 7.73 12.94 2.02
CA ALA A 9 6.89 12.49 3.17
C ALA A 9 7.76 11.78 4.21
N ASP A 10 7.16 11.17 5.18
CA ASP A 10 7.95 10.45 6.22
C ASP A 10 7.43 9.02 6.34
N CYS A 11 7.33 8.50 7.54
CA CYS A 11 6.84 7.11 7.72
C CYS A 11 5.43 7.15 8.32
N CYS A 12 4.88 6.01 8.63
CA CYS A 12 3.52 5.98 9.23
C CYS A 12 3.64 5.99 10.76
N ILE A 13 2.97 6.90 11.42
CA ILE A 13 3.05 6.96 12.90
C ILE A 13 1.81 6.27 13.50
N SER A 14 0.78 6.12 12.72
CA SER A 14 -0.45 5.46 13.26
C SER A 14 -1.14 4.68 12.13
N TYR A 15 -1.95 3.72 12.47
CA TYR A 15 -2.64 2.92 11.42
C TYR A 15 -4.15 3.18 11.49
N THR A 16 -4.85 2.95 10.42
CA THR A 16 -6.33 3.18 10.42
C THR A 16 -7.02 2.03 11.17
N PRO A 17 -7.65 2.35 12.26
CA PRO A 17 -8.36 1.35 13.09
C PRO A 17 -9.71 1.00 12.45
N ARG A 18 -9.69 0.48 11.25
CA ARG A 18 -10.98 0.12 10.57
C ARG A 18 -10.71 -0.97 9.54
N SER A 19 -11.63 -1.90 9.39
CA SER A 19 -11.43 -2.99 8.39
C SER A 19 -12.00 -2.55 7.04
N ILE A 20 -11.19 -1.94 6.21
CA ILE A 20 -11.69 -1.50 4.89
C ILE A 20 -11.57 -2.65 3.88
N PRO A 21 -12.59 -2.82 3.07
CA PRO A 21 -12.63 -3.87 2.05
C PRO A 21 -11.79 -3.46 0.83
N CYS A 22 -11.17 -4.41 0.19
CA CYS A 22 -10.35 -4.07 -1.01
C CYS A 22 -11.21 -3.35 -2.04
N SER A 23 -12.47 -3.68 -2.10
CA SER A 23 -13.38 -3.01 -3.08
C SER A 23 -13.24 -1.50 -2.96
N LEU A 24 -12.89 -1.01 -1.79
CA LEU A 24 -12.75 0.45 -1.61
C LEU A 24 -11.27 0.83 -1.73
N LEU A 25 -10.47 -0.03 -2.30
CA LEU A 25 -9.02 0.29 -2.44
C LEU A 25 -8.62 0.17 -3.91
N GLU A 26 -7.72 1.00 -4.36
CA GLU A 26 -7.28 0.93 -5.78
C GLU A 26 -5.82 0.49 -5.84
N SER A 27 -5.04 0.84 -4.85
CA SER A 27 -3.61 0.44 -4.86
C SER A 27 -3.00 0.67 -3.46
N TYR A 28 -1.75 0.35 -3.29
CA TYR A 28 -1.11 0.56 -1.96
C TYR A 28 0.41 0.42 -2.10
N PHE A 29 1.15 0.80 -1.09
CA PHE A 29 2.63 0.70 -1.17
C PHE A 29 3.21 0.58 0.23
N GLU A 30 4.50 0.40 0.34
CA GLU A 30 5.13 0.28 1.69
C GLU A 30 5.90 1.56 2.00
N THR A 31 5.94 1.95 3.25
CA THR A 31 6.68 3.18 3.62
C THR A 31 8.18 2.92 3.56
N ASN A 32 8.97 3.88 4.00
CA ASN A 32 10.45 3.68 3.97
C ASN A 32 10.85 2.64 5.01
N SER A 33 11.45 1.57 4.59
CA SER A 33 11.87 0.51 5.56
C SER A 33 12.92 1.07 6.51
N GLU A 34 13.52 2.17 6.15
CA GLU A 34 14.57 2.78 7.03
C GLU A 34 13.96 3.05 8.41
N CYS A 35 12.67 3.26 8.47
CA CYS A 35 12.02 3.52 9.79
C CYS A 35 11.96 2.23 10.60
N SER A 36 11.98 2.34 11.90
CA SER A 36 11.92 1.11 12.74
C SER A 36 10.51 0.53 12.70
N LYS A 37 9.50 1.36 12.69
CA LYS A 37 8.11 0.85 12.64
C LYS A 37 7.44 1.29 11.33
N PRO A 38 7.70 0.55 10.28
CA PRO A 38 7.15 0.83 8.94
C PRO A 38 5.70 0.37 8.86
N GLY A 39 5.14 0.35 7.68
CA GLY A 39 3.73 -0.09 7.53
C GLY A 39 3.34 -0.03 6.05
N VAL A 40 2.10 -0.32 5.74
CA VAL A 40 1.67 -0.29 4.31
C VAL A 40 0.58 0.78 4.13
N ILE A 41 0.67 1.56 3.09
CA ILE A 41 -0.35 2.62 2.86
C ILE A 41 -1.34 2.14 1.80
N PHE A 42 -2.62 2.21 2.09
CA PHE A 42 -3.63 1.76 1.09
C PHE A 42 -4.36 2.97 0.51
N LEU A 43 -4.35 3.12 -0.78
CA LEU A 43 -5.03 4.28 -1.41
C LEU A 43 -6.41 3.84 -1.91
N THR A 44 -7.43 4.60 -1.60
CA THR A 44 -8.80 4.23 -2.06
C THR A 44 -9.10 4.95 -3.39
N LYS A 45 -10.23 4.65 -3.97
CA LYS A 45 -10.59 5.31 -5.27
C LYS A 45 -11.08 6.73 -5.00
N LYS A 46 -11.07 7.15 -3.77
CA LYS A 46 -11.53 8.53 -3.44
C LYS A 46 -10.32 9.42 -3.16
N GLY A 47 -9.20 9.10 -3.74
CA GLY A 47 -7.98 9.92 -3.52
C GLY A 47 -7.66 9.93 -2.02
N ARG A 48 -7.87 8.83 -1.35
CA ARG A 48 -7.56 8.78 0.12
C ARG A 48 -6.50 7.71 0.38
N ARG A 49 -5.71 7.90 1.39
CA ARG A 49 -4.64 6.90 1.71
C ARG A 49 -4.48 6.78 3.22
N PHE A 50 -4.31 5.58 3.71
CA PHE A 50 -4.15 5.40 5.18
C PHE A 50 -3.18 4.24 5.45
N CYS A 51 -2.45 4.30 6.53
CA CYS A 51 -1.50 3.21 6.84
C CYS A 51 -2.26 1.95 7.23
N ALA A 52 -1.66 0.80 7.07
CA ALA A 52 -2.36 -0.47 7.42
C ALA A 52 -1.34 -1.45 8.01
N ASN A 53 -1.81 -2.52 8.61
CA ASN A 53 -0.87 -3.51 9.20
C ASN A 53 -0.52 -4.57 8.15
N PRO A 54 0.76 -4.86 8.01
CA PRO A 54 1.24 -5.86 7.06
C PRO A 54 0.97 -7.26 7.58
N SER A 55 0.59 -7.37 8.82
CA SER A 55 0.30 -8.72 9.40
C SER A 55 -1.19 -9.03 9.25
N ASP A 56 -1.96 -8.08 8.77
CA ASP A 56 -3.42 -8.32 8.60
C ASP A 56 -3.64 -9.31 7.45
N LYS A 57 -4.40 -10.35 7.69
CA LYS A 57 -4.65 -11.34 6.61
C LYS A 57 -5.27 -10.63 5.40
N GLN A 58 -6.29 -9.85 5.61
CA GLN A 58 -6.93 -9.13 4.47
C GLN A 58 -5.87 -8.31 3.74
N VAL A 59 -4.83 -7.90 4.42
CA VAL A 59 -3.77 -7.09 3.76
C VAL A 59 -2.89 -8.01 2.92
N GLN A 60 -2.47 -9.11 3.47
CA GLN A 60 -1.60 -10.04 2.70
C GLN A 60 -2.44 -10.76 1.63
N VAL A 61 -3.70 -10.93 1.86
CA VAL A 61 -4.56 -11.62 0.86
C VAL A 61 -4.81 -10.67 -0.32
N CYS A 62 -4.94 -9.40 -0.06
CA CYS A 62 -5.18 -8.43 -1.16
C CYS A 62 -3.87 -8.17 -1.90
N MET A 63 -2.76 -8.26 -1.21
CA MET A 63 -1.45 -8.03 -1.88
C MET A 63 -1.38 -8.84 -3.17
N ARG A 64 -1.78 -10.08 -3.12
CA ARG A 64 -1.74 -10.93 -4.36
C ARG A 64 -2.73 -10.37 -5.38
N MET A 65 -3.92 -10.05 -4.95
CA MET A 65 -4.93 -9.50 -5.90
C MET A 65 -4.39 -8.22 -6.53
N LEU A 66 -4.07 -7.24 -5.73
CA LEU A 66 -3.54 -5.96 -6.28
C LEU A 66 -2.13 -6.18 -6.82
N LYS A 67 -2.01 -6.64 -8.04
CA LYS A 67 -0.65 -6.87 -8.61
C LYS A 67 0.15 -5.57 -8.57
N LEU A 68 1.44 -5.66 -8.43
CA LEU A 68 2.27 -4.43 -8.37
C LEU A 68 2.36 -3.79 -9.76
N ASP A 69 2.22 -2.50 -9.84
CA ASP A 69 2.30 -1.83 -11.17
C ASP A 69 3.74 -1.37 -11.43
N THR A 70 4.64 -2.30 -11.65
CA THR A 70 6.05 -1.91 -11.91
C THR A 70 6.19 -1.40 -13.34
N ARG A 71 5.43 -1.94 -14.25
CA ARG A 71 5.52 -1.48 -15.67
C ARG A 71 4.28 -0.62 -16.01
N ILE A 72 3.88 -0.61 -17.24
CA ILE A 72 2.69 0.21 -17.62
C ILE A 72 1.63 -0.69 -18.24
N LYS A 73 1.19 -1.69 -17.52
CA LYS A 73 0.16 -2.61 -18.06
C LYS A 73 -0.56 -3.31 -16.91
N THR A 74 -1.60 -2.73 -16.40
CA THR A 74 -2.35 -3.37 -15.28
C THR A 74 -2.62 -4.84 -15.63
N ARG A 75 -2.91 -5.12 -16.86
CA ARG A 75 -3.19 -6.54 -17.26
C ARG A 75 -2.61 -6.80 -18.65
N LYS A 76 -2.18 -8.00 -18.89
CA LYS A 76 -1.61 -8.33 -20.23
C LYS A 76 -2.39 -9.48 -20.86
N ASN A 77 -3.27 -10.09 -20.12
CA ASN A 77 -4.07 -11.22 -20.67
C ASN A 77 -3.12 -12.27 -21.25
N MET A 1 -25.77 13.65 -4.11
CA MET A 1 -25.28 12.47 -4.85
C MET A 1 -25.72 11.19 -4.12
N ASP A 2 -25.25 10.06 -4.57
CA ASP A 2 -25.63 8.78 -3.90
C ASP A 2 -24.38 7.96 -3.61
N ARG A 3 -24.36 7.25 -2.51
CA ARG A 3 -23.17 6.44 -2.16
C ARG A 3 -23.47 4.95 -2.42
N PHE A 4 -22.61 4.08 -1.98
CA PHE A 4 -22.84 2.63 -2.20
C PHE A 4 -22.90 1.91 -0.86
N HIS A 5 -22.81 0.60 -0.86
CA HIS A 5 -22.86 -0.16 0.41
C HIS A 5 -21.85 -1.31 0.37
N ALA A 6 -21.72 -1.96 -0.75
CA ALA A 6 -20.76 -3.09 -0.86
C ALA A 6 -20.66 -3.54 -2.32
N THR A 7 -19.67 -3.08 -3.02
CA THR A 7 -19.53 -3.49 -4.45
C THR A 7 -18.05 -3.78 -4.75
N SER A 8 -17.76 -4.89 -5.38
CA SER A 8 -16.35 -5.23 -5.70
C SER A 8 -15.65 -3.99 -6.27
N ALA A 9 -14.50 -3.65 -5.74
CA ALA A 9 -13.76 -2.46 -6.26
C ALA A 9 -12.83 -2.89 -7.39
N ASP A 10 -12.24 -1.95 -8.08
CA ASP A 10 -11.31 -2.30 -9.19
C ASP A 10 -10.23 -1.23 -9.31
N CYS A 11 -10.63 0.01 -9.41
CA CYS A 11 -9.63 1.11 -9.54
C CYS A 11 -9.51 1.86 -8.21
N CYS A 12 -8.48 2.63 -8.04
CA CYS A 12 -8.31 3.39 -6.77
C CYS A 12 -9.26 4.59 -6.76
N ILE A 13 -9.99 4.77 -5.70
CA ILE A 13 -10.94 5.92 -5.63
C ILE A 13 -10.43 6.92 -4.59
N SER A 14 -9.75 6.46 -3.58
CA SER A 14 -9.22 7.39 -2.54
C SER A 14 -8.05 6.73 -1.82
N TYR A 15 -6.91 7.37 -1.83
CA TYR A 15 -5.72 6.78 -1.15
C TYR A 15 -5.81 7.05 0.35
N THR A 16 -5.29 6.15 1.16
CA THR A 16 -5.34 6.37 2.63
C THR A 16 -4.89 7.79 2.96
N PRO A 17 -5.80 8.60 3.43
CA PRO A 17 -5.52 10.00 3.80
C PRO A 17 -4.80 10.07 5.16
N ARG A 18 -3.69 9.39 5.28
CA ARG A 18 -2.95 9.42 6.57
C ARG A 18 -1.54 8.86 6.35
N SER A 19 -0.65 9.10 7.27
CA SER A 19 0.75 8.60 7.12
C SER A 19 0.87 7.25 7.85
N ILE A 20 0.90 6.17 7.12
CA ILE A 20 1.03 4.84 7.78
C ILE A 20 2.51 4.40 7.75
N PRO A 21 2.93 3.78 8.83
CA PRO A 21 4.32 3.30 8.96
C PRO A 21 4.50 1.99 8.18
N CYS A 22 5.70 1.71 7.76
CA CYS A 22 5.95 0.46 6.99
C CYS A 22 5.72 -0.75 7.90
N SER A 23 5.85 -0.58 9.17
CA SER A 23 5.65 -1.71 10.11
C SER A 23 4.17 -2.07 10.16
N LEU A 24 3.32 -1.25 9.60
CA LEU A 24 1.86 -1.54 9.61
C LEU A 24 1.43 -2.05 8.24
N LEU A 25 2.32 -2.64 7.51
CA LEU A 25 1.97 -3.16 6.15
C LEU A 25 2.47 -4.58 6.00
N GLU A 26 1.60 -5.51 5.69
CA GLU A 26 2.03 -6.92 5.52
C GLU A 26 2.41 -7.17 4.06
N SER A 27 1.87 -6.39 3.16
CA SER A 27 2.20 -6.58 1.71
C SER A 27 1.56 -5.46 0.89
N TYR A 28 1.67 -5.51 -0.40
CA TYR A 28 1.08 -4.44 -1.24
C TYR A 28 1.10 -4.88 -2.71
N PHE A 29 0.36 -4.21 -3.55
CA PHE A 29 0.34 -4.58 -5.00
C PHE A 29 -0.20 -3.40 -5.82
N GLU A 30 -0.19 -3.52 -7.12
CA GLU A 30 -0.71 -2.41 -7.97
C GLU A 30 -2.11 -2.75 -8.46
N THR A 31 -2.94 -1.76 -8.68
CA THR A 31 -4.32 -2.03 -9.16
C THR A 31 -4.28 -2.43 -10.63
N ASN A 32 -5.42 -2.56 -11.25
CA ASN A 32 -5.45 -2.95 -12.69
C ASN A 32 -4.75 -1.87 -13.52
N SER A 33 -3.73 -2.23 -14.24
CA SER A 33 -3.00 -1.23 -15.06
C SER A 33 -3.98 -0.59 -16.06
N GLU A 34 -5.12 -1.20 -16.26
CA GLU A 34 -6.11 -0.62 -17.21
C GLU A 34 -7.06 0.32 -16.47
N CYS A 35 -6.79 0.58 -15.22
CA CYS A 35 -7.69 1.48 -14.44
C CYS A 35 -7.30 2.93 -14.71
N SER A 36 -8.23 3.75 -15.11
CA SER A 36 -7.90 5.18 -15.38
C SER A 36 -7.14 5.76 -14.20
N LYS A 37 -7.45 5.33 -13.00
CA LYS A 37 -6.73 5.85 -11.81
C LYS A 37 -6.08 4.70 -11.04
N PRO A 38 -4.91 4.32 -11.49
CA PRO A 38 -4.15 3.22 -10.87
C PRO A 38 -3.47 3.70 -9.58
N GLY A 39 -2.92 2.79 -8.82
CA GLY A 39 -2.25 3.19 -7.56
C GLY A 39 -1.68 1.94 -6.87
N VAL A 40 -1.15 2.10 -5.68
CA VAL A 40 -0.57 0.92 -4.97
C VAL A 40 -1.45 0.58 -3.76
N ILE A 41 -1.88 -0.64 -3.66
CA ILE A 41 -2.74 -1.04 -2.51
C ILE A 41 -1.86 -1.55 -1.37
N PHE A 42 -2.09 -1.10 -0.18
CA PHE A 42 -1.26 -1.56 0.98
C PHE A 42 -2.10 -2.48 1.87
N LEU A 43 -1.56 -3.62 2.24
CA LEU A 43 -2.31 -4.55 3.11
C LEU A 43 -1.75 -4.49 4.53
N THR A 44 -2.58 -4.26 5.51
CA THR A 44 -2.08 -4.20 6.91
C THR A 44 -2.39 -5.51 7.62
N LYS A 45 -1.81 -5.72 8.78
CA LYS A 45 -2.07 -6.99 9.52
C LYS A 45 -3.49 -6.98 10.09
N LYS A 46 -4.19 -5.89 9.92
CA LYS A 46 -5.59 -5.82 10.44
C LYS A 46 -6.57 -6.12 9.32
N GLY A 47 -6.13 -6.85 8.33
CA GLY A 47 -7.03 -7.18 7.19
C GLY A 47 -7.57 -5.90 6.57
N ARG A 48 -6.78 -4.86 6.57
CA ARG A 48 -7.24 -3.57 5.97
C ARG A 48 -6.41 -3.26 4.74
N ARG A 49 -7.05 -2.91 3.65
CA ARG A 49 -6.30 -2.59 2.41
C ARG A 49 -6.73 -1.22 1.89
N PHE A 50 -5.79 -0.39 1.55
CA PHE A 50 -6.15 0.98 1.03
C PHE A 50 -5.24 1.35 -0.12
N CYS A 51 -5.63 2.31 -0.92
CA CYS A 51 -4.78 2.71 -2.07
C CYS A 51 -3.65 3.62 -1.57
N ALA A 52 -2.64 3.81 -2.36
CA ALA A 52 -1.51 4.68 -1.93
C ALA A 52 -0.98 5.46 -3.14
N ASN A 53 -0.45 6.64 -2.92
CA ASN A 53 0.09 7.44 -4.05
C ASN A 53 1.51 6.97 -4.39
N PRO A 54 1.73 6.63 -5.63
CA PRO A 54 3.04 6.16 -6.10
C PRO A 54 4.01 7.34 -6.24
N SER A 55 3.53 8.53 -6.03
CA SER A 55 4.41 9.73 -6.15
C SER A 55 5.01 10.03 -4.77
N ASP A 56 4.57 9.35 -3.76
CA ASP A 56 5.13 9.61 -2.39
C ASP A 56 6.50 8.95 -2.26
N LYS A 57 7.51 9.71 -1.95
CA LYS A 57 8.87 9.12 -1.81
C LYS A 57 8.85 8.01 -0.75
N GLN A 58 7.94 8.10 0.19
CA GLN A 58 7.87 7.06 1.24
C GLN A 58 7.15 5.82 0.69
N VAL A 59 6.37 5.98 -0.33
CA VAL A 59 5.65 4.82 -0.92
C VAL A 59 6.60 4.02 -1.82
N GLN A 60 7.44 4.70 -2.56
CA GLN A 60 8.39 3.97 -3.45
C GLN A 60 9.54 3.40 -2.62
N VAL A 61 9.90 4.05 -1.54
CA VAL A 61 11.01 3.54 -0.70
C VAL A 61 10.52 2.34 0.12
N CYS A 62 9.28 2.36 0.52
CA CYS A 62 8.75 1.22 1.33
C CYS A 62 8.40 0.06 0.39
N MET A 63 7.97 0.35 -0.80
CA MET A 63 7.60 -0.73 -1.76
C MET A 63 8.78 -1.69 -1.91
N ARG A 64 9.98 -1.22 -1.68
CA ARG A 64 11.17 -2.10 -1.82
C ARG A 64 11.38 -2.88 -0.52
N MET A 65 11.24 -2.25 0.61
CA MET A 65 11.43 -2.96 1.91
C MET A 65 10.38 -4.06 2.04
N LEU A 66 9.12 -3.70 1.97
CA LEU A 66 8.06 -4.73 2.10
C LEU A 66 8.43 -5.97 1.28
N LYS A 67 8.83 -5.77 0.05
CA LYS A 67 9.21 -6.94 -0.80
C LYS A 67 10.24 -7.79 -0.07
N LEU A 68 10.52 -8.96 -0.58
CA LEU A 68 11.53 -9.84 0.10
C LEU A 68 12.93 -9.46 -0.37
N ASP A 69 13.47 -8.38 0.12
CA ASP A 69 14.83 -7.95 -0.29
C ASP A 69 15.87 -8.89 0.33
N THR A 70 15.54 -9.50 1.44
CA THR A 70 16.51 -10.42 2.09
C THR A 70 17.16 -11.32 1.04
N ARG A 71 18.46 -11.29 0.96
CA ARG A 71 19.15 -12.15 -0.05
C ARG A 71 20.66 -12.14 0.22
N ILE A 72 21.25 -10.98 0.30
CA ILE A 72 22.72 -10.91 0.56
C ILE A 72 22.98 -9.97 1.73
N LYS A 73 22.51 -10.31 2.90
CA LYS A 73 22.73 -9.43 4.08
C LYS A 73 22.16 -8.05 3.80
N THR A 74 20.88 -7.95 3.55
CA THR A 74 20.28 -6.62 3.26
C THR A 74 20.02 -5.88 4.58
N ARG A 75 19.88 -4.58 4.52
CA ARG A 75 19.63 -3.80 5.77
C ARG A 75 18.49 -4.46 6.55
N LYS A 76 18.26 -4.02 7.77
CA LYS A 76 17.17 -4.61 8.58
C LYS A 76 16.74 -3.62 9.66
N ASN A 77 17.68 -3.10 10.40
CA ASN A 77 17.32 -2.12 11.47
C ASN A 77 18.60 -1.54 12.08
N MET A 1 0.65 17.72 24.99
CA MET A 1 1.69 18.55 24.34
C MET A 1 2.36 17.73 23.23
N ASP A 2 3.21 16.80 23.58
CA ASP A 2 3.89 15.98 22.56
C ASP A 2 3.17 14.63 22.43
N ARG A 3 2.13 14.58 21.65
CA ARG A 3 1.39 13.29 21.48
C ARG A 3 1.79 12.63 20.16
N PHE A 4 2.85 13.09 19.55
CA PHE A 4 3.30 12.49 18.27
C PHE A 4 4.57 11.68 18.49
N HIS A 5 4.85 11.33 19.72
CA HIS A 5 6.09 10.54 20.01
C HIS A 5 5.72 9.30 20.83
N ALA A 6 6.14 8.14 20.39
CA ALA A 6 5.81 6.91 21.15
C ALA A 6 6.96 5.90 21.01
N THR A 7 6.98 5.16 19.93
CA THR A 7 8.08 4.17 19.74
C THR A 7 8.52 4.19 18.28
N SER A 8 9.42 3.31 17.91
CA SER A 8 9.90 3.28 16.51
C SER A 8 9.25 2.12 15.76
N ALA A 9 7.97 1.93 15.94
CA ALA A 9 7.28 0.81 15.25
C ALA A 9 6.65 1.32 13.95
N ASP A 10 6.23 0.42 13.09
CA ASP A 10 5.60 0.87 11.81
C ASP A 10 4.84 -0.32 11.19
N CYS A 11 4.36 -1.20 12.01
CA CYS A 11 3.60 -2.37 11.47
C CYS A 11 2.19 -1.93 11.08
N CYS A 12 1.34 -2.87 10.72
CA CYS A 12 -0.05 -2.50 10.34
C CYS A 12 -0.99 -2.80 11.51
N ILE A 13 -1.71 -1.82 11.97
CA ILE A 13 -2.65 -2.05 13.11
C ILE A 13 -4.09 -1.78 12.65
N SER A 14 -4.26 -0.94 11.66
CA SER A 14 -5.64 -0.64 11.17
C SER A 14 -5.61 -0.51 9.64
N TYR A 15 -6.70 -0.83 9.00
CA TYR A 15 -6.74 -0.72 7.51
C TYR A 15 -7.69 0.41 7.11
N THR A 16 -7.51 0.95 5.94
CA THR A 16 -8.39 2.07 5.49
C THR A 16 -9.81 1.53 5.28
N PRO A 17 -10.77 2.15 5.93
CA PRO A 17 -12.18 1.74 5.83
C PRO A 17 -12.79 2.26 4.52
N ARG A 18 -12.18 1.94 3.41
CA ARG A 18 -12.72 2.41 2.11
C ARG A 18 -12.17 1.54 0.98
N SER A 19 -12.83 1.50 -0.14
CA SER A 19 -12.34 0.66 -1.28
C SER A 19 -11.52 1.54 -2.23
N ILE A 20 -10.24 1.67 -1.97
CA ILE A 20 -9.39 2.51 -2.86
C ILE A 20 -8.77 1.63 -3.95
N PRO A 21 -9.01 1.97 -5.20
CA PRO A 21 -8.48 1.22 -6.34
C PRO A 21 -7.00 1.55 -6.58
N CYS A 22 -6.35 0.83 -7.43
CA CYS A 22 -4.91 1.11 -7.71
C CYS A 22 -4.77 2.44 -8.44
N SER A 23 -5.85 2.95 -8.97
CA SER A 23 -5.79 4.24 -9.71
C SER A 23 -5.45 5.37 -8.73
N LEU A 24 -5.77 5.19 -7.47
CA LEU A 24 -5.47 6.25 -6.47
C LEU A 24 -4.23 5.86 -5.66
N LEU A 25 -3.38 5.05 -6.22
CA LEU A 25 -2.16 4.63 -5.49
C LEU A 25 -0.93 4.81 -6.39
N GLU A 26 0.17 5.25 -5.83
CA GLU A 26 1.40 5.45 -6.66
C GLU A 26 2.36 4.28 -6.42
N SER A 27 2.27 3.64 -5.29
CA SER A 27 3.18 2.49 -5.01
C SER A 27 2.68 1.74 -3.78
N TYR A 28 3.27 0.61 -3.49
CA TYR A 28 2.83 -0.18 -2.30
C TYR A 28 3.97 -1.08 -1.82
N PHE A 29 3.84 -1.66 -0.67
CA PHE A 29 4.92 -2.55 -0.15
C PHE A 29 4.38 -3.38 1.01
N GLU A 30 5.20 -4.25 1.56
CA GLU A 30 4.73 -5.09 2.70
C GLU A 30 5.40 -4.62 3.99
N THR A 31 4.68 -4.57 5.07
CA THR A 31 5.28 -4.13 6.35
C THR A 31 6.44 -5.04 6.73
N ASN A 32 7.32 -4.60 7.59
CA ASN A 32 8.47 -5.45 7.99
C ASN A 32 7.96 -6.83 8.42
N SER A 33 8.49 -7.88 7.85
CA SER A 33 8.03 -9.24 8.23
C SER A 33 8.31 -9.48 9.72
N GLU A 34 9.12 -8.66 10.31
CA GLU A 34 9.43 -8.84 11.76
C GLU A 34 8.16 -8.64 12.59
N CYS A 35 7.30 -7.76 12.16
CA CYS A 35 6.04 -7.51 12.92
C CYS A 35 5.23 -8.81 13.00
N SER A 36 4.61 -9.07 14.13
CA SER A 36 3.81 -10.32 14.26
C SER A 36 2.64 -10.27 13.28
N LYS A 37 2.01 -9.13 13.15
CA LYS A 37 0.86 -9.02 12.21
C LYS A 37 1.17 -7.98 11.13
N PRO A 38 1.75 -8.44 10.05
CA PRO A 38 2.12 -7.57 8.91
C PRO A 38 0.88 -7.23 8.08
N GLY A 39 1.07 -6.58 6.95
CA GLY A 39 -0.07 -6.22 6.10
C GLY A 39 0.43 -5.49 4.85
N VAL A 40 -0.47 -5.06 4.01
CA VAL A 40 -0.04 -4.32 2.78
C VAL A 40 -0.27 -2.83 2.96
N ILE A 41 0.70 -2.03 2.65
CA ILE A 41 0.55 -0.56 2.80
C ILE A 41 0.47 0.10 1.41
N PHE A 42 -0.46 0.99 1.22
CA PHE A 42 -0.59 1.65 -0.11
C PHE A 42 -0.30 3.14 0.03
N LEU A 43 0.58 3.66 -0.77
CA LEU A 43 0.92 5.11 -0.70
C LEU A 43 0.24 5.85 -1.85
N THR A 44 -0.47 6.91 -1.55
CA THR A 44 -1.17 7.67 -2.63
C THR A 44 -0.27 8.83 -3.09
N LYS A 45 -0.59 9.44 -4.20
CA LYS A 45 0.23 10.57 -4.69
C LYS A 45 -0.05 11.82 -3.84
N LYS A 46 -0.93 11.71 -2.88
CA LYS A 46 -1.23 12.89 -2.02
C LYS A 46 -0.51 12.75 -0.68
N GLY A 47 0.58 12.03 -0.66
CA GLY A 47 1.33 11.85 0.60
C GLY A 47 0.45 11.16 1.64
N ARG A 48 -0.25 10.14 1.24
CA ARG A 48 -1.13 9.41 2.19
C ARG A 48 -0.81 7.92 2.16
N ARG A 49 -0.77 7.28 3.29
CA ARG A 49 -0.48 5.82 3.32
C ARG A 49 -1.45 5.12 4.25
N PHE A 50 -1.91 3.95 3.88
CA PHE A 50 -2.87 3.22 4.75
C PHE A 50 -2.69 1.71 4.57
N CYS A 51 -2.78 0.96 5.63
CA CYS A 51 -2.61 -0.52 5.51
C CYS A 51 -3.82 -1.11 4.80
N ALA A 52 -3.67 -2.27 4.23
CA ALA A 52 -4.82 -2.91 3.51
C ALA A 52 -4.74 -4.43 3.68
N ASN A 53 -5.83 -5.12 3.48
CA ASN A 53 -5.81 -6.60 3.63
C ASN A 53 -5.31 -7.23 2.32
N PRO A 54 -4.33 -8.10 2.44
CA PRO A 54 -3.75 -8.79 1.27
C PRO A 54 -4.68 -9.91 0.80
N SER A 55 -5.77 -10.11 1.48
CA SER A 55 -6.72 -11.18 1.07
C SER A 55 -7.85 -10.55 0.24
N ASP A 56 -7.87 -9.25 0.14
CA ASP A 56 -8.95 -8.59 -0.66
C ASP A 56 -8.64 -8.73 -2.15
N LYS A 57 -9.62 -9.07 -2.94
CA LYS A 57 -9.37 -9.23 -4.40
C LYS A 57 -8.93 -7.89 -5.00
N GLN A 58 -9.55 -6.82 -4.59
CA GLN A 58 -9.15 -5.49 -5.12
C GLN A 58 -7.69 -5.20 -4.79
N VAL A 59 -7.21 -5.74 -3.70
CA VAL A 59 -5.80 -5.51 -3.31
C VAL A 59 -4.87 -6.28 -4.25
N GLN A 60 -5.12 -7.55 -4.42
CA GLN A 60 -4.26 -8.36 -5.34
C GLN A 60 -4.32 -7.76 -6.74
N VAL A 61 -5.41 -7.15 -7.10
CA VAL A 61 -5.53 -6.54 -8.46
C VAL A 61 -4.54 -5.38 -8.57
N CYS A 62 -4.53 -4.50 -7.63
CA CYS A 62 -3.59 -3.35 -7.68
C CYS A 62 -2.15 -3.86 -7.57
N MET A 63 -1.92 -4.82 -6.73
CA MET A 63 -0.55 -5.37 -6.58
C MET A 63 0.02 -5.72 -7.96
N ARG A 64 -0.54 -6.70 -8.61
CA ARG A 64 -0.03 -7.08 -9.95
C ARG A 64 0.11 -5.83 -10.82
N MET A 65 -0.76 -4.88 -10.65
CA MET A 65 -0.67 -3.64 -11.47
C MET A 65 0.63 -2.91 -11.15
N LEU A 66 0.82 -2.51 -9.92
CA LEU A 66 2.07 -1.79 -9.54
C LEU A 66 3.22 -2.80 -9.46
N LYS A 67 2.94 -4.06 -9.66
CA LYS A 67 4.02 -5.08 -9.59
C LYS A 67 5.07 -4.81 -10.68
N LEU A 68 6.01 -5.69 -10.85
CA LEU A 68 7.06 -5.48 -11.89
C LEU A 68 6.45 -5.75 -13.28
N ASP A 69 6.56 -4.82 -14.17
CA ASP A 69 6.00 -5.02 -15.54
C ASP A 69 6.99 -5.85 -16.38
N THR A 70 7.34 -7.01 -15.90
CA THR A 70 8.30 -7.87 -16.67
C THR A 70 9.67 -7.16 -16.73
N ARG A 71 9.78 -6.12 -17.51
CA ARG A 71 11.08 -5.40 -17.61
C ARG A 71 10.85 -3.89 -17.62
N ILE A 72 9.62 -3.48 -17.45
CA ILE A 72 9.32 -2.01 -17.46
C ILE A 72 10.11 -1.33 -18.57
N LYS A 73 10.23 -1.96 -19.71
CA LYS A 73 10.99 -1.34 -20.83
C LYS A 73 10.10 -0.33 -21.56
N THR A 74 9.02 -0.78 -22.12
CA THR A 74 8.12 0.16 -22.85
C THR A 74 6.69 -0.38 -22.82
N ARG A 75 6.31 -1.14 -23.83
CA ARG A 75 4.93 -1.69 -23.86
C ARG A 75 3.93 -0.58 -24.14
N LYS A 76 2.74 -0.91 -24.56
CA LYS A 76 1.73 0.14 -24.86
C LYS A 76 0.35 -0.33 -24.38
N ASN A 77 0.31 -1.15 -23.36
CA ASN A 77 -1.00 -1.65 -22.86
C ASN A 77 -1.85 -2.12 -24.04
N MET A 1 -17.45 11.80 5.77
CA MET A 1 -17.11 10.63 6.63
C MET A 1 -18.14 9.52 6.41
N ASP A 2 -18.40 9.16 5.18
CA ASP A 2 -19.39 8.09 4.91
C ASP A 2 -18.97 7.30 3.67
N ARG A 3 -18.04 6.41 3.81
CA ARG A 3 -17.59 5.61 2.64
C ARG A 3 -18.78 4.87 2.03
N PHE A 4 -18.89 4.87 0.73
CA PHE A 4 -20.03 4.17 0.08
C PHE A 4 -19.61 2.75 -0.29
N HIS A 5 -20.40 1.78 0.09
CA HIS A 5 -20.05 0.36 -0.23
C HIS A 5 -21.33 -0.43 -0.53
N ALA A 6 -21.27 -1.34 -1.46
CA ALA A 6 -22.48 -2.15 -1.78
C ALA A 6 -22.18 -3.63 -1.59
N THR A 7 -21.02 -4.07 -1.99
CA THR A 7 -20.66 -5.50 -1.82
C THR A 7 -19.36 -5.62 -1.03
N SER A 8 -18.96 -6.82 -0.69
CA SER A 8 -17.69 -6.99 0.08
C SER A 8 -16.53 -7.20 -0.89
N ALA A 9 -16.34 -6.30 -1.80
CA ALA A 9 -15.22 -6.43 -2.78
C ALA A 9 -13.98 -5.70 -2.24
N ASP A 10 -12.81 -6.20 -2.50
CA ASP A 10 -11.58 -5.52 -2.00
C ASP A 10 -10.56 -5.43 -3.14
N CYS A 11 -11.02 -5.26 -4.35
CA CYS A 11 -10.09 -5.15 -5.50
C CYS A 11 -9.93 -3.68 -5.90
N CYS A 12 -8.73 -3.25 -6.14
CA CYS A 12 -8.51 -1.83 -6.53
C CYS A 12 -8.73 -1.67 -8.04
N ILE A 13 -9.71 -0.91 -8.43
CA ILE A 13 -9.97 -0.71 -9.89
C ILE A 13 -9.17 0.49 -10.38
N SER A 14 -8.82 1.39 -9.49
CA SER A 14 -8.05 2.59 -9.90
C SER A 14 -7.05 2.94 -8.79
N TYR A 15 -5.88 3.40 -9.15
CA TYR A 15 -4.87 3.75 -8.12
C TYR A 15 -4.81 5.27 -7.95
N THR A 16 -4.02 5.75 -7.03
CA THR A 16 -3.92 7.22 -6.82
C THR A 16 -3.04 7.83 -7.92
N PRO A 17 -3.55 8.85 -8.57
CA PRO A 17 -2.82 9.54 -9.65
C PRO A 17 -1.78 10.50 -9.06
N ARG A 18 -0.88 10.00 -8.26
CA ARG A 18 0.16 10.88 -7.67
C ARG A 18 1.39 10.06 -7.30
N SER A 19 2.56 10.62 -7.44
CA SER A 19 3.80 9.87 -7.09
C SER A 19 3.99 9.88 -5.57
N ILE A 20 4.08 8.71 -4.98
CA ILE A 20 4.26 8.66 -3.50
C ILE A 20 5.69 8.20 -3.17
N PRO A 21 6.32 8.89 -2.26
CA PRO A 21 7.70 8.57 -1.85
C PRO A 21 7.70 7.39 -0.88
N CYS A 22 8.67 6.53 -0.98
CA CYS A 22 8.74 5.35 -0.06
C CYS A 22 9.06 5.83 1.36
N SER A 23 9.47 7.06 1.50
CA SER A 23 9.81 7.58 2.85
C SER A 23 8.52 7.95 3.59
N LEU A 24 7.45 8.16 2.88
CA LEU A 24 6.17 8.51 3.54
C LEU A 24 5.27 7.28 3.64
N LEU A 25 5.87 6.12 3.60
CA LEU A 25 5.05 4.88 3.69
C LEU A 25 5.57 4.00 4.84
N GLU A 26 4.68 3.39 5.58
CA GLU A 26 5.13 2.53 6.70
C GLU A 26 5.13 1.06 6.26
N SER A 27 4.31 0.72 5.31
CA SER A 27 4.26 -0.68 4.82
C SER A 27 3.43 -0.75 3.53
N TYR A 28 3.27 -1.92 2.98
CA TYR A 28 2.48 -2.04 1.73
C TYR A 28 2.22 -3.52 1.43
N PHE A 29 1.29 -3.82 0.57
CA PHE A 29 0.99 -5.23 0.24
C PHE A 29 0.28 -5.31 -1.11
N GLU A 30 -0.16 -6.47 -1.51
CA GLU A 30 -0.85 -6.61 -2.82
C GLU A 30 -2.35 -6.74 -2.59
N THR A 31 -3.13 -6.70 -3.64
CA THR A 31 -4.61 -6.81 -3.48
C THR A 31 -5.02 -8.28 -3.62
N ASN A 32 -6.30 -8.55 -3.64
CA ASN A 32 -6.77 -9.95 -3.77
C ASN A 32 -6.22 -10.55 -5.07
N SER A 33 -5.48 -11.62 -4.98
CA SER A 33 -4.93 -12.25 -6.21
C SER A 33 -6.06 -12.89 -7.00
N GLU A 34 -7.20 -13.07 -6.40
CA GLU A 34 -8.35 -13.69 -7.12
C GLU A 34 -8.79 -12.76 -8.25
N CYS A 35 -8.58 -11.49 -8.11
CA CYS A 35 -8.99 -10.53 -9.17
C CYS A 35 -8.04 -10.66 -10.37
N SER A 36 -8.53 -10.42 -11.55
CA SER A 36 -7.65 -10.53 -12.75
C SER A 36 -6.57 -9.45 -12.70
N LYS A 37 -6.95 -8.21 -12.51
CA LYS A 37 -5.94 -7.12 -12.44
C LYS A 37 -5.48 -6.94 -10.99
N PRO A 38 -4.23 -7.25 -10.73
CA PRO A 38 -3.65 -7.13 -9.39
C PRO A 38 -3.30 -5.66 -9.09
N GLY A 39 -2.67 -5.40 -7.98
CA GLY A 39 -2.31 -4.02 -7.62
C GLY A 39 -1.55 -4.00 -6.30
N VAL A 40 -1.03 -2.87 -5.92
CA VAL A 40 -0.27 -2.80 -4.64
C VAL A 40 -0.88 -1.72 -3.74
N ILE A 41 -1.07 -2.02 -2.49
CA ILE A 41 -1.65 -1.00 -1.56
C ILE A 41 -0.55 -0.41 -0.69
N PHE A 42 -0.41 0.89 -0.68
CA PHE A 42 0.65 1.52 0.15
C PHE A 42 0.02 2.26 1.34
N LEU A 43 0.41 1.93 2.53
CA LEU A 43 -0.17 2.61 3.72
C LEU A 43 0.81 3.68 4.21
N THR A 44 0.32 4.83 4.59
CA THR A 44 1.23 5.91 5.07
C THR A 44 1.12 6.05 6.59
N LYS A 45 2.01 6.80 7.18
CA LYS A 45 1.97 6.98 8.66
C LYS A 45 0.85 7.96 9.02
N LYS A 46 0.12 8.43 8.06
CA LYS A 46 -0.98 9.39 8.35
C LYS A 46 -2.33 8.68 8.18
N GLY A 47 -2.37 7.40 8.42
CA GLY A 47 -3.64 6.65 8.28
C GLY A 47 -4.17 6.81 6.86
N ARG A 48 -3.30 6.97 5.90
CA ARG A 48 -3.75 7.14 4.50
C ARG A 48 -3.33 5.92 3.67
N ARG A 49 -4.28 5.15 3.19
CA ARG A 49 -3.93 3.95 2.38
C ARG A 49 -4.44 4.12 0.96
N PHE A 50 -3.74 3.59 0.00
CA PHE A 50 -4.19 3.72 -1.42
C PHE A 50 -3.49 2.65 -2.27
N CYS A 51 -4.00 2.39 -3.44
CA CYS A 51 -3.37 1.36 -4.31
C CYS A 51 -2.44 2.03 -5.32
N ALA A 52 -1.48 1.30 -5.82
CA ALA A 52 -0.53 1.90 -6.81
C ALA A 52 -0.26 0.90 -7.93
N ASN A 53 0.36 1.32 -8.99
CA ASN A 53 0.65 0.39 -10.12
C ASN A 53 1.86 -0.49 -9.75
N PRO A 54 1.73 -1.77 -9.99
CA PRO A 54 2.80 -2.74 -9.69
C PRO A 54 3.91 -2.65 -10.74
N SER A 55 3.71 -1.86 -11.76
CA SER A 55 4.75 -1.72 -12.81
C SER A 55 5.44 -0.38 -12.66
N ASP A 56 5.09 0.39 -11.66
CA ASP A 56 5.74 1.71 -11.47
C ASP A 56 7.19 1.52 -11.02
N LYS A 57 8.12 2.17 -11.66
CA LYS A 57 9.54 2.02 -11.27
C LYS A 57 9.74 2.46 -9.82
N GLN A 58 9.06 3.49 -9.41
CA GLN A 58 9.20 3.98 -8.01
C GLN A 58 8.67 2.91 -7.05
N VAL A 59 7.75 2.10 -7.49
CA VAL A 59 7.20 1.04 -6.61
C VAL A 59 8.25 -0.05 -6.40
N GLN A 60 8.85 -0.51 -7.46
CA GLN A 60 9.89 -1.57 -7.32
C GLN A 60 11.04 -1.06 -6.45
N VAL A 61 11.35 0.20 -6.54
CA VAL A 61 12.45 0.76 -5.71
C VAL A 61 12.02 0.79 -4.24
N CYS A 62 10.82 1.24 -3.97
CA CYS A 62 10.35 1.29 -2.56
C CYS A 62 10.28 -0.13 -1.99
N MET A 63 9.90 -1.08 -2.80
CA MET A 63 9.82 -2.49 -2.31
C MET A 63 11.16 -2.89 -1.68
N ARG A 64 12.24 -2.66 -2.37
CA ARG A 64 13.58 -3.02 -1.81
C ARG A 64 13.84 -2.21 -0.54
N MET A 65 13.09 -1.16 -0.32
CA MET A 65 13.31 -0.34 0.89
C MET A 65 12.41 -0.85 2.02
N LEU A 66 11.14 -1.02 1.75
CA LEU A 66 10.22 -1.52 2.81
C LEU A 66 10.45 -3.02 3.03
N LYS A 67 11.31 -3.62 2.27
CA LYS A 67 11.58 -5.07 2.45
C LYS A 67 12.08 -5.33 3.86
N LEU A 68 12.17 -6.58 4.25
CA LEU A 68 12.66 -6.90 5.62
C LEU A 68 14.10 -6.43 5.78
N ASP A 69 14.31 -5.35 6.48
CA ASP A 69 15.69 -4.84 6.67
C ASP A 69 16.33 -5.52 7.88
N THR A 70 15.71 -5.42 9.02
CA THR A 70 16.28 -6.07 10.24
C THR A 70 15.14 -6.58 11.12
N ARG A 71 14.36 -5.69 11.66
CA ARG A 71 13.23 -6.12 12.53
C ARG A 71 11.99 -5.28 12.21
N ILE A 72 12.10 -3.99 12.29
CA ILE A 72 10.92 -3.11 12.00
C ILE A 72 9.77 -3.48 12.93
N LYS A 73 9.38 -2.57 13.78
CA LYS A 73 8.26 -2.84 14.71
C LYS A 73 7.00 -3.23 13.93
N THR A 74 6.30 -4.24 14.36
CA THR A 74 5.07 -4.65 13.63
C THR A 74 4.24 -5.56 14.53
N ARG A 75 2.97 -5.68 14.25
CA ARG A 75 2.10 -6.55 15.10
C ARG A 75 2.71 -7.94 15.19
N LYS A 76 2.72 -8.67 14.10
CA LYS A 76 3.31 -10.04 14.13
C LYS A 76 3.70 -10.46 12.72
N ASN A 77 2.79 -10.38 11.79
CA ASN A 77 3.12 -10.78 10.39
C ASN A 77 3.49 -12.26 10.35
N MET A 1 -6.60 22.76 -6.06
CA MET A 1 -6.97 21.72 -7.07
C MET A 1 -6.31 20.39 -6.70
N ASP A 2 -6.88 19.67 -5.78
CA ASP A 2 -6.28 18.37 -5.38
C ASP A 2 -6.93 17.24 -6.17
N ARG A 3 -6.36 16.07 -6.14
CA ARG A 3 -6.95 14.92 -6.89
C ARG A 3 -8.36 14.63 -6.36
N PHE A 4 -9.02 13.64 -6.91
CA PHE A 4 -10.39 13.31 -6.44
C PHE A 4 -10.34 12.08 -5.53
N HIS A 5 -11.20 12.03 -4.55
CA HIS A 5 -11.19 10.86 -3.62
C HIS A 5 -12.64 10.49 -3.27
N ALA A 6 -12.96 9.23 -3.26
CA ALA A 6 -14.35 8.81 -2.91
C ALA A 6 -14.36 8.23 -1.50
N THR A 7 -15.47 7.64 -1.10
CA THR A 7 -15.55 7.05 0.26
C THR A 7 -15.56 5.53 0.16
N SER A 8 -15.07 4.99 -0.91
CA SER A 8 -15.04 3.51 -1.07
C SER A 8 -14.31 2.89 0.12
N ALA A 9 -14.92 1.95 0.77
CA ALA A 9 -14.26 1.31 1.94
C ALA A 9 -12.86 0.82 1.54
N ASP A 10 -11.88 1.02 2.38
CA ASP A 10 -10.50 0.58 2.05
C ASP A 10 -9.59 0.80 3.26
N CYS A 11 -10.07 0.55 4.44
CA CYS A 11 -9.24 0.75 5.65
C CYS A 11 -8.41 -0.51 5.91
N CYS A 12 -7.67 -0.53 6.98
CA CYS A 12 -6.84 -1.73 7.29
C CYS A 12 -7.54 -2.58 8.35
N ILE A 13 -7.40 -3.87 8.29
CA ILE A 13 -8.05 -4.75 9.30
C ILE A 13 -6.99 -5.63 9.96
N SER A 14 -6.10 -6.19 9.17
CA SER A 14 -5.04 -7.05 9.76
C SER A 14 -3.70 -6.72 9.10
N TYR A 15 -2.64 -6.70 9.86
CA TYR A 15 -1.31 -6.38 9.29
C TYR A 15 -0.50 -7.67 9.09
N THR A 16 -0.17 -7.99 7.87
CA THR A 16 0.62 -9.24 7.63
C THR A 16 1.75 -9.33 8.65
N PRO A 17 1.58 -10.20 9.62
CA PRO A 17 2.58 -10.40 10.67
C PRO A 17 3.73 -11.27 10.16
N ARG A 18 4.42 -10.82 9.14
CA ARG A 18 5.55 -11.62 8.59
C ARG A 18 6.52 -10.69 7.87
N SER A 19 7.57 -11.24 7.31
CA SER A 19 8.55 -10.39 6.59
C SER A 19 8.08 -10.17 5.16
N ILE A 20 7.74 -8.94 4.82
CA ILE A 20 7.26 -8.66 3.44
C ILE A 20 8.38 -7.97 2.65
N PRO A 21 9.00 -8.72 1.75
CA PRO A 21 10.09 -8.21 0.91
C PRO A 21 9.53 -7.36 -0.23
N CYS A 22 9.99 -6.13 -0.35
CA CYS A 22 9.48 -5.25 -1.44
C CYS A 22 9.59 -5.97 -2.78
N SER A 23 10.50 -6.91 -2.89
CA SER A 23 10.67 -7.64 -4.18
C SER A 23 9.33 -8.27 -4.58
N LEU A 24 8.44 -8.44 -3.64
CA LEU A 24 7.12 -9.05 -3.96
C LEU A 24 6.03 -7.98 -3.86
N LEU A 25 6.37 -6.75 -4.06
CA LEU A 25 5.36 -5.66 -3.97
C LEU A 25 5.37 -4.84 -5.26
N GLU A 26 4.24 -4.68 -5.89
CA GLU A 26 4.19 -3.88 -7.16
C GLU A 26 3.91 -2.42 -6.83
N SER A 27 3.31 -2.15 -5.70
CA SER A 27 3.01 -0.74 -5.33
C SER A 27 2.42 -0.71 -3.91
N TYR A 28 2.27 0.46 -3.35
CA TYR A 28 1.70 0.56 -1.98
C TYR A 28 1.06 1.94 -1.79
N PHE A 29 0.24 2.09 -0.78
CA PHE A 29 -0.41 3.41 -0.54
C PHE A 29 -0.94 3.45 0.89
N GLU A 30 -1.47 4.58 1.30
CA GLU A 30 -2.00 4.69 2.69
C GLU A 30 -3.52 4.46 2.68
N THR A 31 -4.09 4.15 3.80
CA THR A 31 -5.56 3.91 3.86
C THR A 31 -6.28 5.25 4.10
N ASN A 32 -7.58 5.21 4.28
CA ASN A 32 -8.33 6.47 4.53
C ASN A 32 -8.05 6.97 5.94
N SER A 33 -7.60 8.20 6.07
CA SER A 33 -7.30 8.75 7.42
C SER A 33 -8.60 8.88 8.22
N GLU A 34 -9.72 8.70 7.57
CA GLU A 34 -11.02 8.80 8.30
C GLU A 34 -11.12 7.68 9.34
N CYS A 35 -10.44 6.59 9.12
CA CYS A 35 -10.50 5.47 10.09
C CYS A 35 -9.77 5.87 11.38
N SER A 36 -9.95 5.13 12.43
CA SER A 36 -9.26 5.47 13.71
C SER A 36 -7.80 5.06 13.63
N LYS A 37 -7.53 3.93 13.03
CA LYS A 37 -6.11 3.48 12.91
C LYS A 37 -5.78 3.24 11.44
N PRO A 38 -5.04 4.15 10.85
CA PRO A 38 -4.64 4.05 9.43
C PRO A 38 -3.49 3.05 9.28
N GLY A 39 -3.02 2.87 8.07
CA GLY A 39 -1.92 1.92 7.84
C GLY A 39 -1.47 1.98 6.37
N VAL A 40 -0.61 1.10 5.96
CA VAL A 40 -0.15 1.11 4.55
C VAL A 40 -0.64 -0.14 3.83
N ILE A 41 -1.15 0.00 2.64
CA ILE A 41 -1.64 -1.19 1.89
C ILE A 41 -0.66 -1.53 0.77
N PHE A 42 0.04 -2.62 0.90
CA PHE A 42 1.02 -3.00 -0.15
C PHE A 42 0.37 -3.99 -1.13
N LEU A 43 0.45 -3.72 -2.40
CA LEU A 43 -0.15 -4.65 -3.40
C LEU A 43 0.94 -5.54 -3.99
N THR A 44 0.79 -6.84 -3.86
CA THR A 44 1.83 -7.75 -4.41
C THR A 44 1.60 -7.93 -5.92
N LYS A 45 2.57 -8.46 -6.62
CA LYS A 45 2.39 -8.66 -8.09
C LYS A 45 1.55 -9.91 -8.34
N LYS A 46 1.05 -10.52 -7.30
CA LYS A 46 0.22 -11.74 -7.48
C LYS A 46 -1.26 -11.38 -7.36
N GLY A 47 -1.60 -10.13 -7.55
CA GLY A 47 -3.02 -9.71 -7.45
C GLY A 47 -3.48 -9.80 -6.00
N ARG A 48 -2.57 -9.64 -5.07
CA ARG A 48 -2.95 -9.70 -3.63
C ARG A 48 -2.44 -8.45 -2.92
N ARG A 49 -2.96 -8.16 -1.76
CA ARG A 49 -2.49 -6.95 -1.03
C ARG A 49 -2.73 -7.13 0.47
N PHE A 50 -1.80 -6.71 1.28
CA PHE A 50 -1.97 -6.86 2.75
C PHE A 50 -1.62 -5.53 3.43
N CYS A 51 -2.10 -5.33 4.63
CA CYS A 51 -1.80 -4.05 5.34
C CYS A 51 -0.45 -4.16 6.05
N ALA A 52 0.35 -3.13 6.00
CA ALA A 52 1.68 -3.17 6.66
C ALA A 52 1.76 -2.06 7.71
N ASN A 53 2.67 -2.18 8.65
CA ASN A 53 2.79 -1.12 9.70
C ASN A 53 3.69 0.00 9.19
N PRO A 54 3.29 1.22 9.42
CA PRO A 54 4.05 2.41 8.98
C PRO A 54 5.25 2.63 9.90
N SER A 55 5.29 1.96 11.03
CA SER A 55 6.45 2.13 11.94
C SER A 55 7.46 1.00 11.71
N ASP A 56 7.20 0.15 10.74
CA ASP A 56 8.15 -0.96 10.46
C ASP A 56 9.29 -0.45 9.56
N LYS A 57 10.50 -0.56 10.02
CA LYS A 57 11.66 -0.07 9.21
C LYS A 57 11.52 -0.60 7.77
N GLN A 58 11.09 -1.82 7.62
CA GLN A 58 10.94 -2.39 6.26
C GLN A 58 9.95 -1.54 5.46
N VAL A 59 8.99 -0.94 6.11
CA VAL A 59 8.02 -0.10 5.38
C VAL A 59 8.67 1.25 5.03
N GLN A 60 9.45 1.79 5.91
CA GLN A 60 10.13 3.08 5.62
C GLN A 60 11.23 2.86 4.59
N VAL A 61 11.90 1.74 4.67
CA VAL A 61 12.99 1.45 3.69
C VAL A 61 12.37 1.07 2.34
N CYS A 62 11.14 0.61 2.34
CA CYS A 62 10.49 0.22 1.07
C CYS A 62 10.05 1.49 0.31
N MET A 63 9.58 2.47 1.02
CA MET A 63 9.14 3.73 0.35
C MET A 63 10.25 4.22 -0.58
N ARG A 64 11.48 3.91 -0.26
CA ARG A 64 12.61 4.36 -1.13
C ARG A 64 12.75 3.41 -2.32
N MET A 65 12.59 2.13 -2.09
CA MET A 65 12.71 1.16 -3.21
C MET A 65 11.62 1.42 -4.24
N LEU A 66 10.39 1.34 -3.84
CA LEU A 66 9.27 1.59 -4.80
C LEU A 66 9.17 3.09 -5.07
N LYS A 67 10.13 3.64 -5.78
CA LYS A 67 10.08 5.10 -6.08
C LYS A 67 8.77 5.44 -6.81
N LEU A 68 8.83 5.65 -8.10
CA LEU A 68 7.58 5.98 -8.84
C LEU A 68 6.99 4.69 -9.44
N ASP A 69 7.45 3.56 -8.99
CA ASP A 69 6.92 2.27 -9.54
C ASP A 69 5.44 2.13 -9.17
N THR A 70 4.95 2.99 -8.31
CA THR A 70 3.51 2.90 -7.91
C THR A 70 2.65 3.59 -8.97
N ARG A 71 2.30 2.89 -10.01
CA ARG A 71 1.45 3.50 -11.07
C ARG A 71 0.13 2.74 -11.17
N ILE A 72 -0.69 3.08 -12.13
CA ILE A 72 -2.00 2.38 -12.27
C ILE A 72 -2.74 2.40 -10.93
N LYS A 73 -3.65 3.34 -10.75
CA LYS A 73 -4.39 3.42 -9.47
C LYS A 73 -5.82 2.91 -9.69
N THR A 74 -6.20 2.68 -10.92
CA THR A 74 -7.58 2.18 -11.19
C THR A 74 -7.51 0.88 -11.99
N ARG A 75 -8.60 0.18 -12.12
CA ARG A 75 -8.59 -1.10 -12.88
C ARG A 75 -8.25 -0.81 -14.35
N LYS A 76 -9.17 -0.25 -15.08
CA LYS A 76 -8.90 0.05 -16.52
C LYS A 76 -9.96 1.02 -17.05
N ASN A 77 -11.20 0.79 -16.70
CA ASN A 77 -12.28 1.70 -17.18
C ASN A 77 -13.47 1.65 -16.21
N MET A 1 6.62 23.58 -7.44
CA MET A 1 8.06 23.18 -7.36
C MET A 1 8.43 22.90 -5.89
N ASP A 2 9.48 22.16 -5.66
CA ASP A 2 9.88 21.86 -4.26
C ASP A 2 8.70 21.25 -3.51
N ARG A 3 8.34 20.04 -3.84
CA ARG A 3 7.20 19.37 -3.14
C ARG A 3 7.63 18.98 -1.73
N PHE A 4 6.70 18.56 -0.92
CA PHE A 4 7.05 18.17 0.48
C PHE A 4 7.35 16.67 0.52
N HIS A 5 8.39 16.28 1.20
CA HIS A 5 8.74 14.84 1.28
C HIS A 5 9.06 14.48 2.74
N ALA A 6 9.77 15.34 3.43
CA ALA A 6 10.12 15.04 4.84
C ALA A 6 10.81 13.68 4.93
N THR A 7 11.06 13.21 6.12
CA THR A 7 11.73 11.89 6.27
C THR A 7 10.70 10.78 6.10
N SER A 8 10.42 10.39 4.89
CA SER A 8 9.43 9.30 4.66
C SER A 8 10.05 7.96 5.03
N ALA A 9 11.34 7.93 5.27
CA ALA A 9 12.00 6.65 5.64
C ALA A 9 11.46 6.16 6.99
N ASP A 10 10.76 5.07 7.00
CA ASP A 10 10.20 4.54 8.29
C ASP A 10 9.85 3.07 8.12
N CYS A 11 10.48 2.21 8.86
CA CYS A 11 10.19 0.76 8.75
C CYS A 11 9.08 0.38 9.75
N CYS A 12 8.44 -0.74 9.55
CA CYS A 12 7.35 -1.14 10.48
C CYS A 12 7.86 -2.26 11.40
N ILE A 13 7.65 -2.12 12.68
CA ILE A 13 8.10 -3.17 13.63
C ILE A 13 6.98 -4.17 13.87
N SER A 14 5.78 -3.84 13.44
CA SER A 14 4.64 -4.77 13.64
C SER A 14 3.49 -4.36 12.72
N TYR A 15 2.86 -5.30 12.07
CA TYR A 15 1.73 -4.96 11.16
C TYR A 15 0.41 -5.11 11.89
N THR A 16 -0.68 -4.74 11.27
CA THR A 16 -2.00 -4.87 11.93
C THR A 16 -2.56 -6.28 11.71
N PRO A 17 -2.83 -6.97 12.80
CA PRO A 17 -3.35 -8.35 12.73
C PRO A 17 -4.85 -8.32 12.42
N ARG A 18 -5.21 -8.02 11.21
CA ARG A 18 -6.66 -7.97 10.83
C ARG A 18 -6.81 -8.19 9.33
N SER A 19 -7.98 -8.51 8.88
CA SER A 19 -8.20 -8.73 7.42
C SER A 19 -8.68 -7.44 6.77
N ILE A 20 -7.93 -6.90 5.85
CA ILE A 20 -8.34 -5.64 5.19
C ILE A 20 -8.77 -5.94 3.75
N PRO A 21 -9.98 -5.56 3.42
CA PRO A 21 -10.54 -5.78 2.07
C PRO A 21 -9.98 -4.74 1.09
N CYS A 22 -9.65 -5.15 -0.11
CA CYS A 22 -9.11 -4.19 -1.11
C CYS A 22 -10.05 -2.98 -1.21
N SER A 23 -11.32 -3.19 -1.01
CA SER A 23 -12.29 -2.06 -1.11
C SER A 23 -12.01 -1.06 0.02
N LEU A 24 -11.19 -1.42 0.97
CA LEU A 24 -10.88 -0.50 2.08
C LEU A 24 -9.46 0.07 1.91
N LEU A 25 -8.87 -0.15 0.76
CA LEU A 25 -7.50 0.37 0.53
C LEU A 25 -7.48 1.24 -0.73
N GLU A 26 -6.96 2.43 -0.62
CA GLU A 26 -6.91 3.33 -1.82
C GLU A 26 -5.56 3.19 -2.51
N SER A 27 -4.51 2.96 -1.75
CA SER A 27 -3.17 2.81 -2.37
C SER A 27 -2.24 2.07 -1.39
N TYR A 28 -1.01 1.88 -1.77
CA TYR A 28 -0.06 1.17 -0.86
C TYR A 28 1.37 1.37 -1.36
N PHE A 29 2.34 1.15 -0.51
CA PHE A 29 3.75 1.33 -0.93
C PHE A 29 4.66 0.41 -0.10
N GLU A 30 5.88 0.24 -0.51
CA GLU A 30 6.81 -0.64 0.26
C GLU A 30 7.69 0.23 1.17
N THR A 31 7.96 -0.24 2.36
CA THR A 31 8.81 0.55 3.29
C THR A 31 10.29 0.32 2.96
N ASN A 32 11.18 0.92 3.69
CA ASN A 32 12.63 0.73 3.42
C ASN A 32 13.00 -0.73 3.60
N SER A 33 13.25 -1.43 2.53
CA SER A 33 13.62 -2.87 2.64
C SER A 33 14.99 -3.00 3.30
N GLU A 34 15.71 -1.92 3.40
CA GLU A 34 17.06 -1.99 4.04
C GLU A 34 16.91 -2.31 5.52
N CYS A 35 15.71 -2.26 6.03
CA CYS A 35 15.49 -2.57 7.47
C CYS A 35 15.48 -4.08 7.67
N SER A 36 15.44 -4.53 8.90
CA SER A 36 15.44 -5.99 9.16
C SER A 36 14.02 -6.55 8.95
N LYS A 37 13.03 -5.83 9.40
CA LYS A 37 11.62 -6.32 9.23
C LYS A 37 10.83 -5.33 8.38
N PRO A 38 10.91 -5.51 7.08
CA PRO A 38 10.20 -4.66 6.12
C PRO A 38 8.72 -5.05 6.04
N GLY A 39 7.95 -4.35 5.25
CA GLY A 39 6.51 -4.68 5.14
C GLY A 39 5.84 -3.74 4.14
N VAL A 40 4.57 -3.94 3.89
CA VAL A 40 3.86 -3.06 2.93
C VAL A 40 2.89 -2.14 3.69
N ILE A 41 2.85 -0.89 3.35
CA ILE A 41 1.93 0.05 4.06
C ILE A 41 0.65 0.21 3.24
N PHE A 42 -0.48 0.21 3.89
CA PHE A 42 -1.76 0.37 3.14
C PHE A 42 -2.45 1.66 3.57
N LEU A 43 -2.82 2.50 2.63
CA LEU A 43 -3.49 3.77 2.99
C LEU A 43 -4.99 3.65 2.73
N THR A 44 -5.79 3.68 3.75
CA THR A 44 -7.27 3.56 3.55
C THR A 44 -7.84 4.94 3.20
N LYS A 45 -8.96 4.98 2.53
CA LYS A 45 -9.57 6.29 2.18
C LYS A 45 -10.13 6.96 3.44
N LYS A 46 -10.09 6.28 4.54
CA LYS A 46 -10.62 6.88 5.81
C LYS A 46 -9.50 7.61 6.54
N GLY A 47 -8.46 7.96 5.83
CA GLY A 47 -7.32 8.68 6.48
C GLY A 47 -6.64 7.76 7.49
N ARG A 48 -6.35 6.54 7.10
CA ARG A 48 -5.68 5.60 8.04
C ARG A 48 -4.60 4.82 7.28
N ARG A 49 -3.54 4.47 7.94
CA ARG A 49 -2.44 3.72 7.26
C ARG A 49 -1.89 2.65 8.21
N PHE A 50 -1.51 1.52 7.67
CA PHE A 50 -0.96 0.44 8.53
C PHE A 50 -0.10 -0.51 7.68
N CYS A 51 0.81 -1.22 8.28
CA CYS A 51 1.67 -2.15 7.50
C CYS A 51 1.01 -3.53 7.46
N ALA A 52 1.42 -4.34 6.51
CA ALA A 52 0.84 -5.71 6.40
C ALA A 52 1.95 -6.71 6.05
N ASN A 53 1.79 -7.95 6.42
CA ASN A 53 2.85 -8.96 6.10
C ASN A 53 2.91 -9.15 4.57
N PRO A 54 4.10 -9.06 4.03
CA PRO A 54 4.32 -9.24 2.59
C PRO A 54 4.26 -10.71 2.21
N SER A 55 4.09 -11.57 3.19
CA SER A 55 4.01 -13.03 2.89
C SER A 55 2.54 -13.44 2.80
N ASP A 56 1.64 -12.55 3.10
CA ASP A 56 0.19 -12.88 3.02
C ASP A 56 -0.26 -12.86 1.56
N LYS A 57 -0.65 -13.99 1.03
CA LYS A 57 -1.10 -14.03 -0.39
C LYS A 57 -2.19 -12.98 -0.61
N GLN A 58 -2.87 -12.59 0.43
CA GLN A 58 -3.95 -11.58 0.28
C GLN A 58 -3.32 -10.19 0.06
N VAL A 59 -2.13 -9.99 0.56
CA VAL A 59 -1.46 -8.67 0.37
C VAL A 59 -0.86 -8.60 -1.02
N GLN A 60 -0.30 -9.68 -1.50
CA GLN A 60 0.29 -9.66 -2.87
C GLN A 60 -0.83 -9.66 -3.91
N VAL A 61 -1.96 -10.22 -3.59
CA VAL A 61 -3.09 -10.24 -4.56
C VAL A 61 -3.72 -8.86 -4.64
N CYS A 62 -3.81 -8.17 -3.53
CA CYS A 62 -4.42 -6.81 -3.54
C CYS A 62 -3.46 -5.81 -4.18
N MET A 63 -2.19 -5.96 -3.94
CA MET A 63 -1.21 -5.01 -4.54
C MET A 63 -1.21 -5.15 -6.07
N ARG A 64 -1.73 -6.26 -6.57
CA ARG A 64 -1.76 -6.45 -8.04
C ARG A 64 -2.76 -5.47 -8.67
N MET A 65 -3.94 -5.39 -8.12
CA MET A 65 -4.96 -4.45 -8.68
C MET A 65 -4.53 -3.01 -8.40
N LEU A 66 -4.14 -2.72 -7.19
CA LEU A 66 -3.72 -1.34 -6.85
C LEU A 66 -2.34 -1.05 -7.47
N LYS A 67 -1.73 -2.04 -8.06
CA LYS A 67 -0.39 -1.83 -8.68
C LYS A 67 -0.41 -0.54 -9.51
N LEU A 68 -1.55 -0.19 -10.05
CA LEU A 68 -1.64 1.05 -10.87
C LEU A 68 -1.85 2.25 -9.95
N ASP A 69 -0.96 3.20 -9.99
CA ASP A 69 -1.11 4.40 -9.11
C ASP A 69 -2.00 5.43 -9.81
N THR A 70 -3.29 5.28 -9.71
CA THR A 70 -4.21 6.26 -10.37
C THR A 70 -3.90 6.31 -11.87
N ARG A 71 -4.43 5.37 -12.62
CA ARG A 71 -4.16 5.38 -14.09
C ARG A 71 -5.26 4.56 -14.79
N ILE A 72 -5.91 5.15 -15.76
CA ILE A 72 -6.98 4.41 -16.49
C ILE A 72 -6.68 4.42 -17.99
N LYS A 73 -5.61 3.78 -18.40
CA LYS A 73 -5.27 3.76 -19.84
C LYS A 73 -4.16 2.73 -20.08
N THR A 74 -4.34 1.53 -19.61
CA THR A 74 -3.30 0.48 -19.82
C THR A 74 -3.33 0.01 -21.27
N ARG A 75 -4.11 -1.00 -21.55
CA ARG A 75 -4.17 -1.51 -22.95
C ARG A 75 -5.02 -2.78 -22.99
N LYS A 76 -5.50 -3.16 -24.15
CA LYS A 76 -6.33 -4.39 -24.26
C LYS A 76 -5.99 -5.12 -25.56
N ASN A 77 -4.90 -4.75 -26.19
CA ASN A 77 -4.53 -5.43 -27.46
C ASN A 77 -5.74 -5.47 -28.40
N MET A 1 13.82 3.88 15.03
CA MET A 1 13.07 5.17 14.90
C MET A 1 13.98 6.21 14.23
N ASP A 2 14.97 6.69 14.93
CA ASP A 2 15.89 7.70 14.33
C ASP A 2 17.14 7.01 13.80
N ARG A 3 17.20 5.71 13.90
CA ARG A 3 18.40 4.98 13.40
C ARG A 3 18.46 5.07 11.87
N PHE A 4 18.95 6.17 11.36
CA PHE A 4 19.04 6.31 9.88
C PHE A 4 20.36 5.73 9.38
N HIS A 5 20.31 4.82 8.45
CA HIS A 5 21.57 4.21 7.92
C HIS A 5 21.31 3.62 6.54
N ALA A 6 20.39 2.70 6.44
CA ALA A 6 20.08 2.09 5.11
C ALA A 6 18.57 1.86 4.99
N THR A 7 18.05 0.89 5.69
CA THR A 7 16.58 0.62 5.61
C THR A 7 16.11 -0.03 6.91
N SER A 8 15.17 0.58 7.59
CA SER A 8 14.67 0.00 8.86
C SER A 8 13.58 -1.03 8.55
N ALA A 9 13.28 -1.87 9.50
CA ALA A 9 12.22 -2.91 9.26
C ALA A 9 10.93 -2.23 8.79
N ASP A 10 10.11 -2.94 8.09
CA ASP A 10 8.83 -2.32 7.61
C ASP A 10 7.65 -3.20 8.03
N CYS A 11 7.50 -3.43 9.31
CA CYS A 11 6.37 -4.27 9.78
C CYS A 11 5.14 -3.40 10.02
N CYS A 12 3.96 -3.97 9.93
CA CYS A 12 2.73 -3.17 10.15
C CYS A 12 2.16 -3.47 11.53
N ILE A 13 2.31 -2.57 12.45
CA ILE A 13 1.78 -2.81 13.84
C ILE A 13 0.53 -1.95 14.05
N SER A 14 0.28 -1.03 13.16
CA SER A 14 -0.92 -0.16 13.31
C SER A 14 -1.52 0.14 11.95
N TYR A 15 -2.80 -0.09 11.78
CA TYR A 15 -3.44 0.17 10.47
C TYR A 15 -4.33 1.42 10.57
N THR A 16 -4.27 2.28 9.60
CA THR A 16 -5.10 3.52 9.65
C THR A 16 -6.57 3.13 9.86
N PRO A 17 -7.09 3.47 11.02
CA PRO A 17 -8.50 3.17 11.38
C PRO A 17 -9.44 4.14 10.68
N ARG A 18 -9.61 4.00 9.39
CA ARG A 18 -10.53 4.91 8.65
C ARG A 18 -10.73 4.37 7.23
N SER A 19 -11.75 4.84 6.56
CA SER A 19 -12.00 4.37 5.17
C SER A 19 -11.32 5.30 4.17
N ILE A 20 -10.32 4.84 3.48
CA ILE A 20 -9.62 5.71 2.51
C ILE A 20 -10.13 5.40 1.09
N PRO A 21 -10.41 6.45 0.34
CA PRO A 21 -10.92 6.31 -1.04
C PRO A 21 -9.77 5.99 -1.99
N CYS A 22 -10.04 5.22 -3.02
CA CYS A 22 -8.96 4.87 -3.99
C CYS A 22 -8.34 6.16 -4.54
N SER A 23 -9.03 7.26 -4.41
CA SER A 23 -8.49 8.55 -4.94
C SER A 23 -7.24 8.93 -4.12
N LEU A 24 -7.18 8.53 -2.89
CA LEU A 24 -6.00 8.88 -2.05
C LEU A 24 -5.00 7.72 -2.08
N LEU A 25 -5.16 6.79 -2.98
CA LEU A 25 -4.22 5.65 -3.06
C LEU A 25 -3.64 5.56 -4.47
N GLU A 26 -2.39 5.91 -4.63
CA GLU A 26 -1.78 5.84 -5.99
C GLU A 26 -1.03 4.52 -6.15
N SER A 27 -0.77 3.82 -5.08
CA SER A 27 -0.06 2.53 -5.19
C SER A 27 -0.17 1.75 -3.88
N TYR A 28 0.36 0.56 -3.83
CA TYR A 28 0.27 -0.25 -2.57
C TYR A 28 1.18 -1.46 -2.69
N PHE A 29 1.56 -2.05 -1.59
CA PHE A 29 2.45 -3.25 -1.65
C PHE A 29 2.35 -4.02 -0.33
N GLU A 30 2.95 -5.17 -0.26
CA GLU A 30 2.89 -5.97 1.00
C GLU A 30 4.17 -5.74 1.81
N THR A 31 4.08 -5.80 3.11
CA THR A 31 5.29 -5.59 3.95
C THR A 31 6.29 -6.72 3.71
N ASN A 32 7.38 -6.73 4.42
CA ASN A 32 8.40 -7.80 4.22
C ASN A 32 7.85 -9.12 4.78
N SER A 33 8.19 -10.22 4.16
CA SER A 33 7.68 -11.53 4.66
C SER A 33 8.40 -11.89 5.96
N GLU A 34 9.39 -11.13 6.34
CA GLU A 34 10.12 -11.42 7.60
C GLU A 34 9.35 -10.85 8.79
N CYS A 35 8.52 -9.86 8.54
CA CYS A 35 7.73 -9.26 9.66
C CYS A 35 6.75 -10.30 10.21
N SER A 36 6.94 -10.72 11.44
CA SER A 36 6.02 -11.73 12.02
C SER A 36 4.57 -11.32 11.75
N LYS A 37 4.30 -10.05 11.74
CA LYS A 37 2.90 -9.58 11.47
C LYS A 37 2.81 -9.05 10.03
N PRO A 38 1.98 -9.67 9.24
CA PRO A 38 1.79 -9.27 7.83
C PRO A 38 0.89 -8.04 7.74
N GLY A 39 0.82 -7.42 6.59
CA GLY A 39 -0.02 -6.23 6.43
C GLY A 39 0.18 -5.63 5.04
N VAL A 40 -0.62 -4.67 4.68
CA VAL A 40 -0.48 -4.04 3.33
C VAL A 40 -0.07 -2.57 3.49
N ILE A 41 0.68 -2.05 2.56
CA ILE A 41 1.11 -0.63 2.66
C ILE A 41 0.51 0.16 1.50
N PHE A 42 -0.33 1.12 1.80
CA PHE A 42 -0.95 1.94 0.71
C PHE A 42 -0.18 3.25 0.56
N LEU A 43 0.17 3.59 -0.66
CA LEU A 43 0.92 4.85 -0.88
C LEU A 43 -0.05 5.95 -1.33
N THR A 44 0.10 7.14 -0.82
CA THR A 44 -0.81 8.24 -1.22
C THR A 44 -0.08 9.20 -2.16
N LYS A 45 -0.79 10.11 -2.76
CA LYS A 45 -0.13 11.07 -3.70
C LYS A 45 0.57 12.16 -2.89
N LYS A 46 0.54 12.07 -1.59
CA LYS A 46 1.21 13.11 -0.75
C LYS A 46 2.50 12.53 -0.16
N GLY A 47 3.11 11.60 -0.84
CA GLY A 47 4.36 10.99 -0.32
C GLY A 47 4.10 10.40 1.07
N ARG A 48 2.91 9.94 1.31
CA ARG A 48 2.59 9.34 2.64
C ARG A 48 2.12 7.90 2.46
N ARG A 49 2.44 7.03 3.38
CA ARG A 49 2.01 5.62 3.25
C ARG A 49 1.54 5.11 4.62
N PHE A 50 0.53 4.27 4.64
CA PHE A 50 0.03 3.74 5.94
C PHE A 50 -0.30 2.25 5.79
N CYS A 51 -0.33 1.53 6.88
CA CYS A 51 -0.64 0.08 6.80
C CYS A 51 -2.16 -0.12 6.71
N ALA A 52 -2.59 -1.18 6.08
CA ALA A 52 -4.05 -1.43 5.96
C ALA A 52 -4.33 -2.93 6.07
N ASN A 53 -5.53 -3.31 6.42
CA ASN A 53 -5.86 -4.76 6.55
C ASN A 53 -6.36 -5.28 5.20
N PRO A 54 -5.74 -6.33 4.70
CA PRO A 54 -6.12 -6.94 3.43
C PRO A 54 -7.41 -7.76 3.58
N SER A 55 -7.96 -7.78 4.76
CA SER A 55 -9.21 -8.55 4.97
C SER A 55 -10.41 -7.62 4.75
N ASP A 56 -10.17 -6.35 4.61
CA ASP A 56 -11.30 -5.40 4.39
C ASP A 56 -11.76 -5.50 2.93
N LYS A 57 -13.02 -5.78 2.71
CA LYS A 57 -13.51 -5.88 1.31
C LYS A 57 -13.13 -4.62 0.54
N GLN A 58 -13.20 -3.48 1.17
CA GLN A 58 -12.83 -2.22 0.47
C GLN A 58 -11.39 -2.31 -0.03
N VAL A 59 -10.56 -3.03 0.66
CA VAL A 59 -9.14 -3.15 0.23
C VAL A 59 -9.07 -4.06 -1.00
N GLN A 60 -9.79 -5.16 -0.99
CA GLN A 60 -9.76 -6.09 -2.15
C GLN A 60 -10.45 -5.41 -3.35
N VAL A 61 -11.49 -4.66 -3.10
CA VAL A 61 -12.20 -3.99 -4.22
C VAL A 61 -11.29 -2.90 -4.81
N CYS A 62 -10.62 -2.16 -3.97
CA CYS A 62 -9.73 -1.08 -4.47
C CYS A 62 -8.44 -1.70 -5.01
N MET A 63 -7.95 -2.72 -4.37
CA MET A 63 -6.70 -3.38 -4.85
C MET A 63 -6.85 -3.76 -6.33
N ARG A 64 -8.07 -3.88 -6.80
CA ARG A 64 -8.28 -4.25 -8.21
C ARG A 64 -8.08 -3.02 -9.09
N MET A 65 -8.60 -1.89 -8.70
CA MET A 65 -8.43 -0.65 -9.50
C MET A 65 -6.94 -0.32 -9.63
N LEU A 66 -6.21 -0.42 -8.55
CA LEU A 66 -4.75 -0.10 -8.61
C LEU A 66 -4.02 -1.24 -9.33
N LYS A 67 -4.37 -2.46 -9.07
CA LYS A 67 -3.69 -3.60 -9.74
C LYS A 67 -3.62 -3.34 -11.24
N LEU A 68 -4.61 -2.70 -11.79
CA LEU A 68 -4.60 -2.41 -13.25
C LEU A 68 -3.33 -1.63 -13.60
N ASP A 69 -2.58 -2.10 -14.56
CA ASP A 69 -1.34 -1.38 -14.95
C ASP A 69 -1.69 -0.11 -15.73
N THR A 70 -2.12 -0.26 -16.95
CA THR A 70 -2.49 0.94 -17.76
C THR A 70 -1.25 1.83 -17.95
N ARG A 71 -1.33 2.78 -18.83
CA ARG A 71 -0.16 3.68 -19.06
C ARG A 71 1.03 2.85 -19.55
N ILE A 72 1.84 3.39 -20.41
CA ILE A 72 3.01 2.63 -20.92
C ILE A 72 2.54 1.34 -21.60
N LYS A 73 2.43 1.35 -22.90
CA LYS A 73 1.96 0.12 -23.61
C LYS A 73 3.13 -0.87 -23.72
N THR A 74 3.21 -1.80 -22.82
CA THR A 74 4.32 -2.79 -22.87
C THR A 74 3.84 -4.04 -23.62
N ARG A 75 4.66 -5.05 -23.69
CA ARG A 75 4.26 -6.30 -24.39
C ARG A 75 4.15 -7.45 -23.39
N LYS A 76 2.97 -7.74 -22.92
CA LYS A 76 2.82 -8.84 -21.93
C LYS A 76 1.55 -9.64 -22.26
N ASN A 77 1.01 -9.45 -23.44
CA ASN A 77 -0.22 -10.20 -23.81
C ASN A 77 -1.42 -9.65 -23.02
N MET A 1 -0.20 7.01 -25.22
CA MET A 1 -1.17 5.97 -25.65
C MET A 1 -0.41 4.73 -26.15
N ASP A 2 -0.62 3.61 -25.54
CA ASP A 2 0.09 2.37 -25.98
C ASP A 2 -0.91 1.24 -26.19
N ARG A 3 -1.28 0.56 -25.14
CA ARG A 3 -2.26 -0.56 -25.29
C ARG A 3 -3.68 0.01 -25.28
N PHE A 4 -4.66 -0.81 -25.55
CA PHE A 4 -6.06 -0.32 -25.57
C PHE A 4 -6.85 -0.98 -24.43
N HIS A 5 -6.67 -0.50 -23.22
CA HIS A 5 -7.41 -1.09 -22.07
C HIS A 5 -8.33 -0.04 -21.46
N ALA A 6 -9.29 -0.46 -20.69
CA ALA A 6 -10.24 0.52 -20.06
C ALA A 6 -10.63 0.02 -18.67
N THR A 7 -10.67 0.91 -17.71
CA THR A 7 -11.05 0.48 -16.33
C THR A 7 -12.13 1.43 -15.78
N SER A 8 -12.48 1.29 -14.54
CA SER A 8 -13.51 2.19 -13.96
C SER A 8 -12.83 3.23 -13.07
N ALA A 9 -13.41 4.41 -12.98
CA ALA A 9 -12.80 5.47 -12.14
C ALA A 9 -12.48 4.91 -10.75
N ASP A 10 -11.45 5.39 -10.12
CA ASP A 10 -11.10 4.89 -8.77
C ASP A 10 -10.12 5.86 -8.10
N CYS A 11 -10.61 6.94 -7.55
CA CYS A 11 -9.71 7.91 -6.88
C CYS A 11 -9.84 7.78 -5.36
N CYS A 12 -8.87 8.26 -4.63
CA CYS A 12 -8.94 8.16 -3.15
C CYS A 12 -9.97 9.15 -2.61
N ILE A 13 -10.58 8.85 -1.50
CA ILE A 13 -11.60 9.77 -0.93
C ILE A 13 -11.15 10.21 0.47
N SER A 14 -10.66 9.30 1.26
CA SER A 14 -10.20 9.66 2.63
C SER A 14 -9.04 8.75 3.04
N TYR A 15 -8.16 9.23 3.88
CA TYR A 15 -7.02 8.38 4.32
C TYR A 15 -7.27 7.85 5.73
N THR A 16 -7.08 6.57 5.93
CA THR A 16 -7.32 5.99 7.28
C THR A 16 -6.66 6.89 8.34
N PRO A 17 -7.47 7.63 9.05
CA PRO A 17 -7.01 8.55 10.11
C PRO A 17 -6.65 7.76 11.37
N ARG A 18 -5.72 6.86 11.28
CA ARG A 18 -5.34 6.05 12.47
C ARG A 18 -3.90 5.55 12.31
N SER A 19 -3.31 5.05 13.36
CA SER A 19 -1.91 4.55 13.27
C SER A 19 -1.94 3.05 12.98
N ILE A 20 -1.87 2.68 11.72
CA ILE A 20 -1.88 1.23 11.38
C ILE A 20 -0.50 0.79 10.90
N PRO A 21 0.11 -0.13 11.61
CA PRO A 21 1.45 -0.64 11.27
C PRO A 21 1.36 -1.63 10.12
N CYS A 22 2.46 -1.87 9.44
CA CYS A 22 2.44 -2.82 8.30
C CYS A 22 1.91 -4.17 8.78
N SER A 23 2.17 -4.52 10.01
CA SER A 23 1.69 -5.83 10.55
C SER A 23 0.21 -6.00 10.19
N LEU A 24 -0.49 -4.92 9.98
CA LEU A 24 -1.94 -5.02 9.63
C LEU A 24 -2.12 -4.76 8.14
N LEU A 25 -1.08 -4.90 7.37
CA LEU A 25 -1.20 -4.65 5.90
C LEU A 25 -0.72 -5.90 5.14
N GLU A 26 -1.43 -6.28 4.12
CA GLU A 26 -1.02 -7.48 3.32
C GLU A 26 -0.45 -7.03 1.99
N SER A 27 -0.88 -5.91 1.49
CA SER A 27 -0.35 -5.42 0.17
C SER A 27 -0.75 -3.96 -0.02
N TYR A 28 -0.09 -3.27 -0.91
CA TYR A 28 -0.43 -1.83 -1.14
C TYR A 28 -0.15 -1.48 -2.60
N PHE A 29 -0.72 -0.41 -3.08
CA PHE A 29 -0.48 0.00 -4.49
C PHE A 29 -0.79 1.49 -4.65
N GLU A 30 -0.49 2.06 -5.78
CA GLU A 30 -0.76 3.51 -6.00
C GLU A 30 -2.03 3.67 -6.84
N THR A 31 -2.70 4.78 -6.70
CA THR A 31 -3.94 5.01 -7.49
C THR A 31 -3.57 5.43 -8.92
N ASN A 32 -4.53 5.56 -9.78
CA ASN A 32 -4.23 5.97 -11.18
C ASN A 32 -3.85 7.46 -11.20
N SER A 33 -2.95 7.83 -12.05
CA SER A 33 -2.53 9.26 -12.13
C SER A 33 -3.69 10.11 -12.68
N GLU A 34 -4.58 9.49 -13.41
CA GLU A 34 -5.72 10.24 -13.98
C GLU A 34 -6.52 10.88 -12.85
N CYS A 35 -6.37 10.39 -11.65
CA CYS A 35 -7.12 10.97 -10.50
C CYS A 35 -6.48 12.28 -10.08
N SER A 36 -7.25 13.33 -10.00
CA SER A 36 -6.67 14.65 -9.59
C SER A 36 -5.92 14.49 -8.26
N LYS A 37 -6.47 13.75 -7.35
CA LYS A 37 -5.79 13.55 -6.04
C LYS A 37 -5.52 12.06 -5.81
N PRO A 38 -4.36 11.62 -6.21
CA PRO A 38 -3.94 10.22 -6.06
C PRO A 38 -3.52 9.93 -4.62
N GLY A 39 -3.14 8.72 -4.34
CA GLY A 39 -2.71 8.37 -2.96
C GLY A 39 -2.28 6.90 -2.91
N VAL A 40 -1.91 6.43 -1.75
CA VAL A 40 -1.47 5.01 -1.63
C VAL A 40 -2.61 4.17 -1.03
N ILE A 41 -2.88 3.03 -1.59
CA ILE A 41 -3.98 2.18 -1.05
C ILE A 41 -3.38 1.00 -0.27
N PHE A 42 -3.71 0.88 0.98
CA PHE A 42 -3.15 -0.24 1.79
C PHE A 42 -4.25 -1.28 2.03
N LEU A 43 -4.01 -2.50 1.62
CA LEU A 43 -5.04 -3.56 1.83
C LEU A 43 -4.68 -4.40 3.06
N THR A 44 -5.62 -4.61 3.94
CA THR A 44 -5.33 -5.40 5.17
C THR A 44 -5.70 -6.87 4.92
N LYS A 45 -5.36 -7.74 5.83
CA LYS A 45 -5.69 -9.18 5.65
C LYS A 45 -7.15 -9.42 6.03
N LYS A 46 -7.89 -8.37 6.31
CA LYS A 46 -9.32 -8.55 6.69
C LYS A 46 -10.19 -8.22 5.47
N GLY A 47 -9.67 -8.38 4.30
CA GLY A 47 -10.46 -8.09 3.07
C GLY A 47 -10.88 -6.62 3.08
N ARG A 48 -10.05 -5.75 3.58
CA ARG A 48 -10.40 -4.30 3.61
C ARG A 48 -9.21 -3.48 3.15
N ARG A 49 -9.44 -2.25 2.76
CA ARG A 49 -8.30 -1.40 2.29
C ARG A 49 -8.65 0.08 2.51
N PHE A 50 -7.66 0.91 2.67
CA PHE A 50 -7.94 2.36 2.88
C PHE A 50 -6.82 3.18 2.21
N CYS A 51 -7.10 4.42 1.90
CA CYS A 51 -6.07 5.27 1.24
C CYS A 51 -5.07 5.77 2.29
N ALA A 52 -3.88 6.10 1.89
CA ALA A 52 -2.86 6.60 2.85
C ALA A 52 -2.08 7.75 2.22
N ASN A 53 -1.44 8.56 3.02
CA ASN A 53 -0.66 9.69 2.46
C ASN A 53 0.81 9.27 2.27
N PRO A 54 1.35 9.56 1.12
CA PRO A 54 2.75 9.21 0.80
C PRO A 54 3.71 10.17 1.52
N SER A 55 3.18 11.21 2.10
CA SER A 55 4.06 12.17 2.83
C SER A 55 4.35 11.62 4.24
N ASP A 56 3.67 10.57 4.62
CA ASP A 56 3.90 9.99 5.98
C ASP A 56 5.21 9.20 5.97
N LYS A 57 6.14 9.56 6.81
CA LYS A 57 7.44 8.82 6.85
C LYS A 57 7.17 7.34 7.14
N GLN A 58 6.25 7.06 8.01
CA GLN A 58 5.96 5.63 8.33
C GLN A 58 5.50 4.90 7.07
N VAL A 59 4.87 5.61 6.16
CA VAL A 59 4.40 4.96 4.90
C VAL A 59 5.60 4.67 4.00
N GLN A 60 6.53 5.59 3.93
CA GLN A 60 7.74 5.36 3.07
C GLN A 60 8.54 4.18 3.63
N VAL A 61 8.58 4.03 4.93
CA VAL A 61 9.35 2.90 5.52
C VAL A 61 8.56 1.61 5.33
N CYS A 62 7.27 1.69 5.21
CA CYS A 62 6.45 0.45 5.04
C CYS A 62 6.52 -0.02 3.58
N MET A 63 6.57 0.90 2.66
CA MET A 63 6.64 0.50 1.23
C MET A 63 7.69 -0.60 1.05
N ARG A 64 8.75 -0.54 1.80
CA ARG A 64 9.82 -1.57 1.67
C ARG A 64 9.45 -2.79 2.53
N MET A 65 8.74 -2.56 3.60
CA MET A 65 8.35 -3.71 4.49
C MET A 65 7.47 -4.68 3.71
N LEU A 66 6.41 -4.18 3.12
CA LEU A 66 5.50 -5.09 2.35
C LEU A 66 6.21 -5.54 1.07
N LYS A 67 7.14 -4.77 0.59
CA LYS A 67 7.87 -5.15 -0.65
C LYS A 67 8.65 -6.45 -0.42
N LEU A 68 8.90 -6.78 0.82
CA LEU A 68 9.65 -8.03 1.12
C LEU A 68 8.67 -9.20 1.27
N ASP A 69 8.82 -10.22 0.48
CA ASP A 69 7.91 -11.39 0.58
C ASP A 69 8.20 -12.15 1.88
N THR A 70 9.41 -12.05 2.37
CA THR A 70 9.75 -12.76 3.63
C THR A 70 9.19 -14.19 3.58
N ARG A 71 9.47 -14.91 2.53
CA ARG A 71 8.96 -16.31 2.43
C ARG A 71 10.12 -17.29 2.61
N ILE A 72 11.32 -16.80 2.68
CA ILE A 72 12.49 -17.70 2.86
C ILE A 72 13.36 -17.18 4.00
N LYS A 73 14.66 -17.25 3.87
CA LYS A 73 15.56 -16.76 4.95
C LYS A 73 15.76 -15.25 4.78
N THR A 74 15.47 -14.72 3.63
CA THR A 74 15.66 -13.26 3.40
C THR A 74 17.04 -12.84 3.90
N ARG A 75 18.06 -13.11 3.12
CA ARG A 75 19.44 -12.73 3.54
C ARG A 75 19.44 -11.27 4.00
N LYS A 76 19.77 -11.03 5.24
CA LYS A 76 19.80 -9.62 5.74
C LYS A 76 20.99 -9.44 6.68
N ASN A 77 21.94 -10.34 6.63
CA ASN A 77 23.13 -10.21 7.52
C ASN A 77 22.68 -10.03 8.97
N MET A 1 17.30 16.64 -6.60
CA MET A 1 17.28 15.99 -5.26
C MET A 1 17.46 14.47 -5.42
N ASP A 2 18.65 13.97 -5.25
CA ASP A 2 18.87 12.51 -5.40
C ASP A 2 17.77 11.74 -4.68
N ARG A 3 17.37 10.62 -5.20
CA ARG A 3 16.30 9.82 -4.55
C ARG A 3 16.90 8.98 -3.42
N PHE A 4 17.22 9.60 -2.31
CA PHE A 4 17.80 8.84 -1.17
C PHE A 4 16.68 8.26 -0.30
N HIS A 5 17.02 7.71 0.83
CA HIS A 5 15.98 7.12 1.72
C HIS A 5 15.87 7.96 3.00
N ALA A 6 14.77 7.87 3.67
CA ALA A 6 14.60 8.66 4.93
C ALA A 6 13.31 8.23 5.64
N THR A 7 13.08 6.95 5.75
CA THR A 7 11.84 6.48 6.42
C THR A 7 12.06 6.45 7.93
N SER A 8 11.30 7.23 8.67
CA SER A 8 11.46 7.24 10.15
C SER A 8 11.11 5.87 10.72
N ALA A 9 10.11 5.25 10.17
CA ALA A 9 9.70 3.90 10.67
C ALA A 9 10.26 2.82 9.75
N ASP A 10 10.15 1.58 10.14
CA ASP A 10 10.69 0.48 9.29
C ASP A 10 9.71 -0.71 9.33
N CYS A 11 9.38 -1.17 10.50
CA CYS A 11 8.44 -2.33 10.60
C CYS A 11 7.06 -1.82 11.02
N CYS A 12 6.04 -2.61 10.84
CA CYS A 12 4.67 -2.17 11.23
C CYS A 12 4.51 -2.30 12.74
N ILE A 13 4.09 -1.25 13.39
CA ILE A 13 3.91 -1.31 14.86
C ILE A 13 2.43 -1.52 15.20
N SER A 14 1.55 -0.81 14.53
CA SER A 14 0.10 -0.97 14.79
C SER A 14 -0.66 -0.96 13.46
N TYR A 15 -1.78 -1.64 13.40
CA TYR A 15 -2.55 -1.66 12.13
C TYR A 15 -3.85 -0.86 12.30
N THR A 16 -4.13 0.03 11.38
CA THR A 16 -5.36 0.85 11.49
C THR A 16 -6.56 -0.08 11.74
N PRO A 17 -7.09 -0.02 12.94
CA PRO A 17 -8.26 -0.84 13.32
C PRO A 17 -9.54 -0.27 12.74
N ARG A 18 -9.59 -0.10 11.44
CA ARG A 18 -10.82 0.46 10.81
C ARG A 18 -10.87 0.04 9.34
N SER A 19 -12.04 -0.02 8.77
CA SER A 19 -12.15 -0.41 7.34
C SER A 19 -12.13 0.84 6.45
N ILE A 20 -10.99 1.19 5.93
CA ILE A 20 -10.91 2.40 5.07
C ILE A 20 -11.17 2.01 3.61
N PRO A 21 -11.90 2.84 2.92
CA PRO A 21 -12.24 2.61 1.50
C PRO A 21 -11.05 2.97 0.60
N CYS A 22 -10.96 2.38 -0.56
CA CYS A 22 -9.85 2.69 -1.48
C CYS A 22 -9.94 4.14 -1.95
N SER A 23 -11.04 4.79 -1.67
CA SER A 23 -11.19 6.21 -2.10
C SER A 23 -10.18 7.08 -1.35
N LEU A 24 -9.86 6.73 -0.13
CA LEU A 24 -8.87 7.55 0.63
C LEU A 24 -7.49 6.91 0.55
N LEU A 25 -7.26 6.11 -0.46
CA LEU A 25 -5.93 5.46 -0.61
C LEU A 25 -5.35 5.79 -1.99
N GLU A 26 -4.14 6.29 -2.02
CA GLU A 26 -3.51 6.63 -3.33
C GLU A 26 -2.63 5.47 -3.79
N SER A 27 -2.21 4.64 -2.88
CA SER A 27 -1.35 3.49 -3.26
C SER A 27 -1.00 2.67 -2.01
N TYR A 28 -0.24 1.62 -2.18
CA TYR A 28 0.14 0.78 -0.99
C TYR A 28 1.36 -0.08 -1.34
N PHE A 29 1.91 -0.75 -0.38
CA PHE A 29 3.10 -1.61 -0.65
C PHE A 29 3.32 -2.56 0.54
N GLU A 30 4.15 -3.55 0.35
CA GLU A 30 4.41 -4.50 1.47
C GLU A 30 5.68 -4.09 2.22
N THR A 31 5.85 -4.56 3.42
CA THR A 31 7.07 -4.19 4.20
C THR A 31 8.22 -5.13 3.83
N ASN A 32 9.42 -4.82 4.26
CA ASN A 32 10.57 -5.70 3.93
C ASN A 32 10.55 -6.92 4.85
N SER A 33 10.73 -8.09 4.30
CA SER A 33 10.73 -9.32 5.15
C SER A 33 11.81 -9.20 6.24
N GLU A 34 12.77 -8.33 6.04
CA GLU A 34 13.85 -8.16 7.05
C GLU A 34 13.21 -7.81 8.40
N CYS A 35 12.11 -7.11 8.39
CA CYS A 35 11.45 -6.75 9.68
C CYS A 35 10.91 -8.00 10.35
N SER A 36 10.97 -8.07 11.65
CA SER A 36 10.45 -9.28 12.37
C SER A 36 8.94 -9.38 12.16
N LYS A 37 8.25 -8.27 12.18
CA LYS A 37 6.77 -8.31 12.00
C LYS A 37 6.42 -7.73 10.62
N PRO A 38 6.02 -8.59 9.71
CA PRO A 38 5.63 -8.19 8.35
C PRO A 38 4.24 -7.58 8.35
N GLY A 39 3.87 -6.93 7.27
CA GLY A 39 2.53 -6.31 7.19
C GLY A 39 2.42 -5.47 5.92
N VAL A 40 1.30 -4.83 5.71
CA VAL A 40 1.13 -4.01 4.49
C VAL A 40 0.93 -2.55 4.88
N ILE A 41 1.34 -1.64 4.04
CA ILE A 41 1.17 -0.19 4.36
C ILE A 41 0.36 0.48 3.25
N PHE A 42 -0.56 1.34 3.61
CA PHE A 42 -1.39 2.03 2.58
C PHE A 42 -1.11 3.53 2.63
N LEU A 43 -1.01 4.16 1.49
CA LEU A 43 -0.74 5.63 1.47
C LEU A 43 -2.05 6.37 1.21
N THR A 44 -2.24 7.49 1.86
CA THR A 44 -3.49 8.27 1.64
C THR A 44 -3.19 9.49 0.79
N LYS A 45 -4.20 10.13 0.25
CA LYS A 45 -3.97 11.33 -0.59
C LYS A 45 -3.68 12.53 0.30
N LYS A 46 -3.63 12.33 1.58
CA LYS A 46 -3.34 13.47 2.51
C LYS A 46 -1.92 13.32 3.05
N GLY A 47 -1.03 12.74 2.29
CA GLY A 47 0.37 12.59 2.76
C GLY A 47 0.39 11.78 4.06
N ARG A 48 -0.52 10.86 4.20
CA ARG A 48 -0.55 10.04 5.44
C ARG A 48 -0.42 8.56 5.08
N ARG A 49 0.03 7.75 6.01
CA ARG A 49 0.19 6.29 5.70
C ARG A 49 -0.06 5.48 6.97
N PHE A 50 -0.46 4.25 6.84
CA PHE A 50 -0.72 3.40 8.03
C PHE A 50 -0.51 1.93 7.67
N CYS A 51 -0.41 1.07 8.65
CA CYS A 51 -0.22 -0.38 8.36
C CYS A 51 -1.57 -1.06 8.20
N ALA A 52 -1.60 -2.21 7.57
CA ALA A 52 -2.89 -2.92 7.38
C ALA A 52 -2.63 -4.43 7.40
N ASN A 53 -3.60 -5.21 7.80
CA ASN A 53 -3.42 -6.68 7.84
C ASN A 53 -3.53 -7.25 6.43
N PRO A 54 -2.63 -8.14 6.08
CA PRO A 54 -2.61 -8.77 4.75
C PRO A 54 -3.72 -9.82 4.66
N SER A 55 -4.23 -10.26 5.77
CA SER A 55 -5.31 -11.27 5.75
C SER A 55 -6.67 -10.57 5.74
N ASP A 56 -6.66 -9.26 5.67
CA ASP A 56 -7.96 -8.51 5.66
C ASP A 56 -8.57 -8.60 4.25
N LYS A 57 -9.71 -9.22 4.14
CA LYS A 57 -10.37 -9.33 2.80
C LYS A 57 -10.51 -7.94 2.18
N GLN A 58 -10.96 -6.98 2.93
CA GLN A 58 -11.13 -5.61 2.39
C GLN A 58 -9.78 -5.13 1.84
N VAL A 59 -8.70 -5.59 2.41
CA VAL A 59 -7.36 -5.16 1.92
C VAL A 59 -7.04 -5.87 0.61
N GLN A 60 -7.39 -7.12 0.50
CA GLN A 60 -7.12 -7.86 -0.77
C GLN A 60 -7.99 -7.30 -1.90
N VAL A 61 -9.16 -6.83 -1.56
CA VAL A 61 -10.05 -6.28 -2.62
C VAL A 61 -9.56 -4.90 -3.02
N CYS A 62 -8.94 -4.19 -2.12
CA CYS A 62 -8.42 -2.83 -2.46
C CYS A 62 -7.19 -2.97 -3.37
N MET A 63 -6.36 -3.93 -3.11
CA MET A 63 -5.14 -4.11 -3.95
C MET A 63 -5.56 -4.43 -5.40
N ARG A 64 -6.75 -4.96 -5.57
CA ARG A 64 -7.21 -5.29 -6.95
C ARG A 64 -7.56 -4.01 -7.70
N MET A 65 -8.26 -3.12 -7.06
CA MET A 65 -8.64 -1.84 -7.75
C MET A 65 -7.40 -0.97 -7.91
N LEU A 66 -6.55 -0.93 -6.92
CA LEU A 66 -5.32 -0.08 -7.03
C LEU A 66 -4.32 -0.76 -7.95
N LYS A 67 -4.68 -0.99 -9.18
CA LYS A 67 -3.75 -1.66 -10.13
C LYS A 67 -2.55 -0.74 -10.40
N LEU A 68 -1.46 -1.29 -10.85
CA LEU A 68 -0.26 -0.44 -11.13
C LEU A 68 -0.36 0.11 -12.55
N ASP A 69 0.14 -0.60 -13.51
CA ASP A 69 0.08 -0.11 -14.92
C ASP A 69 -1.19 -0.64 -15.60
N THR A 70 -1.28 -1.93 -15.79
CA THR A 70 -2.49 -2.51 -16.44
C THR A 70 -2.57 -2.02 -17.88
N ARG A 71 -3.40 -2.64 -18.68
CA ARG A 71 -3.52 -2.21 -20.10
C ARG A 71 -2.15 -2.30 -20.78
N ILE A 72 -1.75 -3.46 -21.19
CA ILE A 72 -0.43 -3.61 -21.86
C ILE A 72 0.69 -3.24 -20.88
N LYS A 73 1.25 -4.22 -20.21
CA LYS A 73 2.34 -3.92 -19.24
C LYS A 73 3.69 -4.16 -19.91
N THR A 74 3.85 -5.28 -20.55
CA THR A 74 5.15 -5.57 -21.23
C THR A 74 4.91 -6.52 -22.40
N ARG A 75 5.28 -6.12 -23.59
CA ARG A 75 5.08 -7.00 -24.77
C ARG A 75 6.25 -6.82 -25.74
N LYS A 76 6.64 -5.61 -26.01
CA LYS A 76 7.77 -5.38 -26.95
C LYS A 76 8.44 -4.04 -26.62
N ASN A 77 8.36 -3.61 -25.38
CA ASN A 77 9.00 -2.32 -25.01
C ASN A 77 10.44 -2.57 -24.56
N MET A 1 -2.66 2.22 28.60
CA MET A 1 -3.73 3.26 28.69
C MET A 1 -3.14 4.63 28.41
N ASP A 2 -3.40 5.18 27.25
CA ASP A 2 -2.86 6.52 26.91
C ASP A 2 -1.34 6.41 26.67
N ARG A 3 -0.60 6.06 27.68
CA ARG A 3 0.88 5.93 27.49
C ARG A 3 1.20 4.61 26.80
N PHE A 4 0.49 3.56 27.13
CA PHE A 4 0.76 2.25 26.48
C PHE A 4 -0.29 1.98 25.40
N HIS A 5 -1.26 2.83 25.28
CA HIS A 5 -2.31 2.61 24.23
C HIS A 5 -2.19 3.68 23.15
N ALA A 6 -2.55 3.35 21.94
CA ALA A 6 -2.46 4.34 20.83
C ALA A 6 -2.94 3.70 19.53
N THR A 7 -2.88 4.43 18.44
CA THR A 7 -3.34 3.85 17.15
C THR A 7 -2.13 3.51 16.29
N SER A 8 -1.54 2.36 16.49
CA SER A 8 -0.35 1.98 15.67
C SER A 8 -0.81 1.11 14.49
N ALA A 9 -1.66 1.65 13.66
CA ALA A 9 -2.13 0.87 12.48
C ALA A 9 -1.13 0.98 11.34
N ASP A 10 0.01 0.37 11.48
CA ASP A 10 1.04 0.44 10.41
C ASP A 10 1.43 -0.96 9.96
N CYS A 11 0.88 -1.97 10.59
CA CYS A 11 1.22 -3.36 10.20
C CYS A 11 0.03 -4.01 9.50
N CYS A 12 0.28 -4.91 8.59
CA CYS A 12 -0.86 -5.56 7.87
C CYS A 12 -1.44 -6.68 8.74
N ILE A 13 -2.57 -6.43 9.36
CA ILE A 13 -3.19 -7.49 10.21
C ILE A 13 -4.24 -8.25 9.40
N SER A 14 -4.61 -7.72 8.27
CA SER A 14 -5.64 -8.41 7.43
C SER A 14 -5.57 -7.86 6.00
N TYR A 15 -5.67 -8.72 5.02
CA TYR A 15 -5.61 -8.24 3.61
C TYR A 15 -7.00 -8.36 2.97
N THR A 16 -7.36 -7.43 2.13
CA THR A 16 -8.69 -7.49 1.48
C THR A 16 -8.88 -8.87 0.83
N PRO A 17 -9.77 -9.66 1.39
CA PRO A 17 -10.06 -11.01 0.87
C PRO A 17 -10.94 -10.93 -0.38
N ARG A 18 -10.42 -10.37 -1.44
CA ARG A 18 -11.21 -10.26 -2.70
C ARG A 18 -10.29 -9.91 -3.86
N SER A 19 -10.84 -9.56 -4.99
CA SER A 19 -10.00 -9.20 -6.16
C SER A 19 -9.75 -7.70 -6.17
N ILE A 20 -8.52 -7.28 -6.31
CA ILE A 20 -8.22 -5.83 -6.33
C ILE A 20 -7.85 -5.39 -7.76
N PRO A 21 -8.75 -4.69 -8.39
CA PRO A 21 -8.54 -4.20 -9.76
C PRO A 21 -7.61 -2.99 -9.77
N CYS A 22 -6.53 -3.06 -10.51
CA CYS A 22 -5.59 -1.91 -10.55
C CYS A 22 -6.33 -0.65 -11.02
N SER A 23 -7.30 -0.81 -11.86
CA SER A 23 -8.07 0.37 -12.35
C SER A 23 -8.70 1.10 -11.17
N LEU A 24 -8.76 0.47 -10.03
CA LEU A 24 -9.36 1.13 -8.84
C LEU A 24 -8.26 1.46 -7.83
N LEU A 25 -7.03 1.50 -8.26
CA LEU A 25 -5.91 1.82 -7.34
C LEU A 25 -5.11 3.01 -7.88
N GLU A 26 -4.77 3.95 -7.05
CA GLU A 26 -4.00 5.13 -7.52
C GLU A 26 -2.52 4.93 -7.17
N SER A 27 -2.23 4.13 -6.17
CA SER A 27 -0.82 3.89 -5.79
C SER A 27 -0.77 2.92 -4.61
N TYR A 28 0.40 2.63 -4.11
CA TYR A 28 0.51 1.68 -2.96
C TYR A 28 1.94 1.71 -2.41
N PHE A 29 2.16 1.04 -1.31
CA PHE A 29 3.53 1.03 -0.71
C PHE A 29 3.70 -0.22 0.14
N GLU A 30 4.89 -0.48 0.61
CA GLU A 30 5.12 -1.68 1.45
C GLU A 30 5.30 -1.26 2.92
N THR A 31 4.77 -2.02 3.83
CA THR A 31 4.90 -1.66 5.27
C THR A 31 6.37 -1.75 5.69
N ASN A 32 6.74 -1.10 6.75
CA ASN A 32 8.15 -1.14 7.21
C ASN A 32 8.45 -2.50 7.84
N SER A 33 9.60 -3.06 7.57
CA SER A 33 9.94 -4.38 8.15
C SER A 33 9.74 -4.34 9.67
N GLU A 34 9.93 -3.20 10.27
CA GLU A 34 9.74 -3.10 11.74
C GLU A 34 8.43 -3.76 12.14
N CYS A 35 7.49 -3.84 11.23
CA CYS A 35 6.18 -4.48 11.56
C CYS A 35 6.39 -5.99 11.75
N SER A 36 5.54 -6.62 12.50
CA SER A 36 5.67 -8.09 12.72
C SER A 36 5.54 -8.81 11.38
N LYS A 37 4.40 -8.69 10.74
CA LYS A 37 4.20 -9.37 9.43
C LYS A 37 4.27 -8.34 8.31
N PRO A 38 4.91 -8.72 7.23
CA PRO A 38 5.07 -7.84 6.06
C PRO A 38 3.78 -7.80 5.23
N GLY A 39 3.69 -6.88 4.31
CA GLY A 39 2.47 -6.79 3.47
C GLY A 39 2.51 -5.51 2.63
N VAL A 40 1.59 -5.36 1.72
CA VAL A 40 1.57 -4.14 0.87
C VAL A 40 0.27 -3.38 1.09
N ILE A 41 0.30 -2.08 1.04
CA ILE A 41 -0.94 -1.28 1.24
C ILE A 41 -1.33 -0.58 -0.06
N PHE A 42 -2.55 -0.74 -0.50
CA PHE A 42 -2.97 -0.08 -1.76
C PHE A 42 -3.86 1.13 -1.44
N LEU A 43 -3.62 2.23 -2.08
CA LEU A 43 -4.44 3.44 -1.82
C LEU A 43 -5.42 3.65 -2.98
N THR A 44 -6.70 3.55 -2.72
CA THR A 44 -7.69 3.73 -3.81
C THR A 44 -8.02 5.22 -3.95
N LYS A 45 -8.60 5.61 -5.06
CA LYS A 45 -8.95 7.04 -5.26
C LYS A 45 -10.17 7.39 -4.41
N LYS A 46 -10.72 6.43 -3.71
CA LYS A 46 -11.90 6.71 -2.86
C LYS A 46 -11.45 6.91 -1.42
N GLY A 47 -10.23 7.32 -1.22
CA GLY A 47 -9.73 7.54 0.15
C GLY A 47 -9.82 6.25 0.95
N ARG A 48 -9.75 5.12 0.29
CA ARG A 48 -9.83 3.82 1.01
C ARG A 48 -8.58 2.98 0.69
N ARG A 49 -7.88 2.55 1.70
CA ARG A 49 -6.66 1.73 1.46
C ARG A 49 -6.78 0.39 2.21
N PHE A 50 -6.04 -0.59 1.79
CA PHE A 50 -6.11 -1.91 2.49
C PHE A 50 -4.80 -2.67 2.28
N CYS A 51 -4.62 -3.76 2.98
CA CYS A 51 -3.36 -4.54 2.83
C CYS A 51 -3.55 -5.59 1.74
N ALA A 52 -2.51 -5.87 0.98
CA ALA A 52 -2.63 -6.87 -0.10
C ALA A 52 -1.50 -7.90 0.03
N ASN A 53 -1.72 -9.10 -0.42
CA ASN A 53 -0.66 -10.14 -0.32
C ASN A 53 0.47 -9.82 -1.31
N PRO A 54 1.68 -9.74 -0.82
CA PRO A 54 2.86 -9.43 -1.66
C PRO A 54 3.26 -10.66 -2.48
N SER A 55 2.65 -11.79 -2.20
CA SER A 55 2.99 -13.01 -2.97
C SER A 55 1.90 -13.29 -4.01
N ASP A 56 0.90 -12.44 -4.07
CA ASP A 56 -0.20 -12.65 -5.06
C ASP A 56 0.31 -12.29 -6.46
N LYS A 57 0.09 -13.15 -7.42
CA LYS A 57 0.56 -12.85 -8.80
C LYS A 57 -0.10 -11.57 -9.31
N GLN A 58 -1.27 -11.26 -8.83
CA GLN A 58 -1.96 -10.02 -9.29
C GLN A 58 -1.31 -8.81 -8.62
N VAL A 59 -0.68 -8.99 -7.50
CA VAL A 59 -0.02 -7.85 -6.81
C VAL A 59 1.33 -7.59 -7.46
N GLN A 60 2.06 -8.62 -7.79
CA GLN A 60 3.39 -8.43 -8.43
C GLN A 60 3.19 -8.02 -9.89
N VAL A 61 2.13 -8.47 -10.50
CA VAL A 61 1.87 -8.10 -11.92
C VAL A 61 1.40 -6.65 -12.00
N CYS A 62 0.66 -6.21 -11.01
CA CYS A 62 0.17 -4.80 -11.04
C CYS A 62 1.33 -3.84 -10.74
N MET A 63 2.21 -4.22 -9.86
CA MET A 63 3.36 -3.33 -9.54
C MET A 63 4.07 -2.92 -10.83
N ARG A 64 3.91 -3.70 -11.87
CA ARG A 64 4.57 -3.36 -13.16
C ARG A 64 3.90 -2.12 -13.77
N MET A 65 2.60 -2.07 -13.72
CA MET A 65 1.88 -0.91 -14.30
C MET A 65 2.01 0.29 -13.36
N LEU A 66 1.70 0.12 -12.11
CA LEU A 66 1.80 1.25 -11.15
C LEU A 66 3.27 1.58 -10.92
N LYS A 67 3.91 2.19 -11.88
CA LYS A 67 5.35 2.54 -11.72
C LYS A 67 5.51 3.48 -10.52
N LEU A 68 6.69 3.55 -9.96
CA LEU A 68 6.92 4.45 -8.79
C LEU A 68 6.79 5.91 -9.24
N ASP A 69 6.21 6.73 -8.42
CA ASP A 69 6.06 8.17 -8.79
C ASP A 69 7.44 8.84 -8.83
N THR A 70 8.26 8.46 -9.75
CA THR A 70 9.62 9.08 -9.84
C THR A 70 9.93 9.43 -11.30
N ARG A 71 9.01 10.09 -11.96
CA ARG A 71 9.25 10.46 -13.38
C ARG A 71 9.17 11.98 -13.53
N ILE A 72 9.82 12.52 -14.53
CA ILE A 72 9.79 14.00 -14.73
C ILE A 72 10.03 14.70 -13.40
N LYS A 73 10.91 14.17 -12.58
CA LYS A 73 11.19 14.81 -11.28
C LYS A 73 12.26 15.89 -11.46
N THR A 74 12.40 16.77 -10.50
CA THR A 74 13.42 17.84 -10.62
C THR A 74 14.62 17.51 -9.72
N ARG A 75 15.80 17.85 -10.16
CA ARG A 75 17.00 17.56 -9.33
C ARG A 75 16.97 18.41 -8.06
N LYS A 76 16.76 19.69 -8.20
CA LYS A 76 16.73 20.58 -7.00
C LYS A 76 16.65 22.03 -7.45
N ASN A 77 15.77 22.34 -8.37
CA ASN A 77 15.65 23.75 -8.84
C ASN A 77 16.95 24.17 -9.54
N MET A 1 -24.69 -6.79 -3.07
CA MET A 1 -24.32 -7.46 -1.78
C MET A 1 -24.55 -6.48 -0.63
N ASP A 2 -25.58 -5.68 -0.71
CA ASP A 2 -25.85 -4.72 0.39
C ASP A 2 -24.64 -3.80 0.59
N ARG A 3 -24.75 -2.82 1.44
CA ARG A 3 -23.61 -1.90 1.67
C ARG A 3 -22.60 -2.56 2.62
N PHE A 4 -21.60 -1.83 3.02
CA PHE A 4 -20.59 -2.42 3.95
C PHE A 4 -20.53 -1.59 5.23
N HIS A 5 -20.72 -2.21 6.35
CA HIS A 5 -20.68 -1.45 7.64
C HIS A 5 -19.28 -1.59 8.27
N ALA A 6 -18.74 -2.78 8.26
CA ALA A 6 -17.39 -2.98 8.85
C ALA A 6 -16.38 -2.10 8.12
N THR A 7 -15.13 -2.18 8.49
CA THR A 7 -14.10 -1.34 7.81
C THR A 7 -13.22 -2.22 6.93
N SER A 8 -13.53 -3.48 6.84
CA SER A 8 -12.70 -4.39 5.99
C SER A 8 -13.09 -4.20 4.53
N ALA A 9 -12.38 -3.38 3.81
CA ALA A 9 -12.72 -3.14 2.38
C ALA A 9 -11.82 -4.01 1.50
N ASP A 10 -12.12 -4.10 0.23
CA ASP A 10 -11.28 -4.94 -0.68
C ASP A 10 -10.79 -4.08 -1.85
N CYS A 11 -11.70 -3.48 -2.57
CA CYS A 11 -11.29 -2.64 -3.73
C CYS A 11 -10.95 -1.23 -3.24
N CYS A 12 -9.97 -0.59 -3.83
CA CYS A 12 -9.59 0.78 -3.39
C CYS A 12 -10.40 1.80 -4.18
N ILE A 13 -11.31 2.48 -3.53
CA ILE A 13 -12.13 3.50 -4.24
C ILE A 13 -11.53 4.90 -4.02
N SER A 14 -10.83 5.08 -2.93
CA SER A 14 -10.23 6.41 -2.65
C SER A 14 -8.79 6.23 -2.13
N TYR A 15 -7.88 7.02 -2.61
CA TYR A 15 -6.46 6.88 -2.15
C TYR A 15 -6.18 7.95 -1.09
N THR A 16 -5.23 7.71 -0.24
CA THR A 16 -4.90 8.71 0.81
C THR A 16 -4.43 10.01 0.16
N PRO A 17 -5.03 11.11 0.54
CA PRO A 17 -4.70 12.43 0.00
C PRO A 17 -3.41 12.96 0.64
N ARG A 18 -2.35 12.20 0.58
CA ARG A 18 -1.07 12.65 1.18
C ARG A 18 0.07 11.77 0.68
N SER A 19 1.16 12.36 0.26
CA SER A 19 2.31 11.55 -0.23
C SER A 19 2.95 10.82 0.93
N ILE A 20 2.66 9.55 1.09
CA ILE A 20 3.27 8.79 2.22
C ILE A 20 4.67 8.31 1.82
N PRO A 21 5.61 8.46 2.72
CA PRO A 21 7.01 8.06 2.48
C PRO A 21 7.16 6.55 2.66
N CYS A 22 8.01 5.94 1.88
CA CYS A 22 8.22 4.47 1.99
C CYS A 22 8.93 4.15 3.31
N SER A 23 9.46 5.15 3.96
CA SER A 23 10.16 4.90 5.25
C SER A 23 9.29 4.04 6.16
N LEU A 24 8.00 4.22 6.10
CA LEU A 24 7.10 3.39 6.96
C LEU A 24 6.37 2.37 6.10
N LEU A 25 6.98 1.95 5.02
CA LEU A 25 6.31 0.95 4.13
C LEU A 25 7.24 -0.25 3.93
N GLU A 26 6.74 -1.44 4.12
CA GLU A 26 7.59 -2.64 3.93
C GLU A 26 7.42 -3.16 2.51
N SER A 27 6.30 -2.89 1.89
CA SER A 27 6.08 -3.37 0.50
C SER A 27 4.75 -2.80 -0.03
N TYR A 28 4.41 -3.11 -1.25
CA TYR A 28 3.14 -2.60 -1.82
C TYR A 28 2.66 -3.53 -2.94
N PHE A 29 1.43 -3.39 -3.36
CA PHE A 29 0.91 -4.27 -4.43
C PHE A 29 -0.28 -3.59 -5.11
N GLU A 30 -0.86 -4.21 -6.10
CA GLU A 30 -2.02 -3.60 -6.79
C GLU A 30 -3.29 -4.38 -6.45
N THR A 31 -4.44 -3.79 -6.63
CA THR A 31 -5.71 -4.49 -6.32
C THR A 31 -6.14 -5.31 -7.53
N ASN A 32 -7.10 -6.19 -7.36
CA ASN A 32 -7.57 -7.02 -8.50
C ASN A 32 -8.23 -6.12 -9.55
N SER A 33 -7.80 -6.21 -10.78
CA SER A 33 -8.41 -5.35 -11.85
C SER A 33 -9.93 -5.48 -11.80
N GLU A 34 -10.42 -6.60 -11.32
CA GLU A 34 -11.89 -6.78 -11.26
C GLU A 34 -12.53 -5.62 -10.50
N CYS A 35 -11.76 -4.93 -9.70
CA CYS A 35 -12.32 -3.78 -8.93
C CYS A 35 -12.55 -2.60 -9.87
N SER A 36 -13.73 -2.05 -9.88
CA SER A 36 -14.02 -0.91 -10.78
C SER A 36 -12.94 0.17 -10.60
N LYS A 37 -12.57 0.45 -9.38
CA LYS A 37 -11.53 1.47 -9.13
C LYS A 37 -10.27 0.82 -8.57
N PRO A 38 -9.37 0.46 -9.45
CA PRO A 38 -8.10 -0.19 -9.07
C PRO A 38 -7.11 0.84 -8.52
N GLY A 39 -6.03 0.39 -7.94
CA GLY A 39 -5.04 1.33 -7.38
C GLY A 39 -3.89 0.54 -6.74
N VAL A 40 -2.96 1.22 -6.14
CA VAL A 40 -1.81 0.50 -5.50
C VAL A 40 -1.94 0.61 -3.97
N ILE A 41 -1.77 -0.47 -3.28
CA ILE A 41 -1.88 -0.44 -1.80
C ILE A 41 -0.48 -0.54 -1.19
N PHE A 42 -0.26 0.14 -0.09
CA PHE A 42 1.08 0.08 0.56
C PHE A 42 0.94 -0.42 2.00
N LEU A 43 1.73 -1.40 2.36
CA LEU A 43 1.64 -1.94 3.75
C LEU A 43 2.77 -1.35 4.60
N THR A 44 2.49 -1.02 5.83
CA THR A 44 3.54 -0.44 6.70
C THR A 44 4.03 -1.51 7.68
N LYS A 45 4.97 -1.19 8.52
CA LYS A 45 5.48 -2.18 9.49
C LYS A 45 4.51 -2.29 10.68
N LYS A 46 3.41 -1.58 10.62
CA LYS A 46 2.43 -1.63 11.74
C LYS A 46 1.21 -2.47 11.31
N GLY A 47 1.42 -3.39 10.42
CA GLY A 47 0.29 -4.24 9.96
C GLY A 47 -0.84 -3.37 9.40
N ARG A 48 -0.50 -2.21 8.90
CA ARG A 48 -1.55 -1.31 8.34
C ARG A 48 -1.21 -0.98 6.88
N ARG A 49 -2.20 -0.68 6.08
CA ARG A 49 -1.92 -0.34 4.66
C ARG A 49 -2.98 0.63 4.13
N PHE A 50 -2.67 1.34 3.08
CA PHE A 50 -3.67 2.31 2.52
C PHE A 50 -3.53 2.34 0.99
N CYS A 51 -4.55 2.78 0.31
CA CYS A 51 -4.50 2.84 -1.17
C CYS A 51 -3.68 4.06 -1.61
N ALA A 52 -3.19 4.05 -2.82
CA ALA A 52 -2.40 5.21 -3.30
C ALA A 52 -2.52 5.32 -4.83
N ASN A 53 -2.38 6.49 -5.36
CA ASN A 53 -2.49 6.66 -6.84
C ASN A 53 -1.14 6.36 -7.50
N PRO A 54 -1.16 5.45 -8.46
CA PRO A 54 0.06 5.05 -9.18
C PRO A 54 0.45 6.13 -10.19
N SER A 55 -0.37 7.14 -10.34
CA SER A 55 -0.04 8.23 -11.30
C SER A 55 0.82 9.28 -10.58
N ASP A 56 0.94 9.17 -9.29
CA ASP A 56 1.76 10.17 -8.54
C ASP A 56 3.24 9.81 -8.65
N LYS A 57 4.08 10.78 -8.90
CA LYS A 57 5.54 10.48 -9.02
C LYS A 57 6.04 9.85 -7.73
N GLN A 58 5.44 10.19 -6.62
CA GLN A 58 5.87 9.60 -5.33
C GLN A 58 5.71 8.08 -5.38
N VAL A 59 4.70 7.61 -6.06
CA VAL A 59 4.49 6.14 -6.17
C VAL A 59 5.52 5.55 -7.14
N GLN A 60 5.78 6.23 -8.22
CA GLN A 60 6.76 5.71 -9.20
C GLN A 60 8.16 5.74 -8.58
N VAL A 61 8.39 6.66 -7.67
CA VAL A 61 9.72 6.74 -7.02
C VAL A 61 9.85 5.60 -6.00
N CYS A 62 8.77 5.24 -5.37
CA CYS A 62 8.82 4.14 -4.36
C CYS A 62 8.88 2.79 -5.08
N MET A 63 8.09 2.59 -6.09
CA MET A 63 8.11 1.29 -6.82
C MET A 63 9.52 1.03 -7.36
N ARG A 64 10.26 2.07 -7.61
CA ARG A 64 11.64 1.87 -8.15
C ARG A 64 12.53 1.26 -7.06
N MET A 65 12.67 1.94 -5.95
CA MET A 65 13.52 1.39 -4.86
C MET A 65 13.01 0.00 -4.47
N LEU A 66 11.77 -0.11 -4.09
CA LEU A 66 11.21 -1.44 -3.72
C LEU A 66 11.08 -2.32 -4.96
N LYS A 67 12.18 -2.59 -5.61
CA LYS A 67 12.12 -3.45 -6.83
C LYS A 67 11.43 -4.78 -6.49
N LEU A 68 12.18 -5.75 -6.05
CA LEU A 68 11.57 -7.07 -5.71
C LEU A 68 11.01 -7.00 -4.29
N ASP A 69 11.10 -8.08 -3.56
CA ASP A 69 10.56 -8.07 -2.16
C ASP A 69 11.59 -7.50 -1.21
N THR A 70 12.15 -6.35 -1.54
CA THR A 70 13.17 -5.72 -0.66
C THR A 70 14.10 -6.78 -0.09
N ARG A 71 14.66 -6.54 1.07
CA ARG A 71 15.58 -7.54 1.69
C ARG A 71 15.05 -7.94 3.06
N ILE A 72 15.33 -9.13 3.49
CA ILE A 72 14.83 -9.58 4.82
C ILE A 72 16.01 -9.76 5.78
N LYS A 73 16.37 -8.72 6.49
CA LYS A 73 17.51 -8.84 7.44
C LYS A 73 17.04 -8.45 8.84
N THR A 74 15.82 -8.80 9.18
CA THR A 74 15.31 -8.46 10.54
C THR A 74 14.53 -9.65 11.11
N ARG A 75 13.32 -9.86 10.65
CA ARG A 75 12.52 -11.00 11.16
C ARG A 75 11.47 -11.40 10.13
N LYS A 76 10.54 -12.24 10.49
CA LYS A 76 9.48 -12.65 9.53
C LYS A 76 8.24 -13.09 10.29
N ASN A 77 8.37 -14.03 11.19
CA ASN A 77 7.19 -14.50 11.97
C ASN A 77 6.16 -15.09 11.01
N MET A 1 -3.95 12.91 27.93
CA MET A 1 -3.08 12.87 26.73
C MET A 1 -3.84 12.23 25.57
N ASP A 2 -4.38 13.03 24.68
CA ASP A 2 -5.13 12.46 23.53
C ASP A 2 -4.15 11.97 22.46
N ARG A 3 -3.25 11.10 22.83
CA ARG A 3 -2.26 10.59 21.83
C ARG A 3 -2.74 9.24 21.29
N PHE A 4 -1.97 8.62 20.45
CA PHE A 4 -2.38 7.30 19.89
C PHE A 4 -1.18 6.35 19.88
N HIS A 5 -0.12 6.71 19.24
CA HIS A 5 1.08 5.82 19.19
C HIS A 5 2.35 6.67 19.31
N ALA A 6 2.45 7.72 18.54
CA ALA A 6 3.67 8.57 18.60
C ALA A 6 4.90 7.75 18.19
N THR A 7 4.70 6.74 17.39
CA THR A 7 5.85 5.90 16.96
C THR A 7 5.89 5.83 15.44
N SER A 8 7.06 5.80 14.86
CA SER A 8 7.17 5.73 13.37
C SER A 8 7.08 4.28 12.92
N ALA A 9 6.67 3.40 13.80
CA ALA A 9 6.56 1.96 13.40
C ALA A 9 5.75 1.84 12.11
N ASP A 10 5.85 0.72 11.45
CA ASP A 10 5.08 0.53 10.18
C ASP A 10 5.18 -0.93 9.74
N CYS A 11 5.24 -1.84 10.66
CA CYS A 11 5.34 -3.28 10.30
C CYS A 11 3.93 -3.84 10.08
N CYS A 12 3.74 -4.58 9.02
CA CYS A 12 2.40 -5.16 8.75
C CYS A 12 2.25 -6.47 9.52
N ILE A 13 1.13 -6.66 10.18
CA ILE A 13 0.93 -7.92 10.95
C ILE A 13 -0.34 -8.62 10.47
N SER A 14 -1.07 -8.00 9.57
CA SER A 14 -2.32 -8.64 9.06
C SER A 14 -2.53 -8.24 7.60
N TYR A 15 -2.68 -9.20 6.73
CA TYR A 15 -2.89 -8.88 5.29
C TYR A 15 -4.36 -9.06 4.93
N THR A 16 -4.91 -8.16 4.16
CA THR A 16 -6.34 -8.28 3.78
C THR A 16 -6.61 -9.70 3.25
N PRO A 17 -7.29 -10.50 4.03
CA PRO A 17 -7.61 -11.89 3.66
C PRO A 17 -8.78 -11.91 2.66
N ARG A 18 -8.56 -11.46 1.46
CA ARG A 18 -9.65 -11.44 0.45
C ARG A 18 -9.05 -11.37 -0.95
N SER A 19 -9.79 -11.77 -1.95
CA SER A 19 -9.26 -11.73 -3.34
C SER A 19 -9.59 -10.38 -3.98
N ILE A 20 -8.70 -9.44 -3.91
CA ILE A 20 -8.97 -8.11 -4.51
C ILE A 20 -8.34 -8.05 -5.91
N PRO A 21 -9.09 -7.52 -6.87
CA PRO A 21 -8.63 -7.40 -8.25
C PRO A 21 -7.68 -6.20 -8.41
N CYS A 22 -6.73 -6.29 -9.28
CA CYS A 22 -5.78 -5.17 -9.47
C CYS A 22 -6.53 -3.95 -10.00
N SER A 23 -7.73 -4.14 -10.49
CA SER A 23 -8.52 -2.99 -11.01
C SER A 23 -9.14 -2.22 -9.85
N LEU A 24 -9.00 -2.73 -8.65
CA LEU A 24 -9.58 -2.03 -7.48
C LEU A 24 -8.46 -1.41 -6.63
N LEU A 25 -7.35 -1.09 -7.25
CA LEU A 25 -6.23 -0.49 -6.47
C LEU A 25 -5.67 0.71 -7.25
N GLU A 26 -5.05 1.62 -6.56
CA GLU A 26 -4.47 2.81 -7.26
C GLU A 26 -2.95 2.73 -7.26
N SER A 27 -2.38 2.09 -6.26
CA SER A 27 -0.90 1.97 -6.21
C SER A 27 -0.50 1.20 -4.94
N TYR A 28 0.77 1.04 -4.71
CA TYR A 28 1.22 0.29 -3.50
C TYR A 28 2.72 0.49 -3.31
N PHE A 29 3.20 0.28 -2.11
CA PHE A 29 4.66 0.45 -1.85
C PHE A 29 5.12 -0.58 -0.82
N GLU A 30 6.37 -0.55 -0.44
CA GLU A 30 6.87 -1.53 0.56
C GLU A 30 7.01 -0.84 1.91
N THR A 31 7.07 -1.60 2.98
CA THR A 31 7.21 -0.99 4.33
C THR A 31 8.69 -0.74 4.61
N ASN A 32 9.00 -0.20 5.76
CA ASN A 32 10.43 0.07 6.10
C ASN A 32 11.16 -1.26 6.31
N SER A 33 12.39 -1.35 5.85
CA SER A 33 13.15 -2.61 6.01
C SER A 33 13.52 -2.79 7.49
N GLU A 34 13.46 -1.74 8.26
CA GLU A 34 13.80 -1.85 9.70
C GLU A 34 12.72 -2.65 10.43
N CYS A 35 11.55 -2.72 9.87
CA CYS A 35 10.46 -3.48 10.52
C CYS A 35 10.80 -4.97 10.53
N SER A 36 10.54 -5.65 11.61
CA SER A 36 10.86 -7.11 11.66
C SER A 36 9.99 -7.86 10.66
N LYS A 37 8.81 -7.35 10.39
CA LYS A 37 7.92 -8.03 9.42
C LYS A 37 7.57 -7.05 8.29
N PRO A 38 8.22 -7.23 7.16
CA PRO A 38 8.00 -6.37 5.99
C PRO A 38 6.70 -6.75 5.27
N GLY A 39 6.25 -5.92 4.36
CA GLY A 39 5.00 -6.23 3.62
C GLY A 39 4.74 -5.14 2.59
N VAL A 40 3.72 -5.28 1.80
CA VAL A 40 3.41 -4.25 0.78
C VAL A 40 2.06 -3.61 1.09
N ILE A 41 2.01 -2.30 1.15
CA ILE A 41 0.72 -1.61 1.44
C ILE A 41 0.02 -1.27 0.13
N PHE A 42 -1.14 -1.83 -0.10
CA PHE A 42 -1.87 -1.54 -1.36
C PHE A 42 -2.93 -0.45 -1.10
N LEU A 43 -2.88 0.62 -1.84
CA LEU A 43 -3.88 1.72 -1.63
C LEU A 43 -5.01 1.57 -2.64
N THR A 44 -6.22 1.88 -2.25
CA THR A 44 -7.36 1.76 -3.19
C THR A 44 -7.79 3.16 -3.65
N LYS A 45 -8.63 3.23 -4.65
CA LYS A 45 -9.09 4.56 -5.14
C LYS A 45 -10.17 5.10 -4.21
N LYS A 46 -10.48 4.39 -3.16
CA LYS A 46 -11.53 4.87 -2.22
C LYS A 46 -10.87 5.41 -0.96
N GLY A 47 -9.67 5.91 -1.08
CA GLY A 47 -8.98 6.45 0.12
C GLY A 47 -8.84 5.37 1.18
N ARG A 48 -8.56 4.15 0.77
CA ARG A 48 -8.42 3.05 1.75
C ARG A 48 -7.21 2.19 1.38
N ARG A 49 -6.41 1.81 2.35
CA ARG A 49 -5.21 0.97 2.04
C ARG A 49 -5.12 -0.17 3.05
N PHE A 50 -4.36 -1.18 2.75
CA PHE A 50 -4.22 -2.32 3.69
C PHE A 50 -2.94 -3.10 3.37
N CYS A 51 -2.49 -3.92 4.29
CA CYS A 51 -1.25 -4.70 4.04
C CYS A 51 -1.52 -5.76 2.97
N ALA A 52 -0.55 -6.04 2.14
CA ALA A 52 -0.74 -7.06 1.08
C ALA A 52 0.45 -8.01 1.06
N ASN A 53 0.21 -9.28 0.88
CA ASN A 53 1.33 -10.26 0.86
C ASN A 53 1.99 -10.25 -0.53
N PRO A 54 3.29 -10.04 -0.56
CA PRO A 54 4.05 -10.01 -1.81
C PRO A 54 4.27 -11.42 -2.35
N SER A 55 3.72 -12.40 -1.68
CA SER A 55 3.89 -13.80 -2.15
C SER A 55 2.55 -14.30 -2.72
N ASP A 56 1.53 -13.49 -2.67
CA ASP A 56 0.21 -13.91 -3.21
C ASP A 56 0.20 -13.76 -4.73
N LYS A 57 -0.36 -14.70 -5.44
CA LYS A 57 -0.40 -14.59 -6.92
C LYS A 57 -1.16 -13.33 -7.32
N GLN A 58 -2.24 -13.03 -6.64
CA GLN A 58 -3.03 -11.82 -6.98
C GLN A 58 -2.12 -10.59 -6.89
N VAL A 59 -1.16 -10.61 -6.00
CA VAL A 59 -0.24 -9.45 -5.87
C VAL A 59 0.71 -9.41 -7.07
N GLN A 60 1.15 -10.56 -7.52
CA GLN A 60 2.08 -10.59 -8.69
C GLN A 60 1.37 -10.04 -9.92
N VAL A 61 0.09 -10.26 -10.03
CA VAL A 61 -0.66 -9.75 -11.22
C VAL A 61 -0.86 -8.24 -11.07
N CYS A 62 -1.06 -7.76 -9.87
CA CYS A 62 -1.27 -6.30 -9.68
C CYS A 62 0.08 -5.58 -9.78
N MET A 63 1.12 -6.17 -9.26
CA MET A 63 2.46 -5.51 -9.34
C MET A 63 2.92 -5.47 -10.80
N ARG A 64 2.62 -6.48 -11.56
CA ARG A 64 3.05 -6.50 -12.98
C ARG A 64 2.21 -5.49 -13.77
N MET A 65 1.07 -5.12 -13.26
CA MET A 65 0.20 -4.15 -13.98
C MET A 65 0.51 -2.73 -13.47
N LEU A 66 0.66 -2.57 -12.19
CA LEU A 66 0.96 -1.22 -11.64
C LEU A 66 2.40 -0.83 -11.97
N LYS A 67 2.72 -0.74 -13.23
CA LYS A 67 4.11 -0.37 -13.64
C LYS A 67 4.45 0.99 -13.05
N LEU A 68 5.66 1.47 -13.27
CA LEU A 68 6.05 2.79 -12.73
C LEU A 68 5.25 3.88 -13.43
N ASP A 69 3.97 3.96 -13.18
CA ASP A 69 3.13 5.01 -13.83
C ASP A 69 3.20 6.29 -13.02
N THR A 70 3.77 6.25 -11.85
CA THR A 70 3.87 7.47 -11.01
C THR A 70 4.40 8.63 -11.86
N ARG A 71 3.93 9.82 -11.63
CA ARG A 71 4.41 10.98 -12.41
C ARG A 71 4.16 12.27 -11.63
N ILE A 72 4.94 12.52 -10.61
CA ILE A 72 4.74 13.76 -9.81
C ILE A 72 5.28 14.96 -10.59
N LYS A 73 4.67 15.29 -11.70
CA LYS A 73 5.15 16.44 -12.50
C LYS A 73 4.58 17.74 -11.92
N THR A 74 4.71 17.93 -10.63
CA THR A 74 4.19 19.17 -9.99
C THR A 74 4.98 20.37 -10.49
N ARG A 75 4.86 21.50 -9.84
CA ARG A 75 5.61 22.70 -10.27
C ARG A 75 6.11 23.47 -9.05
N LYS A 76 6.85 24.52 -9.26
CA LYS A 76 7.37 25.31 -8.11
C LYS A 76 8.01 26.61 -8.62
N ASN A 77 7.29 27.70 -8.55
CA ASN A 77 7.85 29.00 -9.02
C ASN A 77 9.08 29.37 -8.18
N MET A 1 -9.07 -2.33 29.83
CA MET A 1 -10.52 -2.65 29.66
C MET A 1 -10.69 -4.17 29.71
N ASP A 2 -9.92 -4.85 30.51
CA ASP A 2 -10.04 -6.33 30.59
C ASP A 2 -9.86 -6.94 29.19
N ARG A 3 -10.93 -7.06 28.45
CA ARG A 3 -10.83 -7.65 27.09
C ARG A 3 -10.00 -6.71 26.20
N PHE A 4 -9.49 -7.21 25.10
CA PHE A 4 -8.68 -6.34 24.21
C PHE A 4 -9.59 -5.73 23.14
N HIS A 5 -9.48 -4.45 22.92
CA HIS A 5 -10.34 -3.79 21.89
C HIS A 5 -9.46 -3.11 20.84
N ALA A 6 -9.18 -3.77 19.76
CA ALA A 6 -8.32 -3.15 18.70
C ALA A 6 -8.84 -3.55 17.32
N THR A 7 -8.98 -2.62 16.42
CA THR A 7 -9.47 -2.95 15.05
C THR A 7 -8.55 -2.32 14.02
N SER A 8 -8.09 -3.11 13.08
CA SER A 8 -7.17 -2.56 12.03
C SER A 8 -7.98 -2.27 10.76
N ALA A 9 -8.21 -1.03 10.45
CA ALA A 9 -8.98 -0.69 9.23
C ALA A 9 -8.07 -0.78 8.01
N ASP A 10 -8.52 -1.43 6.96
CA ASP A 10 -7.66 -1.56 5.75
C ASP A 10 -8.43 -1.03 4.53
N CYS A 11 -9.70 -0.77 4.67
CA CYS A 11 -10.48 -0.25 3.52
C CYS A 11 -10.11 1.21 3.26
N CYS A 12 -10.28 1.67 2.05
CA CYS A 12 -9.93 3.08 1.73
C CYS A 12 -11.20 3.92 1.68
N ILE A 13 -11.14 5.13 2.17
CA ILE A 13 -12.36 6.01 2.15
C ILE A 13 -12.10 7.19 1.21
N SER A 14 -10.93 7.75 1.25
CA SER A 14 -10.62 8.91 0.36
C SER A 14 -9.21 8.74 -0.22
N TYR A 15 -9.08 8.88 -1.51
CA TYR A 15 -7.74 8.73 -2.15
C TYR A 15 -6.96 10.03 -2.00
N THR A 16 -5.65 9.96 -1.97
CA THR A 16 -4.84 11.19 -1.84
C THR A 16 -4.94 12.02 -3.12
N PRO A 17 -5.41 13.24 -2.99
CA PRO A 17 -5.55 14.15 -4.14
C PRO A 17 -4.20 14.75 -4.54
N ARG A 18 -3.27 13.92 -4.93
CA ARG A 18 -1.94 14.44 -5.32
C ARG A 18 -1.23 13.43 -6.22
N SER A 19 -0.31 13.87 -7.03
CA SER A 19 0.41 12.92 -7.94
C SER A 19 1.52 12.22 -7.15
N ILE A 20 1.41 10.93 -6.98
CA ILE A 20 2.46 10.19 -6.23
C ILE A 20 3.54 9.70 -7.21
N PRO A 21 4.77 10.06 -6.94
CA PRO A 21 5.91 9.66 -7.79
C PRO A 21 6.31 8.21 -7.50
N CYS A 22 6.63 7.45 -8.51
CA CYS A 22 7.03 6.05 -8.28
C CYS A 22 8.40 6.00 -7.58
N SER A 23 9.21 7.00 -7.79
CA SER A 23 10.55 7.02 -7.14
C SER A 23 10.37 7.24 -5.64
N LEU A 24 9.20 7.61 -5.22
CA LEU A 24 8.97 7.85 -3.76
C LEU A 24 8.08 6.74 -3.20
N LEU A 25 8.15 5.56 -3.76
CA LEU A 25 7.30 4.44 -3.26
C LEU A 25 8.17 3.22 -3.00
N GLU A 26 7.93 2.52 -1.92
CA GLU A 26 8.74 1.30 -1.62
C GLU A 26 7.94 0.06 -1.98
N SER A 27 6.65 0.15 -1.99
CA SER A 27 5.81 -1.03 -2.33
C SER A 27 4.33 -0.64 -2.26
N TYR A 28 3.46 -1.53 -2.64
CA TYR A 28 2.00 -1.21 -2.60
C TYR A 28 1.19 -2.51 -2.51
N PHE A 29 -0.04 -2.42 -2.06
CA PHE A 29 -0.87 -3.66 -1.96
C PHE A 29 -2.33 -3.30 -2.25
N GLU A 30 -3.18 -4.29 -2.34
CA GLU A 30 -4.61 -4.01 -2.63
C GLU A 30 -5.41 -3.99 -1.32
N THR A 31 -6.31 -3.07 -1.18
CA THR A 31 -7.11 -2.99 0.08
C THR A 31 -8.11 -4.15 0.10
N ASN A 32 -8.96 -4.19 1.09
CA ASN A 32 -9.96 -5.30 1.17
C ASN A 32 -11.03 -5.10 0.10
N SER A 33 -11.04 -5.95 -0.89
CA SER A 33 -12.06 -5.82 -1.97
C SER A 33 -13.45 -6.10 -1.42
N GLU A 34 -13.53 -6.60 -0.21
CA GLU A 34 -14.86 -6.90 0.39
C GLU A 34 -15.57 -5.59 0.72
N CYS A 35 -14.84 -4.53 0.90
CA CYS A 35 -15.48 -3.22 1.22
C CYS A 35 -16.21 -2.69 -0.02
N SER A 36 -17.02 -1.69 0.14
CA SER A 36 -17.76 -1.13 -1.03
C SER A 36 -16.83 -0.19 -1.81
N LYS A 37 -15.84 0.35 -1.16
CA LYS A 37 -14.90 1.28 -1.86
C LYS A 37 -13.48 0.72 -1.77
N PRO A 38 -13.15 -0.13 -2.70
CA PRO A 38 -11.81 -0.76 -2.77
C PRO A 38 -10.79 0.23 -3.34
N GLY A 39 -9.53 -0.10 -3.26
CA GLY A 39 -8.49 0.81 -3.79
C GLY A 39 -7.10 0.23 -3.49
N VAL A 40 -6.06 0.84 -3.99
CA VAL A 40 -4.70 0.32 -3.74
C VAL A 40 -3.96 1.27 -2.78
N ILE A 41 -3.22 0.73 -1.85
CA ILE A 41 -2.49 1.61 -0.89
C ILE A 41 -1.01 1.65 -1.29
N PHE A 42 -0.49 2.83 -1.47
CA PHE A 42 0.95 2.96 -1.85
C PHE A 42 1.79 3.32 -0.63
N LEU A 43 2.85 2.60 -0.39
CA LEU A 43 3.71 2.91 0.79
C LEU A 43 4.97 3.63 0.33
N THR A 44 5.48 4.53 1.12
CA THR A 44 6.72 5.26 0.72
C THR A 44 7.95 4.55 1.30
N LYS A 45 9.12 4.90 0.85
CA LYS A 45 10.35 4.24 1.37
C LYS A 45 10.68 4.82 2.75
N LYS A 46 9.97 5.82 3.17
CA LYS A 46 10.24 6.43 4.51
C LYS A 46 9.37 5.75 5.56
N GLY A 47 8.09 5.99 5.52
CA GLY A 47 7.19 5.37 6.51
C GLY A 47 5.79 6.01 6.39
N ARG A 48 5.30 6.16 5.19
CA ARG A 48 3.95 6.77 5.02
C ARG A 48 3.13 5.94 4.04
N ARG A 49 1.85 6.16 3.97
CA ARG A 49 0.99 5.37 3.04
C ARG A 49 -0.25 6.20 2.68
N PHE A 50 -0.80 5.97 1.51
CA PHE A 50 -2.01 6.74 1.10
C PHE A 50 -2.82 5.91 0.11
N CYS A 51 -4.11 6.10 0.08
CA CYS A 51 -4.97 5.34 -0.85
C CYS A 51 -4.71 5.79 -2.29
N ALA A 52 -4.72 4.88 -3.23
CA ALA A 52 -4.49 5.27 -4.64
C ALA A 52 -5.66 4.81 -5.51
N ASN A 53 -5.96 5.52 -6.55
CA ASN A 53 -7.10 5.11 -7.43
C ASN A 53 -6.60 4.13 -8.49
N PRO A 54 -7.35 3.07 -8.69
CA PRO A 54 -7.00 2.03 -9.67
C PRO A 54 -7.30 2.51 -11.09
N SER A 55 -7.89 3.66 -11.22
CA SER A 55 -8.19 4.20 -12.58
C SER A 55 -7.12 5.22 -12.97
N ASP A 56 -6.21 5.51 -12.08
CA ASP A 56 -5.13 6.50 -12.40
C ASP A 56 -4.04 5.81 -13.22
N LYS A 57 -3.91 6.16 -14.46
CA LYS A 57 -2.87 5.52 -15.32
C LYS A 57 -1.53 5.51 -14.56
N GLN A 58 -1.23 6.54 -13.83
CA GLN A 58 0.06 6.57 -13.08
C GLN A 58 0.09 5.43 -12.07
N VAL A 59 -1.05 5.02 -11.58
CA VAL A 59 -1.07 3.91 -10.59
C VAL A 59 -0.83 2.57 -11.31
N GLN A 60 -1.46 2.37 -12.43
CA GLN A 60 -1.26 1.10 -13.18
C GLN A 60 0.19 1.02 -13.65
N VAL A 61 0.79 2.14 -13.94
CA VAL A 61 2.21 2.13 -14.41
C VAL A 61 3.14 1.86 -13.22
N CYS A 62 2.75 2.27 -12.05
CA CYS A 62 3.61 2.05 -10.85
C CYS A 62 3.46 0.60 -10.36
N MET A 63 2.27 0.08 -10.38
CA MET A 63 2.07 -1.32 -9.91
C MET A 63 2.90 -2.28 -10.77
N ARG A 64 3.01 -2.01 -12.05
CA ARG A 64 3.80 -2.90 -12.93
C ARG A 64 5.30 -2.68 -12.67
N MET A 65 5.66 -1.50 -12.22
CA MET A 65 7.10 -1.22 -11.96
C MET A 65 7.48 -1.80 -10.60
N LEU A 66 6.67 -1.59 -9.60
CA LEU A 66 7.00 -2.13 -8.25
C LEU A 66 6.77 -3.64 -8.23
N LYS A 67 7.47 -4.37 -9.07
CA LYS A 67 7.29 -5.84 -9.10
C LYS A 67 7.45 -6.40 -7.69
N LEU A 68 6.69 -7.40 -7.34
CA LEU A 68 6.80 -8.00 -5.98
C LEU A 68 7.85 -9.11 -5.99
N ASP A 69 9.04 -8.81 -6.44
CA ASP A 69 10.09 -9.86 -6.47
C ASP A 69 10.80 -9.91 -5.12
N THR A 70 10.13 -10.35 -4.10
CA THR A 70 10.77 -10.41 -2.74
C THR A 70 11.93 -11.40 -2.79
N ARG A 71 11.73 -12.55 -3.37
CA ARG A 71 12.82 -13.56 -3.44
C ARG A 71 13.25 -13.93 -2.02
N ILE A 72 12.99 -15.14 -1.60
CA ILE A 72 13.39 -15.57 -0.23
C ILE A 72 14.59 -16.52 -0.33
N LYS A 73 15.75 -15.98 -0.60
CA LYS A 73 16.96 -16.86 -0.69
C LYS A 73 17.27 -17.47 0.67
N THR A 74 17.50 -16.65 1.66
CA THR A 74 17.80 -17.20 3.02
C THR A 74 17.43 -16.15 4.08
N ARG A 75 18.33 -15.25 4.37
CA ARG A 75 18.03 -14.21 5.39
C ARG A 75 17.70 -14.89 6.73
N LYS A 76 17.03 -14.19 7.61
CA LYS A 76 16.68 -14.79 8.92
C LYS A 76 15.84 -13.81 9.73
N ASN A 77 14.54 -13.92 9.67
CA ASN A 77 13.67 -12.99 10.43
C ASN A 77 13.51 -13.49 11.87
N MET A 1 -13.38 12.28 -3.89
CA MET A 1 -12.34 13.29 -3.56
C MET A 1 -11.06 12.98 -4.35
N ASP A 2 -10.66 13.86 -5.22
CA ASP A 2 -9.43 13.62 -6.02
C ASP A 2 -8.21 14.11 -5.23
N ARG A 3 -7.08 13.49 -5.43
CA ARG A 3 -5.86 13.92 -4.70
C ARG A 3 -5.08 14.93 -5.55
N PHE A 4 -4.46 15.90 -4.92
CA PHE A 4 -3.70 16.91 -5.70
C PHE A 4 -2.49 17.38 -4.87
N HIS A 5 -2.70 18.32 -4.00
CA HIS A 5 -1.56 18.81 -3.17
C HIS A 5 -1.89 18.60 -1.68
N ALA A 6 -1.67 17.41 -1.19
CA ALA A 6 -1.96 17.14 0.25
C ALA A 6 -0.93 16.16 0.81
N THR A 7 -0.56 16.32 2.04
CA THR A 7 0.44 15.39 2.64
C THR A 7 0.31 15.42 4.17
N SER A 8 -0.89 15.50 4.67
CA SER A 8 -1.08 15.53 6.14
C SER A 8 -0.53 14.24 6.75
N ALA A 9 -0.47 14.17 8.06
CA ALA A 9 0.05 12.94 8.71
C ALA A 9 -0.97 11.80 8.55
N ASP A 10 -0.51 10.59 8.41
CA ASP A 10 -1.44 9.45 8.25
C ASP A 10 -1.14 8.39 9.32
N CYS A 11 -1.27 8.75 10.57
CA CYS A 11 -0.99 7.76 11.66
C CYS A 11 -2.09 6.69 11.66
N CYS A 12 -1.74 5.47 11.93
CA CYS A 12 -2.77 4.38 11.95
C CYS A 12 -3.39 4.28 13.33
N ILE A 13 -4.65 4.62 13.45
CA ILE A 13 -5.32 4.54 14.79
C ILE A 13 -6.13 3.24 14.85
N SER A 14 -6.36 2.63 13.72
CA SER A 14 -7.13 1.35 13.71
C SER A 14 -6.71 0.52 12.49
N TYR A 15 -6.88 -0.77 12.56
CA TYR A 15 -6.47 -1.63 11.42
C TYR A 15 -7.73 -2.18 10.72
N THR A 16 -7.72 -2.27 9.43
CA THR A 16 -8.91 -2.80 8.70
C THR A 16 -8.99 -4.31 8.91
N PRO A 17 -10.09 -4.76 9.48
CA PRO A 17 -10.30 -6.19 9.73
C PRO A 17 -10.72 -6.91 8.45
N ARG A 18 -9.83 -7.03 7.51
CA ARG A 18 -10.17 -7.72 6.24
C ARG A 18 -8.90 -8.19 5.55
N SER A 19 -8.87 -9.42 5.11
CA SER A 19 -7.65 -9.94 4.43
C SER A 19 -7.81 -9.78 2.91
N ILE A 20 -7.27 -8.72 2.36
CA ILE A 20 -7.39 -8.51 0.89
C ILE A 20 -6.08 -8.92 0.22
N PRO A 21 -6.20 -9.53 -0.95
CA PRO A 21 -5.04 -9.99 -1.73
C PRO A 21 -4.37 -8.81 -2.44
N CYS A 22 -3.09 -8.91 -2.70
CA CYS A 22 -2.39 -7.80 -3.39
C CYS A 22 -3.08 -7.50 -4.73
N SER A 23 -3.66 -8.51 -5.34
CA SER A 23 -4.34 -8.29 -6.64
C SER A 23 -5.26 -7.06 -6.53
N LEU A 24 -5.75 -6.77 -5.36
CA LEU A 24 -6.65 -5.60 -5.18
C LEU A 24 -5.86 -4.45 -4.55
N LEU A 25 -4.55 -4.47 -4.68
CA LEU A 25 -3.74 -3.38 -4.08
C LEU A 25 -2.83 -2.77 -5.16
N GLU A 26 -2.40 -1.56 -4.98
CA GLU A 26 -1.52 -0.92 -5.99
C GLU A 26 -0.15 -0.62 -5.37
N SER A 27 -0.13 -0.23 -4.12
CA SER A 27 1.17 0.07 -3.46
C SER A 27 0.97 0.09 -1.94
N TYR A 28 1.98 0.48 -1.21
CA TYR A 28 1.85 0.52 0.27
C TYR A 28 3.01 1.32 0.87
N PHE A 29 2.83 1.83 2.06
CA PHE A 29 3.92 2.63 2.69
C PHE A 29 3.87 2.45 4.21
N GLU A 30 4.83 2.99 4.91
CA GLU A 30 4.84 2.84 6.39
C GLU A 30 4.29 4.12 7.03
N THR A 31 3.67 4.01 8.17
CA THR A 31 3.11 5.21 8.85
C THR A 31 4.24 6.04 9.43
N ASN A 32 3.96 7.24 9.86
CA ASN A 32 5.03 8.10 10.44
C ASN A 32 5.43 7.56 11.82
N SER A 33 6.66 7.16 11.97
CA SER A 33 7.10 6.63 13.29
C SER A 33 6.94 7.70 14.36
N GLU A 34 6.74 8.93 13.96
CA GLU A 34 6.56 10.02 14.95
C GLU A 34 5.47 9.64 15.94
N CYS A 35 4.45 8.96 15.48
CA CYS A 35 3.34 8.56 16.40
C CYS A 35 3.87 7.57 17.44
N SER A 36 3.01 7.06 18.27
CA SER A 36 3.46 6.09 19.31
C SER A 36 3.78 4.74 18.65
N LYS A 37 2.81 4.12 18.05
CA LYS A 37 3.06 2.81 17.38
C LYS A 37 2.97 2.97 15.87
N PRO A 38 3.86 2.32 15.17
CA PRO A 38 3.91 2.37 13.70
C PRO A 38 2.84 1.45 13.10
N GLY A 39 2.87 1.25 11.80
CA GLY A 39 1.86 0.38 11.16
C GLY A 39 2.08 0.36 9.65
N VAL A 40 1.39 -0.49 8.96
CA VAL A 40 1.57 -0.56 7.47
C VAL A 40 0.31 -0.01 6.79
N ILE A 41 0.46 0.60 5.65
CA ILE A 41 -0.73 1.15 4.94
C ILE A 41 -0.73 0.67 3.49
N PHE A 42 -1.71 -0.07 3.10
CA PHE A 42 -1.77 -0.58 1.70
C PHE A 42 -2.74 0.28 0.89
N LEU A 43 -2.30 0.78 -0.24
CA LEU A 43 -3.21 1.63 -1.07
C LEU A 43 -3.78 0.79 -2.22
N THR A 44 -5.06 0.84 -2.42
CA THR A 44 -5.68 0.05 -3.52
C THR A 44 -5.73 0.89 -4.80
N LYS A 45 -6.00 0.27 -5.91
CA LYS A 45 -6.08 1.04 -7.18
C LYS A 45 -7.44 1.73 -7.29
N LYS A 46 -8.24 1.64 -6.26
CA LYS A 46 -9.57 2.29 -6.30
C LYS A 46 -9.54 3.58 -5.47
N GLY A 47 -8.38 4.18 -5.34
CA GLY A 47 -8.28 5.43 -4.55
C GLY A 47 -8.68 5.16 -3.10
N ARG A 48 -8.28 4.05 -2.57
CA ARG A 48 -8.63 3.72 -1.16
C ARG A 48 -7.40 3.15 -0.45
N ARG A 49 -7.36 3.21 0.85
CA ARG A 49 -6.18 2.68 1.59
C ARG A 49 -6.61 2.28 3.01
N PHE A 50 -5.91 1.36 3.61
CA PHE A 50 -6.27 0.93 4.99
C PHE A 50 -5.00 0.50 5.73
N CYS A 51 -5.02 0.56 7.04
CA CYS A 51 -3.82 0.16 7.82
C CYS A 51 -3.78 -1.36 7.94
N ALA A 52 -2.61 -1.93 7.95
CA ALA A 52 -2.49 -3.40 8.07
C ALA A 52 -1.42 -3.76 9.09
N ASN A 53 -1.34 -5.00 9.50
CA ASN A 53 -0.31 -5.39 10.50
C ASN A 53 1.01 -5.71 9.77
N PRO A 54 2.10 -5.17 10.29
CA PRO A 54 3.43 -5.38 9.70
C PRO A 54 3.94 -6.78 10.04
N SER A 55 3.38 -7.39 11.05
CA SER A 55 3.83 -8.77 11.41
C SER A 55 2.95 -9.79 10.70
N ASP A 56 2.04 -9.34 9.87
CA ASP A 56 1.16 -10.29 9.15
C ASP A 56 1.96 -11.00 8.05
N LYS A 57 2.09 -12.30 8.15
CA LYS A 57 2.86 -13.04 7.12
C LYS A 57 2.34 -12.67 5.73
N GLN A 58 1.05 -12.50 5.59
CA GLN A 58 0.49 -12.14 4.26
C GLN A 58 1.10 -10.82 3.79
N VAL A 59 1.44 -9.95 4.70
CA VAL A 59 2.04 -8.64 4.32
C VAL A 59 3.48 -8.87 3.84
N GLN A 60 4.19 -9.73 4.51
CA GLN A 60 5.60 -10.00 4.09
C GLN A 60 5.61 -10.62 2.70
N VAL A 61 4.62 -11.40 2.37
CA VAL A 61 4.57 -12.02 1.03
C VAL A 61 4.17 -10.97 -0.01
N CYS A 62 3.39 -10.00 0.39
CA CYS A 62 2.97 -8.94 -0.57
C CYS A 62 4.11 -7.94 -0.76
N MET A 63 4.79 -7.57 0.28
CA MET A 63 5.91 -6.60 0.14
C MET A 63 6.92 -7.14 -0.88
N ARG A 64 7.05 -8.43 -0.97
CA ARG A 64 8.01 -9.01 -1.95
C ARG A 64 7.41 -8.97 -3.35
N MET A 65 6.12 -8.85 -3.45
CA MET A 65 5.47 -8.81 -4.79
C MET A 65 5.41 -7.35 -5.27
N LEU A 66 5.03 -6.45 -4.40
CA LEU A 66 4.96 -5.02 -4.81
C LEU A 66 6.38 -4.44 -4.92
N LYS A 67 7.21 -5.05 -5.72
CA LYS A 67 8.60 -4.53 -5.87
C LYS A 67 8.58 -3.19 -6.59
N LEU A 68 9.64 -2.45 -6.51
CA LEU A 68 9.68 -1.13 -7.21
C LEU A 68 10.23 -1.31 -8.62
N ASP A 69 11.10 -2.25 -8.82
CA ASP A 69 11.66 -2.48 -10.17
C ASP A 69 10.55 -2.97 -11.11
N THR A 70 9.70 -2.08 -11.55
CA THR A 70 8.60 -2.49 -12.45
C THR A 70 9.08 -2.41 -13.91
N ARG A 71 8.46 -3.13 -14.80
CA ARG A 71 8.88 -3.10 -16.23
C ARG A 71 8.05 -2.06 -16.97
N ILE A 72 8.69 -1.07 -17.53
CA ILE A 72 7.93 -0.02 -18.28
C ILE A 72 8.64 0.26 -19.60
N LYS A 73 8.84 -0.75 -20.40
CA LYS A 73 9.51 -0.54 -21.70
C LYS A 73 8.64 0.33 -22.61
N THR A 74 9.14 0.69 -23.76
CA THR A 74 8.34 1.55 -24.68
C THR A 74 8.98 1.53 -26.07
N ARG A 75 8.55 2.40 -26.94
CA ARG A 75 9.14 2.44 -28.31
C ARG A 75 8.76 1.16 -29.06
N LYS A 76 8.05 1.29 -30.15
CA LYS A 76 7.65 0.08 -30.92
C LYS A 76 6.82 0.49 -32.13
N ASN A 77 7.43 1.06 -33.13
CA ASN A 77 6.67 1.49 -34.34
C ASN A 77 6.24 0.25 -35.13
N MET A 1 11.46 21.52 17.44
CA MET A 1 11.38 21.12 16.01
C MET A 1 10.81 19.70 15.92
N ASP A 2 9.59 19.56 15.47
CA ASP A 2 8.99 18.21 15.35
C ASP A 2 9.00 17.53 16.72
N ARG A 3 7.93 17.67 17.47
CA ARG A 3 7.88 17.03 18.81
C ARG A 3 7.90 15.50 18.66
N PHE A 4 8.20 14.80 19.71
CA PHE A 4 8.24 13.31 19.62
C PHE A 4 6.84 12.77 19.36
N HIS A 5 6.44 12.71 18.13
CA HIS A 5 5.07 12.19 17.81
C HIS A 5 5.17 10.73 17.38
N ALA A 6 5.47 9.85 18.29
CA ALA A 6 5.59 8.40 17.93
C ALA A 6 4.63 7.59 18.79
N THR A 7 3.85 8.23 19.61
CA THR A 7 2.90 7.47 20.48
C THR A 7 1.53 7.42 19.79
N SER A 8 1.15 8.46 19.11
CA SER A 8 -0.17 8.47 18.42
C SER A 8 -0.05 7.72 17.09
N ALA A 9 1.08 7.15 16.81
CA ALA A 9 1.26 6.42 15.53
C ALA A 9 0.35 5.19 15.51
N ASP A 10 0.44 4.39 14.49
CA ASP A 10 -0.41 3.17 14.41
C ASP A 10 0.07 2.30 13.24
N CYS A 11 1.30 1.88 13.27
CA CYS A 11 1.82 1.03 12.15
C CYS A 11 1.17 -0.35 12.23
N CYS A 12 1.56 -1.24 11.36
CA CYS A 12 0.97 -2.61 11.38
C CYS A 12 1.95 -3.59 12.00
N ILE A 13 1.55 -4.24 13.07
CA ILE A 13 2.45 -5.22 13.72
C ILE A 13 2.24 -6.60 13.09
N SER A 14 1.10 -6.81 12.49
CA SER A 14 0.82 -8.12 11.85
C SER A 14 0.11 -7.88 10.51
N TYR A 15 0.65 -8.41 9.44
CA TYR A 15 0.01 -8.21 8.12
C TYR A 15 -1.16 -9.16 7.96
N THR A 16 -2.08 -8.86 7.08
CA THR A 16 -3.25 -9.76 6.88
C THR A 16 -2.76 -11.16 6.47
N PRO A 17 -3.27 -12.17 7.14
CA PRO A 17 -2.90 -13.57 6.86
C PRO A 17 -3.63 -14.07 5.62
N ARG A 18 -3.48 -13.41 4.51
CA ARG A 18 -4.18 -13.86 3.28
C ARG A 18 -3.56 -13.17 2.06
N SER A 19 -3.56 -13.82 0.93
CA SER A 19 -2.97 -13.21 -0.29
C SER A 19 -4.07 -12.53 -1.10
N ILE A 20 -3.88 -11.29 -1.46
CA ILE A 20 -4.92 -10.57 -2.25
C ILE A 20 -4.42 -10.38 -3.69
N PRO A 21 -5.32 -10.53 -4.63
CA PRO A 21 -5.01 -10.38 -6.06
C PRO A 21 -4.93 -8.91 -6.44
N CYS A 22 -3.94 -8.53 -7.21
CA CYS A 22 -3.82 -7.09 -7.60
C CYS A 22 -5.11 -6.64 -8.28
N SER A 23 -5.83 -7.55 -8.87
CA SER A 23 -7.10 -7.17 -9.55
C SER A 23 -8.04 -6.52 -8.53
N LEU A 24 -7.83 -6.78 -7.27
CA LEU A 24 -8.72 -6.17 -6.23
C LEU A 24 -7.95 -5.09 -5.49
N LEU A 25 -6.98 -4.48 -6.11
CA LEU A 25 -6.18 -3.42 -5.44
C LEU A 25 -6.22 -2.14 -6.28
N GLU A 26 -6.42 -1.02 -5.65
CA GLU A 26 -6.45 0.26 -6.42
C GLU A 26 -5.16 1.05 -6.19
N SER A 27 -4.58 0.91 -5.03
CA SER A 27 -3.31 1.65 -4.74
C SER A 27 -2.61 1.00 -3.54
N TYR A 28 -1.57 1.62 -3.05
CA TYR A 28 -0.85 1.04 -1.89
C TYR A 28 0.15 2.07 -1.34
N PHE A 29 0.54 1.93 -0.11
CA PHE A 29 1.51 2.91 0.48
C PHE A 29 2.28 2.24 1.62
N GLU A 30 3.34 2.83 2.07
CA GLU A 30 4.14 2.22 3.17
C GLU A 30 3.80 2.92 4.49
N THR A 31 3.81 2.20 5.58
CA THR A 31 3.49 2.82 6.90
C THR A 31 4.49 3.94 7.19
N ASN A 32 4.22 4.77 8.16
CA ASN A 32 5.15 5.87 8.49
C ASN A 32 6.53 5.29 8.80
N SER A 33 7.55 5.78 8.14
CA SER A 33 8.93 5.26 8.39
C SER A 33 9.27 5.44 9.87
N GLU A 34 8.59 6.33 10.55
CA GLU A 34 8.88 6.55 11.99
C GLU A 34 8.93 5.20 12.72
N CYS A 35 8.27 4.21 12.18
CA CYS A 35 8.28 2.87 12.84
C CYS A 35 9.55 2.12 12.44
N SER A 36 10.13 1.39 13.36
CA SER A 36 11.37 0.63 13.03
C SER A 36 11.01 -0.46 12.01
N LYS A 37 9.83 -0.99 12.09
CA LYS A 37 9.40 -2.05 11.14
C LYS A 37 8.20 -1.56 10.33
N PRO A 38 8.46 -1.07 9.14
CA PRO A 38 7.41 -0.55 8.25
C PRO A 38 6.65 -1.69 7.58
N GLY A 39 5.83 -1.40 6.61
CA GLY A 39 5.06 -2.45 5.93
C GLY A 39 4.39 -1.86 4.68
N VAL A 40 3.66 -2.67 3.96
CA VAL A 40 2.99 -2.15 2.73
C VAL A 40 1.47 -2.24 2.89
N ILE A 41 0.78 -1.15 2.71
CA ILE A 41 -0.71 -1.16 2.86
C ILE A 41 -1.35 -1.10 1.48
N PHE A 42 -2.06 -2.12 1.09
CA PHE A 42 -2.72 -2.12 -0.26
C PHE A 42 -4.16 -1.62 -0.12
N LEU A 43 -4.57 -0.73 -0.99
CA LEU A 43 -5.96 -0.20 -0.92
C LEU A 43 -6.83 -0.92 -1.97
N THR A 44 -8.10 -1.06 -1.70
CA THR A 44 -8.98 -1.75 -2.69
C THR A 44 -9.66 -0.71 -3.58
N LYS A 45 -10.39 -1.16 -4.57
CA LYS A 45 -11.09 -0.20 -5.47
C LYS A 45 -12.37 0.30 -4.81
N LYS A 46 -12.81 -0.36 -3.78
CA LYS A 46 -14.06 0.08 -3.10
C LYS A 46 -13.70 1.02 -1.94
N GLY A 47 -13.12 0.50 -0.90
CA GLY A 47 -12.74 1.34 0.26
C GLY A 47 -12.15 0.47 1.36
N ARG A 48 -11.25 -0.42 1.01
CA ARG A 48 -10.65 -1.30 2.05
C ARG A 48 -9.12 -1.19 1.97
N ARG A 49 -8.44 -1.52 3.03
CA ARG A 49 -6.96 -1.44 3.01
C ARG A 49 -6.38 -2.42 4.04
N PHE A 50 -5.25 -3.00 3.75
CA PHE A 50 -4.64 -3.96 4.70
C PHE A 50 -3.12 -3.97 4.52
N CYS A 51 -2.38 -4.08 5.58
CA CYS A 51 -0.90 -4.08 5.48
C CYS A 51 -0.42 -5.45 4.97
N ALA A 52 0.72 -5.50 4.34
CA ALA A 52 1.24 -6.79 3.83
C ALA A 52 2.74 -6.88 4.09
N ASN A 53 3.31 -8.04 3.99
CA ASN A 53 4.77 -8.18 4.22
C ASN A 53 5.54 -7.80 2.96
N PRO A 54 6.60 -7.05 3.13
CA PRO A 54 7.44 -6.59 2.01
C PRO A 54 8.32 -7.74 1.51
N SER A 55 8.21 -8.89 2.13
CA SER A 55 9.05 -10.05 1.68
C SER A 55 8.22 -10.93 0.75
N ASP A 56 6.97 -10.61 0.56
CA ASP A 56 6.12 -11.45 -0.34
C ASP A 56 6.44 -11.11 -1.79
N LYS A 57 7.02 -12.04 -2.51
CA LYS A 57 7.36 -11.78 -3.93
C LYS A 57 6.12 -11.25 -4.67
N GLN A 58 4.97 -11.74 -4.31
CA GLN A 58 3.73 -11.26 -4.98
C GLN A 58 3.51 -9.78 -4.67
N VAL A 59 3.98 -9.33 -3.54
CA VAL A 59 3.81 -7.90 -3.18
C VAL A 59 4.75 -7.04 -4.03
N GLN A 60 5.95 -7.50 -4.24
CA GLN A 60 6.91 -6.71 -5.06
C GLN A 60 6.48 -6.74 -6.52
N VAL A 61 5.93 -7.84 -6.97
CA VAL A 61 5.48 -7.92 -8.39
C VAL A 61 4.18 -7.13 -8.57
N CYS A 62 3.46 -6.91 -7.50
CA CYS A 62 2.19 -6.14 -7.61
C CYS A 62 2.50 -4.65 -7.66
N MET A 63 3.52 -4.22 -6.95
CA MET A 63 3.87 -2.78 -6.96
C MET A 63 4.24 -2.35 -8.38
N ARG A 64 4.68 -3.27 -9.18
CA ARG A 64 5.05 -2.91 -10.59
C ARG A 64 3.79 -2.67 -11.41
N MET A 65 2.70 -3.28 -11.02
CA MET A 65 1.43 -3.09 -11.78
C MET A 65 0.65 -1.91 -11.18
N LEU A 66 0.73 -1.73 -9.90
CA LEU A 66 -0.01 -0.61 -9.26
C LEU A 66 0.67 0.73 -9.63
N LYS A 67 1.87 0.67 -10.14
CA LYS A 67 2.57 1.92 -10.52
C LYS A 67 1.75 2.67 -11.58
N LEU A 68 1.50 2.04 -12.68
CA LEU A 68 0.71 2.70 -13.76
C LEU A 68 -0.79 2.61 -13.42
N ASP A 69 -1.16 3.07 -12.26
CA ASP A 69 -2.60 3.03 -11.88
C ASP A 69 -3.43 3.80 -12.90
N THR A 70 -3.63 5.08 -12.69
CA THR A 70 -4.43 5.88 -13.66
C THR A 70 -4.09 7.36 -13.50
N ARG A 71 -4.95 8.23 -13.94
CA ARG A 71 -4.67 9.69 -13.81
C ARG A 71 -3.33 10.02 -14.47
N ILE A 72 -2.95 9.26 -15.47
CA ILE A 72 -1.66 9.53 -16.16
C ILE A 72 -1.83 9.33 -17.66
N LYS A 73 -3.02 9.51 -18.16
CA LYS A 73 -3.25 9.33 -19.62
C LYS A 73 -3.23 10.69 -20.32
N THR A 74 -2.07 11.19 -20.64
CA THR A 74 -1.99 12.51 -21.32
C THR A 74 -3.04 12.58 -22.43
N ARG A 75 -3.40 11.45 -22.99
CA ARG A 75 -4.42 11.46 -24.07
C ARG A 75 -3.87 12.21 -25.29
N LYS A 76 -3.02 11.58 -26.05
CA LYS A 76 -2.45 12.26 -27.25
C LYS A 76 -1.67 11.24 -28.08
N ASN A 77 -0.49 10.86 -27.64
CA ASN A 77 0.31 9.87 -28.41
C ASN A 77 1.03 8.93 -27.44
N MET A 1 -3.37 12.06 21.98
CA MET A 1 -3.26 10.86 21.10
C MET A 1 -3.78 11.20 19.70
N ASP A 2 -2.89 11.43 18.77
CA ASP A 2 -3.33 11.77 17.39
C ASP A 2 -4.23 10.65 16.85
N ARG A 3 -5.28 10.99 16.18
CA ARG A 3 -6.19 9.95 15.63
C ARG A 3 -5.44 9.09 14.62
N PHE A 4 -4.92 7.98 15.04
CA PHE A 4 -4.17 7.11 14.10
C PHE A 4 -4.30 5.65 14.54
N HIS A 5 -5.50 5.19 14.78
CA HIS A 5 -5.69 3.79 15.22
C HIS A 5 -6.69 3.09 14.30
N ALA A 6 -6.35 2.90 13.06
CA ALA A 6 -7.29 2.23 12.12
C ALA A 6 -6.73 0.87 11.73
N THR A 7 -5.50 0.60 12.07
CA THR A 7 -4.91 -0.72 11.72
C THR A 7 -4.31 -1.37 12.99
N SER A 8 -4.47 -2.66 13.13
CA SER A 8 -3.93 -3.33 14.35
C SER A 8 -2.57 -3.94 14.01
N ALA A 9 -2.39 -4.41 12.81
CA ALA A 9 -1.09 -5.02 12.42
C ALA A 9 -0.17 -3.94 11.85
N ASP A 10 1.11 -4.09 12.02
CA ASP A 10 2.06 -3.06 11.47
C ASP A 10 3.38 -3.73 11.11
N CYS A 11 3.88 -4.59 11.96
CA CYS A 11 5.17 -5.27 11.66
C CYS A 11 4.92 -6.44 10.72
N CYS A 12 5.74 -6.60 9.72
CA CYS A 12 5.56 -7.72 8.77
C CYS A 12 6.67 -8.76 8.98
N ILE A 13 6.36 -10.02 8.80
CA ILE A 13 7.39 -11.07 8.99
C ILE A 13 7.53 -11.90 7.72
N SER A 14 6.67 -11.70 6.77
CA SER A 14 6.75 -12.48 5.50
C SER A 14 6.05 -11.71 4.38
N TYR A 15 6.80 -11.22 3.42
CA TYR A 15 6.18 -10.47 2.30
C TYR A 15 5.72 -11.45 1.21
N THR A 16 4.90 -11.01 0.31
CA THR A 16 4.42 -11.92 -0.78
C THR A 16 5.55 -12.18 -1.77
N PRO A 17 6.01 -13.41 -1.82
CA PRO A 17 7.09 -13.82 -2.73
C PRO A 17 6.56 -14.02 -4.16
N ARG A 18 6.02 -12.98 -4.75
CA ARG A 18 5.47 -13.12 -6.13
C ARG A 18 5.49 -11.75 -6.81
N SER A 19 5.38 -11.73 -8.12
CA SER A 19 5.39 -10.43 -8.85
C SER A 19 3.96 -9.92 -9.01
N ILE A 20 3.60 -8.91 -8.27
CA ILE A 20 2.22 -8.37 -8.37
C ILE A 20 2.22 -7.14 -9.28
N PRO A 21 1.27 -7.07 -10.17
CA PRO A 21 1.14 -5.94 -11.11
C PRO A 21 0.52 -4.73 -10.42
N CYS A 22 1.01 -3.55 -10.68
CA CYS A 22 0.46 -2.34 -10.03
C CYS A 22 -1.00 -2.14 -10.48
N SER A 23 -1.27 -2.35 -11.74
CA SER A 23 -2.67 -2.17 -12.23
C SER A 23 -3.64 -2.90 -11.30
N LEU A 24 -3.16 -3.91 -10.60
CA LEU A 24 -4.06 -4.66 -9.68
C LEU A 24 -3.90 -4.11 -8.25
N LEU A 25 -3.41 -2.91 -8.13
CA LEU A 25 -3.23 -2.32 -6.77
C LEU A 25 -3.86 -0.93 -6.72
N GLU A 26 -4.42 -0.56 -5.60
CA GLU A 26 -5.06 0.78 -5.51
C GLU A 26 -4.09 1.76 -4.82
N SER A 27 -3.50 1.36 -3.74
CA SER A 27 -2.54 2.25 -3.03
C SER A 27 -1.52 1.42 -2.26
N TYR A 28 -0.70 2.04 -1.46
CA TYR A 28 0.31 1.27 -0.68
C TYR A 28 0.96 2.19 0.37
N PHE A 29 1.55 1.63 1.37
CA PHE A 29 2.20 2.47 2.42
C PHE A 29 3.35 1.69 3.07
N GLU A 30 4.13 2.33 3.89
CA GLU A 30 5.26 1.63 4.54
C GLU A 30 4.87 1.24 5.97
N THR A 31 5.59 0.32 6.57
CA THR A 31 5.25 -0.11 7.95
C THR A 31 5.85 0.90 8.95
N ASN A 32 5.66 0.66 10.22
CA ASN A 32 6.22 1.59 11.24
C ASN A 32 7.72 1.33 11.40
N SER A 33 8.53 2.35 11.25
CA SER A 33 10.00 2.16 11.40
C SER A 33 10.30 1.49 12.74
N GLU A 34 9.39 1.58 13.68
CA GLU A 34 9.63 0.96 15.00
C GLU A 34 9.62 -0.56 14.86
N CYS A 35 8.86 -1.07 13.93
CA CYS A 35 8.80 -2.55 13.73
C CYS A 35 10.21 -3.08 13.49
N SER A 36 10.47 -4.30 13.89
CA SER A 36 11.83 -4.88 13.68
C SER A 36 12.31 -4.55 12.27
N LYS A 37 11.68 -5.10 11.27
CA LYS A 37 12.11 -4.82 9.87
C LYS A 37 11.01 -4.03 9.15
N PRO A 38 11.40 -3.04 8.39
CA PRO A 38 10.47 -2.19 7.63
C PRO A 38 9.99 -2.93 6.37
N GLY A 39 9.04 -2.37 5.68
CA GLY A 39 8.53 -3.03 4.45
C GLY A 39 7.45 -2.16 3.81
N VAL A 40 6.98 -2.55 2.65
CA VAL A 40 5.92 -1.75 1.98
C VAL A 40 4.64 -2.58 1.85
N ILE A 41 3.53 -2.07 2.32
CA ILE A 41 2.26 -2.83 2.22
C ILE A 41 1.46 -2.34 1.01
N PHE A 42 1.15 -3.22 0.10
CA PHE A 42 0.37 -2.81 -1.10
C PHE A 42 -1.08 -3.22 -0.95
N LEU A 43 -2.00 -2.31 -1.11
CA LEU A 43 -3.44 -2.67 -0.97
C LEU A 43 -4.04 -2.95 -2.36
N THR A 44 -4.86 -3.96 -2.46
CA THR A 44 -5.47 -4.29 -3.78
C THR A 44 -6.92 -3.81 -3.80
N LYS A 45 -7.55 -3.86 -4.95
CA LYS A 45 -8.97 -3.40 -5.03
C LYS A 45 -9.89 -4.52 -4.52
N LYS A 46 -9.33 -5.59 -4.03
CA LYS A 46 -10.17 -6.70 -3.51
C LYS A 46 -10.12 -6.71 -1.98
N GLY A 47 -9.89 -5.57 -1.38
CA GLY A 47 -9.82 -5.51 0.10
C GLY A 47 -8.72 -6.43 0.61
N ARG A 48 -7.58 -6.43 -0.04
CA ARG A 48 -6.46 -7.29 0.40
C ARG A 48 -5.18 -6.47 0.47
N ARG A 49 -4.37 -6.69 1.47
CA ARG A 49 -3.11 -5.92 1.60
C ARG A 49 -1.96 -6.88 1.95
N PHE A 50 -0.76 -6.58 1.53
CA PHE A 50 0.39 -7.47 1.84
C PHE A 50 1.69 -6.67 1.82
N CYS A 51 2.67 -7.11 2.55
CA CYS A 51 3.96 -6.37 2.58
C CYS A 51 4.81 -6.77 1.36
N ALA A 52 5.75 -5.94 0.97
CA ALA A 52 6.59 -6.26 -0.20
C ALA A 52 8.01 -5.75 0.05
N ASN A 53 8.94 -6.08 -0.82
CA ASN A 53 10.34 -5.61 -0.65
C ASN A 53 10.46 -4.17 -1.16
N PRO A 54 10.94 -3.29 -0.32
CA PRO A 54 11.11 -1.87 -0.68
C PRO A 54 12.34 -1.69 -1.57
N SER A 55 13.12 -2.72 -1.74
CA SER A 55 14.32 -2.61 -2.61
C SER A 55 14.02 -3.25 -3.97
N ASP A 56 12.83 -3.75 -4.16
CA ASP A 56 12.49 -4.39 -5.46
C ASP A 56 12.35 -3.30 -6.53
N LYS A 57 13.18 -3.34 -7.54
CA LYS A 57 13.10 -2.30 -8.61
C LYS A 57 11.64 -2.16 -9.06
N GLN A 58 10.93 -3.24 -9.19
CA GLN A 58 9.51 -3.16 -9.61
C GLN A 58 8.74 -2.31 -8.60
N VAL A 59 9.14 -2.34 -7.36
CA VAL A 59 8.44 -1.53 -6.32
C VAL A 59 8.77 -0.05 -6.51
N GLN A 60 10.01 0.24 -6.82
CA GLN A 60 10.40 1.67 -7.02
C GLN A 60 9.65 2.23 -8.24
N VAL A 61 9.41 1.41 -9.23
CA VAL A 61 8.67 1.90 -10.43
C VAL A 61 7.19 2.03 -10.11
N CYS A 62 6.72 1.25 -9.17
CA CYS A 62 5.27 1.32 -8.82
C CYS A 62 4.99 2.57 -7.98
N MET A 63 5.96 3.01 -7.22
CA MET A 63 5.75 4.23 -6.38
C MET A 63 5.29 5.39 -7.27
N ARG A 64 5.78 5.45 -8.48
CA ARG A 64 5.37 6.56 -9.39
C ARG A 64 4.03 6.22 -10.05
N MET A 65 3.84 4.99 -10.42
CA MET A 65 2.55 4.59 -11.06
C MET A 65 1.41 4.84 -10.08
N LEU A 66 1.54 4.37 -8.87
CA LEU A 66 0.46 4.57 -7.86
C LEU A 66 0.33 6.06 -7.55
N LYS A 67 -0.15 6.84 -8.48
CA LYS A 67 -0.29 8.30 -8.24
C LYS A 67 -1.16 8.51 -6.99
N LEU A 68 -1.05 9.66 -6.37
CA LEU A 68 -1.87 9.93 -5.15
C LEU A 68 -3.35 9.85 -5.51
N ASP A 69 -3.90 8.66 -5.52
CA ASP A 69 -5.34 8.51 -5.87
C ASP A 69 -6.20 8.91 -4.65
N THR A 70 -6.16 10.16 -4.28
CA THR A 70 -6.97 10.61 -3.12
C THR A 70 -8.45 10.69 -3.52
N ARG A 71 -9.29 11.13 -2.62
CA ARG A 71 -10.74 11.23 -2.97
C ARG A 71 -11.28 9.84 -3.31
N ILE A 72 -12.57 9.71 -3.45
CA ILE A 72 -13.16 8.39 -3.79
C ILE A 72 -14.06 8.54 -5.01
N LYS A 73 -15.18 7.87 -5.03
CA LYS A 73 -16.10 7.99 -6.20
C LYS A 73 -16.74 9.38 -6.21
N THR A 74 -16.28 10.24 -7.08
CA THR A 74 -16.87 11.61 -7.13
C THR A 74 -16.49 12.26 -8.47
N ARG A 75 -17.30 13.17 -8.95
CA ARG A 75 -16.99 13.84 -10.24
C ARG A 75 -16.21 15.13 -9.97
N LYS A 76 -16.45 15.77 -8.87
CA LYS A 76 -15.72 17.03 -8.56
C LYS A 76 -16.05 17.47 -7.13
N ASN A 77 -17.32 17.62 -6.82
CA ASN A 77 -17.70 18.05 -5.45
C ASN A 77 -19.04 17.42 -5.08
N MET A 1 -15.07 9.92 -11.74
CA MET A 1 -14.06 8.86 -11.48
C MET A 1 -13.34 9.15 -10.16
N ASP A 2 -14.06 9.27 -9.08
CA ASP A 2 -13.42 9.56 -7.78
C ASP A 2 -14.24 8.92 -6.65
N ARG A 3 -14.63 7.68 -6.82
CA ARG A 3 -15.44 7.01 -5.76
C ARG A 3 -14.55 6.05 -4.97
N PHE A 4 -15.05 5.48 -3.92
CA PHE A 4 -14.23 4.54 -3.11
C PHE A 4 -14.78 3.11 -3.25
N HIS A 5 -14.09 2.15 -2.73
CA HIS A 5 -14.57 0.74 -2.83
C HIS A 5 -14.68 0.13 -1.44
N ALA A 6 -15.22 0.86 -0.50
CA ALA A 6 -15.36 0.31 0.88
C ALA A 6 -13.97 -0.03 1.43
N THR A 7 -13.82 0.02 2.72
CA THR A 7 -12.49 -0.30 3.33
C THR A 7 -12.68 -0.89 4.72
N SER A 8 -11.70 -1.58 5.24
CA SER A 8 -11.83 -2.18 6.59
C SER A 8 -11.12 -1.28 7.61
N ALA A 9 -11.38 -1.47 8.87
CA ALA A 9 -10.72 -0.64 9.91
C ALA A 9 -9.56 -1.41 10.52
N ASP A 10 -8.47 -0.75 10.80
CA ASP A 10 -7.30 -1.46 11.40
C ASP A 10 -6.23 -0.44 11.78
N CYS A 11 -5.79 -0.44 13.00
CA CYS A 11 -4.74 0.53 13.42
C CYS A 11 -3.36 -0.06 13.13
N CYS A 12 -2.32 0.63 13.51
CA CYS A 12 -0.95 0.12 13.25
C CYS A 12 -0.30 -0.31 14.58
N ILE A 13 0.22 -1.50 14.64
CA ILE A 13 0.87 -1.97 15.90
C ILE A 13 2.37 -2.11 15.68
N SER A 14 2.77 -2.57 14.53
CA SER A 14 4.22 -2.73 14.26
C SER A 14 4.48 -2.59 12.75
N TYR A 15 5.38 -1.73 12.38
CA TYR A 15 5.68 -1.53 10.93
C TYR A 15 6.65 -2.62 10.46
N THR A 16 6.53 -3.07 9.24
CA THR A 16 7.44 -4.12 8.73
C THR A 16 8.88 -3.59 8.71
N PRO A 17 9.74 -4.21 9.48
CA PRO A 17 11.17 -3.81 9.56
C PRO A 17 11.93 -4.33 8.35
N ARG A 18 11.50 -3.98 7.16
CA ARG A 18 12.21 -4.46 5.95
C ARG A 18 11.94 -3.49 4.79
N SER A 19 12.78 -3.47 3.80
CA SER A 19 12.57 -2.56 2.65
C SER A 19 11.79 -3.28 1.55
N ILE A 20 10.60 -2.84 1.27
CA ILE A 20 9.79 -3.52 0.21
C ILE A 20 9.80 -2.65 -1.06
N PRO A 21 10.13 -3.25 -2.18
CA PRO A 21 10.18 -2.55 -3.47
C PRO A 21 8.77 -2.39 -4.04
N CYS A 22 8.59 -1.45 -4.93
CA CYS A 22 7.24 -1.24 -5.53
C CYS A 22 6.85 -2.47 -6.35
N SER A 23 7.80 -3.32 -6.65
CA SER A 23 7.48 -4.53 -7.45
C SER A 23 6.76 -5.55 -6.57
N LEU A 24 7.01 -5.52 -5.29
CA LEU A 24 6.35 -6.50 -4.38
C LEU A 24 5.20 -5.80 -3.63
N LEU A 25 4.64 -4.78 -4.22
CA LEU A 25 3.52 -4.06 -3.56
C LEU A 25 2.31 -4.02 -4.50
N GLU A 26 1.12 -4.18 -3.96
CA GLU A 26 -0.09 -4.14 -4.83
C GLU A 26 -0.88 -2.87 -4.55
N SER A 27 -0.81 -2.37 -3.35
CA SER A 27 -1.57 -1.13 -3.02
C SER A 27 -1.25 -0.69 -1.58
N TYR A 28 -1.86 0.37 -1.13
CA TYR A 28 -1.60 0.84 0.26
C TYR A 28 -2.64 1.89 0.65
N PHE A 29 -2.70 2.25 1.89
CA PHE A 29 -3.70 3.27 2.33
C PHE A 29 -3.36 3.76 3.74
N GLU A 30 -4.22 4.52 4.34
CA GLU A 30 -3.94 5.02 5.72
C GLU A 30 -4.80 4.26 6.72
N THR A 31 -4.28 4.02 7.90
CA THR A 31 -5.07 3.28 8.93
C THR A 31 -6.20 4.18 9.44
N ASN A 32 -7.22 3.58 9.99
CA ASN A 32 -8.36 4.40 10.52
C ASN A 32 -7.81 5.56 11.36
N SER A 33 -7.93 6.76 10.88
CA SER A 33 -7.42 7.92 11.66
C SER A 33 -7.92 7.84 13.10
N GLU A 34 -9.11 7.34 13.30
CA GLU A 34 -9.65 7.22 14.68
C GLU A 34 -8.60 6.58 15.59
N CYS A 35 -7.75 5.76 15.04
CA CYS A 35 -6.71 5.11 15.87
C CYS A 35 -5.84 6.17 16.54
N SER A 36 -5.39 5.91 17.74
CA SER A 36 -4.53 6.92 18.44
C SER A 36 -3.15 6.96 17.78
N LYS A 37 -2.81 5.94 17.03
CA LYS A 37 -1.48 5.93 16.36
C LYS A 37 -1.69 5.86 14.84
N PRO A 38 -1.26 6.88 14.14
CA PRO A 38 -1.39 6.95 12.68
C PRO A 38 -0.33 6.08 12.01
N GLY A 39 -0.47 5.84 10.73
CA GLY A 39 0.52 5.01 10.00
C GLY A 39 -0.03 4.63 8.62
N VAL A 40 0.77 4.01 7.80
CA VAL A 40 0.29 3.63 6.45
C VAL A 40 0.33 2.11 6.31
N ILE A 41 -0.55 1.55 5.53
CA ILE A 41 -0.57 0.06 5.36
C ILE A 41 -0.18 -0.28 3.92
N PHE A 42 0.79 -1.14 3.75
CA PHE A 42 1.21 -1.52 2.37
C PHE A 42 0.74 -2.94 2.06
N LEU A 43 0.00 -3.10 0.99
CA LEU A 43 -0.50 -4.47 0.64
C LEU A 43 0.40 -5.06 -0.46
N THR A 44 1.03 -6.16 -0.18
CA THR A 44 1.92 -6.79 -1.20
C THR A 44 1.08 -7.59 -2.18
N LYS A 45 1.66 -8.01 -3.28
CA LYS A 45 0.88 -8.81 -4.27
C LYS A 45 0.68 -10.23 -3.75
N LYS A 46 1.20 -10.52 -2.58
CA LYS A 46 1.03 -11.89 -2.00
C LYS A 46 -0.13 -11.86 -1.02
N GLY A 47 -1.05 -10.95 -1.19
CA GLY A 47 -2.22 -10.87 -0.27
C GLY A 47 -1.74 -10.59 1.15
N ARG A 48 -0.65 -9.89 1.28
CA ARG A 48 -0.12 -9.58 2.65
C ARG A 48 -0.23 -8.08 2.90
N ARG A 49 -0.37 -7.68 4.14
CA ARG A 49 -0.49 -6.22 4.45
C ARG A 49 0.32 -5.91 5.71
N PHE A 50 0.98 -4.77 5.74
CA PHE A 50 1.78 -4.40 6.93
C PHE A 50 1.75 -2.89 7.10
N CYS A 51 2.23 -2.39 8.22
CA CYS A 51 2.22 -0.92 8.45
C CYS A 51 3.55 -0.33 7.98
N ALA A 52 3.62 0.97 7.83
CA ALA A 52 4.88 1.61 7.38
C ALA A 52 4.98 3.01 7.98
N ASN A 53 6.17 3.49 8.21
CA ASN A 53 6.34 4.85 8.80
C ASN A 53 6.09 5.91 7.71
N PRO A 54 5.42 6.97 8.08
CA PRO A 54 5.11 8.07 7.15
C PRO A 54 6.35 8.93 6.92
N SER A 55 7.40 8.71 7.68
CA SER A 55 8.64 9.51 7.49
C SER A 55 9.63 8.71 6.64
N ASP A 56 9.25 7.54 6.20
CA ASP A 56 10.16 6.72 5.36
C ASP A 56 10.15 7.23 3.92
N LYS A 57 11.27 7.64 3.41
CA LYS A 57 11.30 8.16 2.00
C LYS A 57 10.93 7.03 1.04
N GLN A 58 11.42 5.85 1.26
CA GLN A 58 11.09 4.72 0.35
C GLN A 58 9.57 4.51 0.34
N VAL A 59 8.90 4.87 1.39
CA VAL A 59 7.42 4.70 1.44
C VAL A 59 6.76 5.76 0.57
N GLN A 60 7.20 6.99 0.68
CA GLN A 60 6.58 8.08 -0.14
C GLN A 60 7.07 7.96 -1.59
N VAL A 61 8.25 7.46 -1.79
CA VAL A 61 8.78 7.32 -3.19
C VAL A 61 8.08 6.15 -3.88
N CYS A 62 7.76 5.12 -3.15
CA CYS A 62 7.10 3.94 -3.78
C CYS A 62 5.64 4.29 -4.09
N MET A 63 5.01 5.07 -3.26
CA MET A 63 3.58 5.42 -3.50
C MET A 63 3.47 6.18 -4.84
N ARG A 64 4.57 6.62 -5.37
CA ARG A 64 4.52 7.35 -6.66
C ARG A 64 4.39 6.36 -7.82
N MET A 65 4.94 5.19 -7.66
CA MET A 65 4.85 4.18 -8.76
C MET A 65 3.64 3.27 -8.52
N LEU A 66 3.22 3.16 -7.29
CA LEU A 66 2.05 2.28 -6.98
C LEU A 66 0.76 2.96 -7.45
N LYS A 67 0.65 4.25 -7.21
CA LYS A 67 -0.58 4.98 -7.64
C LYS A 67 -0.68 4.95 -9.17
N LEU A 68 0.44 4.96 -9.85
CA LEU A 68 0.41 4.93 -11.34
C LEU A 68 0.00 3.54 -11.82
N ASP A 69 -1.14 3.44 -12.46
CA ASP A 69 -1.59 2.11 -12.96
C ASP A 69 -0.84 1.76 -14.24
N THR A 70 -0.94 2.59 -15.24
CA THR A 70 -0.23 2.30 -16.52
C THR A 70 -0.53 0.87 -16.96
N ARG A 71 -1.77 0.56 -17.20
CA ARG A 71 -2.13 -0.82 -17.63
C ARG A 71 -1.34 -1.19 -18.89
N ILE A 72 -0.75 -2.35 -18.91
CA ILE A 72 0.04 -2.76 -20.11
C ILE A 72 -0.62 -3.99 -20.74
N LYS A 73 0.16 -4.93 -21.21
CA LYS A 73 -0.43 -6.16 -21.82
C LYS A 73 -0.75 -7.18 -20.72
N THR A 74 -2.01 -7.48 -20.53
CA THR A 74 -2.38 -8.47 -19.48
C THR A 74 -3.87 -8.80 -19.59
N ARG A 75 -4.21 -9.82 -20.35
CA ARG A 75 -5.65 -10.19 -20.50
C ARG A 75 -5.82 -11.68 -20.21
N LYS A 76 -5.34 -12.13 -19.08
CA LYS A 76 -5.48 -13.58 -18.74
C LYS A 76 -5.76 -13.72 -17.24
N ASN A 77 -5.11 -12.92 -16.43
CA ASN A 77 -5.35 -13.02 -14.96
C ASN A 77 -4.89 -14.40 -14.46
N MET A 1 -22.75 1.32 -7.19
CA MET A 1 -23.87 0.36 -7.42
C MET A 1 -23.32 -1.06 -7.59
N ASP A 2 -22.14 -1.30 -7.08
CA ASP A 2 -21.54 -2.67 -7.21
C ASP A 2 -21.14 -3.18 -5.83
N ARG A 3 -22.10 -3.45 -4.98
CA ARG A 3 -21.77 -3.95 -3.62
C ARG A 3 -21.64 -5.48 -3.66
N PHE A 4 -22.73 -6.17 -3.86
CA PHE A 4 -22.66 -7.66 -3.91
C PHE A 4 -22.59 -8.13 -5.37
N HIS A 5 -21.48 -7.94 -6.01
CA HIS A 5 -21.36 -8.37 -7.43
C HIS A 5 -20.27 -9.45 -7.55
N ALA A 6 -19.92 -9.83 -8.75
CA ALA A 6 -18.86 -10.87 -8.91
C ALA A 6 -17.74 -10.32 -9.79
N THR A 7 -16.68 -9.86 -9.19
CA THR A 7 -15.55 -9.32 -9.99
C THR A 7 -14.23 -9.73 -9.35
N SER A 8 -13.14 -9.58 -10.06
CA SER A 8 -11.81 -9.97 -9.49
C SER A 8 -11.08 -8.72 -9.01
N ALA A 9 -10.78 -8.65 -7.74
CA ALA A 9 -10.07 -7.45 -7.21
C ALA A 9 -8.56 -7.59 -7.48
N ASP A 10 -8.04 -6.81 -8.37
CA ASP A 10 -6.58 -6.89 -8.68
C ASP A 10 -6.05 -5.49 -9.03
N CYS A 11 -6.80 -4.73 -9.78
CA CYS A 11 -6.32 -3.37 -10.15
C CYS A 11 -6.89 -2.34 -9.14
N CYS A 12 -6.56 -1.10 -9.32
CA CYS A 12 -7.09 -0.05 -8.38
C CYS A 12 -8.30 0.63 -9.02
N ILE A 13 -9.35 0.82 -8.26
CA ILE A 13 -10.55 1.49 -8.82
C ILE A 13 -10.65 2.91 -8.24
N SER A 14 -10.17 3.11 -7.05
CA SER A 14 -10.22 4.47 -6.43
C SER A 14 -9.21 4.56 -5.30
N TYR A 15 -8.37 5.56 -5.31
CA TYR A 15 -7.36 5.70 -4.23
C TYR A 15 -8.01 6.31 -2.99
N THR A 16 -7.42 6.13 -1.84
CA THR A 16 -8.00 6.70 -0.60
C THR A 16 -7.60 8.18 -0.48
N PRO A 17 -8.58 9.05 -0.45
CA PRO A 17 -8.35 10.50 -0.33
C PRO A 17 -8.02 10.88 1.12
N ARG A 18 -6.90 10.42 1.61
CA ARG A 18 -6.52 10.75 3.02
C ARG A 18 -5.01 10.66 3.17
N SER A 19 -4.48 11.14 4.27
CA SER A 19 -3.01 11.08 4.48
C SER A 19 -2.64 9.79 5.23
N ILE A 20 -1.87 8.94 4.62
CA ILE A 20 -1.47 7.68 5.29
C ILE A 20 0.02 7.73 5.67
N PRO A 21 0.28 7.73 6.95
CA PRO A 21 1.66 7.78 7.46
C PRO A 21 2.33 6.40 7.34
N CYS A 22 3.36 6.30 6.54
CA CYS A 22 4.05 5.00 6.37
C CYS A 22 4.29 4.37 7.75
N SER A 23 4.53 5.17 8.75
CA SER A 23 4.77 4.62 10.11
C SER A 23 3.60 3.70 10.49
N LEU A 24 2.48 3.84 9.84
CA LEU A 24 1.32 2.97 10.17
C LEU A 24 1.07 2.01 9.02
N LEU A 25 2.10 1.62 8.32
CA LEU A 25 1.92 0.68 7.18
C LEU A 25 2.82 -0.54 7.38
N GLU A 26 2.34 -1.71 7.09
CA GLU A 26 3.17 -2.93 7.25
C GLU A 26 3.93 -3.22 5.95
N SER A 27 3.33 -2.93 4.83
CA SER A 27 4.02 -3.19 3.54
C SER A 27 3.15 -2.69 2.38
N TYR A 28 3.68 -2.68 1.19
CA TYR A 28 2.89 -2.20 0.03
C TYR A 28 3.37 -2.92 -1.24
N PHE A 29 2.55 -2.95 -2.26
CA PHE A 29 2.95 -3.64 -3.52
C PHE A 29 2.40 -2.87 -4.72
N GLU A 30 2.85 -3.20 -5.90
CA GLU A 30 2.34 -2.49 -7.12
C GLU A 30 1.39 -3.40 -7.88
N THR A 31 0.31 -2.87 -8.39
CA THR A 31 -0.65 -3.71 -9.14
C THR A 31 -0.04 -4.12 -10.47
N ASN A 32 -0.64 -5.05 -11.17
CA ASN A 32 -0.09 -5.49 -12.47
C ASN A 32 -0.15 -4.33 -13.47
N SER A 33 0.93 -4.09 -14.19
CA SER A 33 0.92 -2.98 -15.17
C SER A 33 -0.12 -3.25 -16.25
N GLU A 34 -0.64 -4.44 -16.30
CA GLU A 34 -1.67 -4.77 -17.33
C GLU A 34 -2.95 -3.98 -17.04
N CYS A 35 -3.19 -3.65 -15.80
CA CYS A 35 -4.41 -2.88 -15.46
C CYS A 35 -4.31 -1.47 -16.02
N SER A 36 -5.29 -1.02 -16.74
CA SER A 36 -5.25 0.35 -17.32
C SER A 36 -5.05 1.36 -16.20
N LYS A 37 -5.49 1.05 -15.01
CA LYS A 37 -5.33 2.00 -13.88
C LYS A 37 -4.45 1.35 -12.80
N PRO A 38 -3.16 1.40 -13.01
CA PRO A 38 -2.19 0.84 -12.08
C PRO A 38 -1.99 1.76 -10.87
N GLY A 39 -1.31 1.31 -9.86
CA GLY A 39 -1.09 2.16 -8.67
C GLY A 39 -0.36 1.35 -7.59
N VAL A 40 -0.20 1.92 -6.42
CA VAL A 40 0.50 1.20 -5.33
C VAL A 40 -0.47 0.97 -4.16
N ILE A 41 -0.64 -0.25 -3.74
CA ILE A 41 -1.57 -0.53 -2.61
C ILE A 41 -0.77 -0.59 -1.30
N PHE A 42 -1.32 -0.08 -0.24
CA PHE A 42 -0.59 -0.11 1.06
C PHE A 42 -1.38 -0.93 2.08
N LEU A 43 -0.72 -1.82 2.77
CA LEU A 43 -1.42 -2.67 3.77
C LEU A 43 -1.08 -2.17 5.18
N THR A 44 -2.06 -1.76 5.93
CA THR A 44 -1.80 -1.26 7.30
C THR A 44 -1.49 -2.45 8.22
N LYS A 45 -0.99 -2.18 9.40
CA LYS A 45 -0.66 -3.30 10.34
C LYS A 45 -1.96 -3.82 10.98
N LYS A 46 -3.05 -3.15 10.74
CA LYS A 46 -4.35 -3.61 11.35
C LYS A 46 -4.97 -4.65 10.42
N GLY A 47 -5.39 -4.23 9.26
CA GLY A 47 -6.02 -5.18 8.31
C GLY A 47 -6.79 -4.40 7.24
N ARG A 48 -6.16 -3.47 6.61
CA ARG A 48 -6.86 -2.67 5.56
C ARG A 48 -5.90 -2.39 4.39
N ARG A 49 -6.37 -2.53 3.19
CA ARG A 49 -5.50 -2.28 2.01
C ARG A 49 -6.14 -1.19 1.15
N PHE A 50 -5.40 -0.17 0.81
CA PHE A 50 -5.97 0.91 -0.04
C PHE A 50 -5.01 1.26 -1.17
N CYS A 51 -5.51 1.81 -2.25
CA CYS A 51 -4.62 2.18 -3.39
C CYS A 51 -4.12 3.60 -3.19
N ALA A 52 -2.95 3.90 -3.68
CA ALA A 52 -2.40 5.27 -3.52
C ALA A 52 -1.63 5.66 -4.77
N ASN A 53 -1.62 6.93 -5.10
CA ASN A 53 -0.88 7.38 -6.32
C ASN A 53 0.63 7.22 -6.08
N PRO A 54 1.32 6.76 -7.09
CA PRO A 54 2.77 6.55 -7.02
C PRO A 54 3.51 7.89 -7.12
N SER A 55 2.78 8.96 -7.30
CA SER A 55 3.43 10.29 -7.41
C SER A 55 3.11 11.11 -6.15
N ASP A 56 2.32 10.58 -5.25
CA ASP A 56 1.98 11.33 -4.01
C ASP A 56 3.22 11.41 -3.12
N LYS A 57 3.55 12.58 -2.66
CA LYS A 57 4.75 12.71 -1.78
C LYS A 57 4.64 11.73 -0.60
N GLN A 58 3.45 11.52 -0.11
CA GLN A 58 3.28 10.58 1.02
C GLN A 58 3.67 9.18 0.58
N VAL A 59 3.50 8.87 -0.68
CA VAL A 59 3.88 7.52 -1.19
C VAL A 59 5.39 7.48 -1.40
N GLN A 60 5.95 8.55 -1.86
CA GLN A 60 7.42 8.59 -2.08
C GLN A 60 8.14 8.51 -0.73
N VAL A 61 7.56 9.09 0.28
CA VAL A 61 8.20 9.05 1.63
C VAL A 61 8.08 7.63 2.20
N CYS A 62 6.95 7.00 1.98
CA CYS A 62 6.77 5.62 2.52
C CYS A 62 7.57 4.64 1.65
N MET A 63 7.67 4.89 0.38
CA MET A 63 8.44 3.98 -0.50
C MET A 63 9.89 3.89 -0.01
N ARG A 64 10.54 5.01 0.15
CA ARG A 64 11.95 4.99 0.64
C ARG A 64 11.98 4.41 2.05
N MET A 65 11.08 4.83 2.90
CA MET A 65 11.06 4.31 4.29
C MET A 65 10.95 2.78 4.26
N LEU A 66 9.90 2.27 3.68
CA LEU A 66 9.72 0.79 3.62
C LEU A 66 10.71 0.21 2.61
N LYS A 67 11.98 0.46 2.79
CA LYS A 67 12.98 -0.10 1.83
C LYS A 67 12.76 -1.60 1.67
N LEU A 68 13.23 -2.37 2.62
CA LEU A 68 13.06 -3.85 2.55
C LEU A 68 11.56 -4.18 2.42
N ASP A 69 11.07 -4.33 1.22
CA ASP A 69 9.63 -4.64 1.03
C ASP A 69 9.45 -6.15 0.90
N THR A 70 10.49 -6.91 1.15
CA THR A 70 10.36 -8.40 1.04
C THR A 70 10.98 -9.05 2.28
N ARG A 71 10.27 -9.02 3.37
CA ARG A 71 10.80 -9.65 4.62
C ARG A 71 12.03 -8.87 5.09
N ILE A 72 12.17 -8.66 6.37
CA ILE A 72 13.34 -7.91 6.88
C ILE A 72 14.26 -8.86 7.64
N LYS A 73 14.98 -9.70 6.94
CA LYS A 73 15.90 -10.65 7.63
C LYS A 73 17.30 -10.04 7.70
N THR A 74 17.51 -9.12 8.60
CA THR A 74 18.85 -8.49 8.72
C THR A 74 19.44 -8.81 10.09
N ARG A 75 20.74 -8.92 10.18
CA ARG A 75 21.38 -9.23 11.48
C ARG A 75 22.39 -8.15 11.83
N LYS A 76 21.96 -7.09 12.46
CA LYS A 76 22.91 -6.00 12.81
C LYS A 76 22.55 -5.43 14.19
N ASN A 77 21.30 -5.13 14.42
CA ASN A 77 20.90 -4.58 15.74
C ASN A 77 19.38 -4.37 15.76
N MET A 1 5.90 22.25 5.37
CA MET A 1 6.22 22.70 3.98
C MET A 1 4.99 22.52 3.09
N ASP A 2 4.56 21.31 2.89
CA ASP A 2 3.36 21.09 2.03
C ASP A 2 2.47 20.01 2.67
N ARG A 3 3.01 18.85 2.92
CA ARG A 3 2.19 17.76 3.54
C ARG A 3 1.55 18.29 4.82
N PHE A 4 0.86 17.43 5.54
CA PHE A 4 0.20 17.88 6.80
C PHE A 4 1.15 17.65 7.97
N HIS A 5 0.92 18.33 9.06
CA HIS A 5 1.81 18.15 10.25
C HIS A 5 1.00 17.58 11.41
N ALA A 6 -0.28 17.44 11.25
CA ALA A 6 -1.12 16.88 12.35
C ALA A 6 -1.80 15.59 11.88
N THR A 7 -1.02 14.60 11.55
CA THR A 7 -1.61 13.31 11.09
C THR A 7 -1.38 12.23 12.16
N SER A 8 -2.43 11.80 12.80
CA SER A 8 -2.27 10.75 13.85
C SER A 8 -1.82 9.44 13.21
N ALA A 9 -2.35 9.13 12.06
CA ALA A 9 -1.94 7.86 11.38
C ALA A 9 -0.42 7.85 11.20
N ASP A 10 0.27 6.99 11.90
CA ASP A 10 1.74 6.92 11.76
C ASP A 10 2.17 5.49 11.44
N CYS A 11 2.12 4.61 12.40
CA CYS A 11 2.52 3.20 12.15
C CYS A 11 1.27 2.34 11.93
N CYS A 12 1.46 1.07 11.68
CA CYS A 12 0.27 0.19 11.45
C CYS A 12 0.10 -0.74 12.67
N ILE A 13 -1.10 -0.84 13.17
CA ILE A 13 -1.34 -1.73 14.35
C ILE A 13 -2.30 -2.85 13.95
N SER A 14 -3.05 -2.66 12.91
CA SER A 14 -4.01 -3.71 12.47
C SER A 14 -4.03 -3.76 10.94
N TYR A 15 -4.29 -4.91 10.38
CA TYR A 15 -4.32 -5.03 8.90
C TYR A 15 -5.73 -5.43 8.45
N THR A 16 -6.02 -5.29 7.19
CA THR A 16 -7.38 -5.66 6.69
C THR A 16 -7.46 -7.19 6.56
N PRO A 17 -8.31 -7.79 7.37
CA PRO A 17 -8.50 -9.26 7.36
C PRO A 17 -9.37 -9.68 6.18
N ARG A 18 -8.84 -9.59 4.99
CA ARG A 18 -9.63 -9.99 3.79
C ARG A 18 -8.68 -10.38 2.66
N SER A 19 -9.14 -11.15 1.71
CA SER A 19 -8.27 -11.57 0.58
C SER A 19 -8.38 -10.54 -0.55
N ILE A 20 -7.53 -9.54 -0.53
CA ILE A 20 -7.59 -8.51 -1.61
C ILE A 20 -6.53 -8.84 -2.68
N PRO A 21 -6.95 -8.83 -3.91
CA PRO A 21 -6.06 -9.12 -5.05
C PRO A 21 -5.19 -7.91 -5.38
N CYS A 22 -4.00 -8.13 -5.87
CA CYS A 22 -3.10 -6.99 -6.20
C CYS A 22 -3.74 -6.17 -7.33
N SER A 23 -4.68 -6.73 -8.03
CA SER A 23 -5.33 -5.97 -9.14
C SER A 23 -6.27 -4.91 -8.55
N LEU A 24 -6.46 -4.92 -7.26
CA LEU A 24 -7.36 -3.91 -6.64
C LEU A 24 -6.51 -2.88 -5.87
N LEU A 25 -5.30 -2.67 -6.29
CA LEU A 25 -4.43 -1.68 -5.58
C LEU A 25 -3.59 -0.92 -6.61
N GLU A 26 -3.28 0.32 -6.34
CA GLU A 26 -2.47 1.12 -7.30
C GLU A 26 -1.01 1.11 -6.85
N SER A 27 -0.76 1.26 -5.58
CA SER A 27 0.64 1.27 -5.08
C SER A 27 0.66 0.86 -3.60
N TYR A 28 1.82 0.76 -3.01
CA TYR A 28 1.90 0.38 -1.58
C TYR A 28 3.17 0.96 -0.96
N PHE A 29 3.21 1.08 0.34
CA PHE A 29 4.42 1.64 1.00
C PHE A 29 4.56 1.02 2.40
N GLU A 30 5.69 1.21 3.02
CA GLU A 30 5.90 0.63 4.38
C GLU A 30 5.85 1.75 5.42
N THR A 31 5.68 1.41 6.67
CA THR A 31 5.64 2.46 7.72
C THR A 31 7.01 2.59 8.37
N ASN A 32 7.24 3.64 9.12
CA ASN A 32 8.56 3.82 9.78
C ASN A 32 8.91 2.56 10.56
N SER A 33 9.97 1.89 10.18
CA SER A 33 10.37 0.65 10.90
C SER A 33 10.67 0.98 12.36
N GLU A 34 10.84 2.24 12.67
CA GLU A 34 11.14 2.62 14.08
C GLU A 34 10.11 2.00 15.02
N CYS A 35 8.95 1.68 14.50
CA CYS A 35 7.90 1.06 15.37
C CYS A 35 8.24 -0.41 15.61
N SER A 36 8.00 -0.89 16.80
CA SER A 36 8.32 -2.32 17.10
C SER A 36 7.65 -3.22 16.05
N LYS A 37 6.39 -3.02 15.80
CA LYS A 37 5.68 -3.86 14.79
C LYS A 37 5.26 -2.99 13.61
N PRO A 38 6.08 -2.96 12.59
CA PRO A 38 5.82 -2.17 11.38
C PRO A 38 4.81 -2.89 10.49
N GLY A 39 4.60 -2.40 9.29
CA GLY A 39 3.63 -3.04 8.38
C GLY A 39 3.62 -2.31 7.04
N VAL A 40 2.87 -2.80 6.10
CA VAL A 40 2.81 -2.13 4.76
C VAL A 40 1.41 -1.58 4.53
N ILE A 41 1.30 -0.49 3.82
CA ILE A 41 -0.05 0.10 3.56
C ILE A 41 -0.31 0.11 2.05
N PHE A 42 -1.25 -0.67 1.60
CA PHE A 42 -1.55 -0.71 0.15
C PHE A 42 -2.61 0.35 -0.19
N LEU A 43 -2.36 1.16 -1.17
CA LEU A 43 -3.35 2.21 -1.53
C LEU A 43 -4.22 1.69 -2.68
N THR A 44 -5.50 2.00 -2.64
CA THR A 44 -6.40 1.52 -3.72
C THR A 44 -6.71 2.67 -4.67
N LYS A 45 -7.42 2.40 -5.73
CA LYS A 45 -7.75 3.49 -6.71
C LYS A 45 -8.89 4.35 -6.14
N LYS A 46 -9.32 4.08 -4.95
CA LYS A 46 -10.42 4.89 -4.34
C LYS A 46 -9.86 5.75 -3.21
N GLY A 47 -8.62 6.15 -3.31
CA GLY A 47 -8.02 6.99 -2.24
C GLY A 47 -8.15 6.27 -0.90
N ARG A 48 -8.11 4.97 -0.91
CA ARG A 48 -8.23 4.21 0.37
C ARG A 48 -6.96 3.39 0.60
N ARG A 49 -6.37 3.51 1.75
CA ARG A 49 -5.13 2.73 2.03
C ARG A 49 -5.29 1.95 3.34
N PHE A 50 -4.90 0.70 3.35
CA PHE A 50 -5.05 -0.11 4.59
C PHE A 50 -3.72 -0.81 4.90
N CYS A 51 -3.49 -1.15 6.13
CA CYS A 51 -2.21 -1.82 6.49
C CYS A 51 -2.29 -3.30 6.11
N ALA A 52 -1.17 -3.90 5.81
CA ALA A 52 -1.18 -5.34 5.43
C ALA A 52 0.07 -6.03 6.01
N ASN A 53 0.02 -7.32 6.18
CA ASN A 53 1.20 -8.04 6.74
C ASN A 53 2.19 -8.34 5.61
N PRO A 54 3.46 -8.12 5.88
CA PRO A 54 4.53 -8.36 4.89
C PRO A 54 4.82 -9.86 4.79
N SER A 55 4.09 -10.66 5.51
CA SER A 55 4.31 -12.14 5.45
C SER A 55 3.20 -12.79 4.65
N ASP A 56 2.22 -12.03 4.24
CA ASP A 56 1.09 -12.61 3.46
C ASP A 56 1.57 -12.94 2.04
N LYS A 57 1.49 -14.18 1.65
CA LYS A 57 1.95 -14.57 0.29
C LYS A 57 1.30 -13.63 -0.74
N GLN A 58 0.02 -13.39 -0.62
CA GLN A 58 -0.66 -12.50 -1.60
C GLN A 58 0.06 -11.14 -1.62
N VAL A 59 0.65 -10.77 -0.52
CA VAL A 59 1.37 -9.46 -0.49
C VAL A 59 2.64 -9.54 -1.33
N GLN A 60 3.42 -10.57 -1.14
CA GLN A 60 4.66 -10.70 -1.94
C GLN A 60 4.31 -10.72 -3.43
N VAL A 61 3.11 -11.13 -3.76
CA VAL A 61 2.72 -11.16 -5.19
C VAL A 61 2.50 -9.74 -5.69
N CYS A 62 1.75 -8.95 -4.95
CA CYS A 62 1.51 -7.55 -5.39
C CYS A 62 2.84 -6.82 -5.54
N MET A 63 3.77 -7.09 -4.67
CA MET A 63 5.10 -6.41 -4.78
C MET A 63 5.72 -6.70 -6.15
N ARG A 64 5.28 -7.75 -6.78
CA ARG A 64 5.84 -8.10 -8.12
C ARG A 64 5.16 -7.23 -9.19
N MET A 65 3.87 -7.40 -9.38
CA MET A 65 3.17 -6.59 -10.40
C MET A 65 3.34 -5.10 -10.09
N LEU A 66 3.08 -4.71 -8.87
CA LEU A 66 3.24 -3.27 -8.50
C LEU A 66 4.72 -2.94 -8.35
N LYS A 67 5.49 -3.20 -9.38
CA LYS A 67 6.95 -2.90 -9.29
C LYS A 67 7.16 -1.48 -8.76
N LEU A 68 8.35 -1.16 -8.35
CA LEU A 68 8.62 0.20 -7.81
C LEU A 68 9.09 1.12 -8.95
N ASP A 69 9.64 0.55 -9.99
CA ASP A 69 10.12 1.38 -11.12
C ASP A 69 8.99 1.55 -12.15
N THR A 70 7.81 1.11 -11.82
CA THR A 70 6.67 1.24 -12.79
C THR A 70 5.76 2.38 -12.34
N ARG A 71 5.98 3.56 -12.87
CA ARG A 71 5.11 4.72 -12.49
C ARG A 71 4.20 5.08 -13.65
N ILE A 72 3.03 4.50 -13.70
CA ILE A 72 2.07 4.79 -14.79
C ILE A 72 2.82 4.96 -16.12
N LYS A 73 3.00 3.89 -16.85
CA LYS A 73 3.73 4.00 -18.15
C LYS A 73 2.88 3.36 -19.26
N THR A 74 3.29 3.51 -20.48
CA THR A 74 2.50 2.92 -21.61
C THR A 74 1.05 3.40 -21.51
N ARG A 75 0.76 4.55 -22.03
CA ARG A 75 -0.64 5.07 -21.97
C ARG A 75 -0.95 5.54 -20.56
N LYS A 76 -2.19 5.46 -20.14
CA LYS A 76 -2.56 5.90 -18.77
C LYS A 76 -3.51 4.89 -18.14
N ASN A 77 -4.62 4.63 -18.78
CA ASN A 77 -5.59 3.65 -18.21
C ASN A 77 -6.32 4.28 -17.03
N MET A 1 -14.44 -20.55 3.98
CA MET A 1 -13.93 -20.00 2.69
C MET A 1 -14.45 -18.58 2.51
N ASP A 2 -14.00 -17.65 3.31
CA ASP A 2 -14.47 -16.24 3.17
C ASP A 2 -13.47 -15.44 2.35
N ARG A 3 -13.18 -15.87 1.15
CA ARG A 3 -12.20 -15.14 0.31
C ARG A 3 -12.84 -13.84 -0.19
N PHE A 4 -12.10 -12.76 -0.18
CA PHE A 4 -12.67 -11.47 -0.64
C PHE A 4 -12.07 -11.11 -2.00
N HIS A 5 -12.60 -11.66 -3.06
CA HIS A 5 -12.06 -11.35 -4.41
C HIS A 5 -13.11 -10.60 -5.23
N ALA A 6 -14.34 -11.05 -5.17
CA ALA A 6 -15.41 -10.36 -5.95
C ALA A 6 -15.96 -9.19 -5.13
N THR A 7 -15.30 -8.84 -4.06
CA THR A 7 -15.78 -7.72 -3.23
C THR A 7 -14.73 -6.60 -3.22
N SER A 8 -14.27 -6.19 -4.37
CA SER A 8 -13.25 -5.11 -4.42
C SER A 8 -13.64 -3.99 -3.45
N ALA A 9 -12.98 -3.90 -2.33
CA ALA A 9 -13.31 -2.83 -1.36
C ALA A 9 -12.87 -1.48 -1.92
N ASP A 10 -13.20 -0.41 -1.26
CA ASP A 10 -12.80 0.94 -1.76
C ASP A 10 -12.05 1.69 -0.66
N CYS A 11 -12.69 1.92 0.46
CA CYS A 11 -12.01 2.65 1.56
C CYS A 11 -11.24 1.66 2.44
N CYS A 12 -10.55 2.13 3.43
CA CYS A 12 -9.78 1.21 4.31
C CYS A 12 -10.72 0.59 5.36
N ILE A 13 -10.77 -0.72 5.41
CA ILE A 13 -11.66 -1.37 6.40
C ILE A 13 -10.82 -2.03 7.49
N SER A 14 -9.61 -2.38 7.18
CA SER A 14 -8.73 -3.03 8.19
C SER A 14 -7.29 -3.04 7.68
N TYR A 15 -6.34 -2.74 8.54
CA TYR A 15 -4.92 -2.73 8.10
C TYR A 15 -4.30 -4.10 8.33
N THR A 16 -3.44 -4.53 7.44
CA THR A 16 -2.81 -5.86 7.60
C THR A 16 -2.06 -5.91 8.94
N PRO A 17 -2.57 -6.70 9.86
CA PRO A 17 -1.96 -6.85 11.20
C PRO A 17 -0.71 -7.74 11.11
N ARG A 18 0.22 -7.39 10.28
CA ARG A 18 1.46 -8.21 10.15
C ARG A 18 2.57 -7.35 9.55
N SER A 19 3.80 -7.64 9.88
CA SER A 19 4.93 -6.83 9.33
C SER A 19 5.34 -7.40 7.96
N ILE A 20 5.13 -6.65 6.91
CA ILE A 20 5.51 -7.15 5.56
C ILE A 20 6.78 -6.43 5.09
N PRO A 21 7.70 -7.19 4.55
CA PRO A 21 8.98 -6.64 4.06
C PRO A 21 8.78 -6.00 2.68
N CYS A 22 9.44 -4.90 2.43
CA CYS A 22 9.29 -4.23 1.11
C CYS A 22 9.62 -5.22 -0.01
N SER A 23 10.41 -6.22 0.28
CA SER A 23 10.76 -7.21 -0.77
C SER A 23 9.52 -8.00 -1.16
N LEU A 24 8.50 -7.98 -0.34
CA LEU A 24 7.26 -8.73 -0.66
C LEU A 24 6.17 -7.74 -1.09
N LEU A 25 6.55 -6.60 -1.61
CA LEU A 25 5.54 -5.60 -2.04
C LEU A 25 5.83 -5.16 -3.47
N GLU A 26 4.82 -5.07 -4.29
CA GLU A 26 5.04 -4.65 -5.71
C GLU A 26 4.86 -3.14 -5.82
N SER A 27 3.89 -2.60 -5.14
CA SER A 27 3.66 -1.12 -5.21
C SER A 27 2.73 -0.70 -4.07
N TYR A 28 2.41 0.57 -3.99
CA TYR A 28 1.52 1.04 -2.90
C TYR A 28 0.94 2.40 -3.27
N PHE A 29 -0.15 2.79 -2.66
CA PHE A 29 -0.76 4.11 -2.98
C PHE A 29 -1.66 4.55 -1.83
N GLU A 30 -2.29 5.69 -1.95
CA GLU A 30 -3.18 6.17 -0.86
C GLU A 30 -4.64 5.96 -1.25
N THR A 31 -5.52 5.89 -0.29
CA THR A 31 -6.96 5.68 -0.61
C THR A 31 -7.59 7.03 -1.00
N ASN A 32 -8.81 7.01 -1.45
CA ASN A 32 -9.48 8.29 -1.83
C ASN A 32 -9.72 9.14 -0.58
N SER A 33 -9.46 10.41 -0.67
CA SER A 33 -9.68 11.29 0.53
C SER A 33 -11.17 11.36 0.84
N GLU A 34 -12.00 11.09 -0.14
CA GLU A 34 -13.48 11.14 0.10
C GLU A 34 -13.87 10.05 1.09
N CYS A 35 -13.08 9.02 1.20
CA CYS A 35 -13.41 7.92 2.14
C CYS A 35 -13.35 8.45 3.58
N SER A 36 -14.16 7.93 4.45
CA SER A 36 -14.16 8.40 5.87
C SER A 36 -12.89 7.90 6.56
N LYS A 37 -12.34 6.80 6.10
CA LYS A 37 -11.11 6.27 6.74
C LYS A 37 -10.01 6.11 5.67
N PRO A 38 -9.17 7.10 5.57
CA PRO A 38 -8.07 7.11 4.59
C PRO A 38 -6.93 6.21 5.08
N GLY A 39 -5.99 5.91 4.22
CA GLY A 39 -4.86 5.05 4.62
C GLY A 39 -4.02 4.72 3.39
N VAL A 40 -3.07 3.83 3.54
CA VAL A 40 -2.20 3.47 2.37
C VAL A 40 -2.49 2.03 1.96
N ILE A 41 -2.53 1.76 0.69
CA ILE A 41 -2.80 0.37 0.22
C ILE A 41 -1.50 -0.27 -0.27
N PHE A 42 -1.08 -1.33 0.35
CA PHE A 42 0.18 -2.00 -0.09
C PHE A 42 -0.14 -3.17 -1.02
N LEU A 43 0.39 -3.16 -2.21
CA LEU A 43 0.12 -4.26 -3.17
C LEU A 43 1.26 -5.28 -3.12
N THR A 44 0.96 -6.53 -3.33
CA THR A 44 2.04 -7.56 -3.32
C THR A 44 2.39 -7.96 -4.75
N LYS A 45 3.44 -8.71 -4.93
CA LYS A 45 3.83 -9.14 -6.30
C LYS A 45 2.91 -10.28 -6.76
N LYS A 46 2.05 -10.75 -5.90
CA LYS A 46 1.13 -11.85 -6.29
C LYS A 46 -0.22 -11.27 -6.69
N GLY A 47 -0.96 -10.79 -5.73
CA GLY A 47 -2.29 -10.20 -6.05
C GLY A 47 -3.06 -9.95 -4.75
N ARG A 48 -2.52 -9.17 -3.87
CA ARG A 48 -3.21 -8.88 -2.59
C ARG A 48 -3.02 -7.41 -2.21
N ARG A 49 -4.07 -6.75 -1.81
CA ARG A 49 -3.95 -5.31 -1.42
C ARG A 49 -4.48 -5.12 0.00
N PHE A 50 -3.70 -4.55 0.87
CA PHE A 50 -4.16 -4.33 2.27
C PHE A 50 -3.89 -2.89 2.69
N CYS A 51 -4.66 -2.37 3.60
CA CYS A 51 -4.43 -0.96 4.05
C CYS A 51 -3.29 -0.93 5.06
N ALA A 52 -2.69 0.22 5.25
CA ALA A 52 -1.56 0.32 6.20
C ALA A 52 -1.60 1.69 6.89
N ASN A 53 -0.89 1.83 7.99
CA ASN A 53 -0.89 3.14 8.71
C ASN A 53 0.18 4.05 8.10
N PRO A 54 -0.24 5.16 7.55
CA PRO A 54 0.67 6.14 6.94
C PRO A 54 1.39 6.95 8.01
N SER A 55 1.13 6.65 9.25
CA SER A 55 1.80 7.39 10.35
C SER A 55 2.86 6.50 11.01
N ASP A 56 2.94 5.26 10.59
CA ASP A 56 3.95 4.34 11.19
C ASP A 56 5.31 4.58 10.54
N LYS A 57 6.35 4.61 11.33
CA LYS A 57 7.71 4.85 10.76
C LYS A 57 8.06 3.72 9.79
N GLN A 58 7.63 2.53 10.07
CA GLN A 58 7.94 1.38 9.16
C GLN A 58 7.36 1.67 7.78
N VAL A 59 6.26 2.37 7.72
CA VAL A 59 5.64 2.68 6.41
C VAL A 59 6.46 3.76 5.71
N GLN A 60 6.88 4.76 6.44
CA GLN A 60 7.69 5.85 5.82
C GLN A 60 9.06 5.29 5.41
N VAL A 61 9.59 4.38 6.17
CA VAL A 61 10.92 3.80 5.82
C VAL A 61 10.79 3.03 4.51
N CYS A 62 9.73 2.28 4.35
CA CYS A 62 9.55 1.50 3.09
C CYS A 62 9.18 2.45 1.96
N MET A 63 8.46 3.50 2.26
CA MET A 63 8.07 4.47 1.20
C MET A 63 9.31 4.87 0.39
N ARG A 64 10.46 4.81 1.00
CA ARG A 64 11.70 5.19 0.26
C ARG A 64 12.16 4.01 -0.61
N MET A 65 12.09 2.81 -0.08
CA MET A 65 12.52 1.63 -0.86
C MET A 65 11.75 1.59 -2.19
N LEU A 66 10.45 1.47 -2.12
CA LEU A 66 9.64 1.42 -3.36
C LEU A 66 9.66 2.80 -4.04
N LYS A 67 10.73 3.13 -4.69
CA LYS A 67 10.81 4.46 -5.37
C LYS A 67 9.88 4.47 -6.59
N LEU A 68 9.48 3.31 -7.05
CA LEU A 68 8.57 3.25 -8.23
C LEU A 68 7.14 3.58 -7.80
N ASP A 69 6.94 4.72 -7.18
CA ASP A 69 5.58 5.10 -6.74
C ASP A 69 4.74 5.50 -7.95
N THR A 70 5.04 6.62 -8.54
CA THR A 70 4.26 7.07 -9.73
C THR A 70 4.96 8.26 -10.38
N ARG A 71 4.79 8.43 -11.67
CA ARG A 71 5.45 9.58 -12.36
C ARG A 71 4.98 10.89 -11.72
N ILE A 72 5.62 11.98 -12.05
CA ILE A 72 5.21 13.29 -11.47
C ILE A 72 4.91 14.27 -12.61
N LYS A 73 5.30 15.50 -12.46
CA LYS A 73 5.04 16.50 -13.55
C LYS A 73 6.11 16.37 -14.63
N THR A 74 7.36 16.42 -14.24
CA THR A 74 8.46 16.31 -15.24
C THR A 74 9.68 15.64 -14.59
N ARG A 75 10.57 15.11 -15.38
CA ARG A 75 11.76 14.45 -14.81
C ARG A 75 12.90 15.46 -14.68
N LYS A 76 14.12 15.00 -14.58
CA LYS A 76 15.27 15.93 -14.47
C LYS A 76 16.58 15.13 -14.40
N ASN A 77 16.55 13.99 -13.77
CA ASN A 77 17.79 13.16 -13.68
C ASN A 77 17.43 11.76 -13.17
N MET A 1 -13.50 30.65 0.77
CA MET A 1 -13.57 31.57 1.94
C MET A 1 -13.83 30.77 3.21
N ASP A 2 -14.79 29.90 3.18
CA ASP A 2 -15.10 29.08 4.40
C ASP A 2 -15.28 27.61 3.99
N ARG A 3 -14.24 26.84 4.08
CA ARG A 3 -14.34 25.40 3.70
C ARG A 3 -15.18 24.66 4.75
N PHE A 4 -15.76 23.55 4.38
CA PHE A 4 -16.59 22.79 5.36
C PHE A 4 -15.85 21.51 5.77
N HIS A 5 -15.84 20.52 4.92
CA HIS A 5 -15.14 19.25 5.24
C HIS A 5 -14.72 18.54 3.96
N ALA A 6 -13.69 17.74 4.01
CA ALA A 6 -13.25 17.01 2.79
C ALA A 6 -12.66 15.66 3.19
N THR A 7 -12.19 14.91 2.23
CA THR A 7 -11.61 13.57 2.55
C THR A 7 -10.09 13.71 2.72
N SER A 8 -9.64 14.85 3.15
CA SER A 8 -8.17 15.05 3.33
C SER A 8 -7.74 14.48 4.69
N ALA A 9 -8.65 13.86 5.40
CA ALA A 9 -8.29 13.29 6.73
C ALA A 9 -7.94 11.80 6.56
N ASP A 10 -6.89 11.51 5.84
CA ASP A 10 -6.50 10.08 5.65
C ASP A 10 -4.99 9.98 5.50
N CYS A 11 -4.27 10.90 6.09
CA CYS A 11 -2.79 10.86 5.98
C CYS A 11 -2.24 9.81 6.94
N CYS A 12 -1.09 9.24 6.63
CA CYS A 12 -0.52 8.21 7.53
C CYS A 12 0.58 8.84 8.39
N ILE A 13 0.29 9.13 9.63
CA ILE A 13 1.31 9.75 10.52
C ILE A 13 2.06 8.65 11.28
N SER A 14 1.79 7.41 10.98
CA SER A 14 2.49 6.31 11.70
C SER A 14 2.54 5.07 10.79
N TYR A 15 3.66 4.39 10.78
CA TYR A 15 3.78 3.18 9.92
C TYR A 15 3.96 1.95 10.80
N THR A 16 3.32 0.86 10.46
CA THR A 16 3.44 -0.37 11.28
C THR A 16 4.89 -0.88 11.21
N PRO A 17 5.51 -1.02 12.36
CA PRO A 17 6.90 -1.50 12.46
C PRO A 17 6.95 -3.02 12.28
N ARG A 18 6.42 -3.52 11.19
CA ARG A 18 6.45 -4.99 10.96
C ARG A 18 6.22 -5.28 9.47
N SER A 19 7.04 -6.09 8.89
CA SER A 19 6.87 -6.41 7.44
C SER A 19 5.89 -7.56 7.28
N ILE A 20 4.66 -7.26 6.97
CA ILE A 20 3.64 -8.34 6.81
C ILE A 20 3.61 -8.78 5.34
N PRO A 21 3.45 -10.06 5.14
CA PRO A 21 3.40 -10.65 3.79
C PRO A 21 2.02 -10.41 3.16
N CYS A 22 1.98 -10.22 1.86
CA CYS A 22 0.67 -9.98 1.19
C CYS A 22 -0.30 -11.11 1.53
N SER A 23 0.21 -12.26 1.89
CA SER A 23 -0.69 -13.40 2.24
C SER A 23 -1.72 -12.93 3.28
N LEU A 24 -1.42 -11.88 4.00
CA LEU A 24 -2.38 -11.39 5.03
C LEU A 24 -2.99 -10.07 4.56
N LEU A 25 -2.84 -9.74 3.30
CA LEU A 25 -3.41 -8.46 2.79
C LEU A 25 -4.33 -8.74 1.61
N GLU A 26 -5.40 -7.99 1.49
CA GLU A 26 -6.34 -8.22 0.36
C GLU A 26 -6.08 -7.16 -0.72
N SER A 27 -5.82 -5.95 -0.33
CA SER A 27 -5.56 -4.88 -1.34
C SER A 27 -4.62 -3.83 -0.72
N TYR A 28 -4.37 -2.76 -1.42
CA TYR A 28 -3.47 -1.71 -0.87
C TYR A 28 -3.68 -0.40 -1.63
N PHE A 29 -3.21 0.69 -1.08
CA PHE A 29 -3.37 2.00 -1.78
C PHE A 29 -2.53 3.06 -1.06
N GLU A 30 -2.30 4.18 -1.70
CA GLU A 30 -1.48 5.24 -1.04
C GLU A 30 -2.40 6.33 -0.49
N THR A 31 -1.99 6.99 0.55
CA THR A 31 -2.84 8.06 1.15
C THR A 31 -3.05 9.17 0.11
N ASN A 32 -3.68 10.25 0.49
CA ASN A 32 -3.91 11.36 -0.47
C ASN A 32 -2.58 12.01 -0.84
N SER A 33 -2.44 12.45 -2.06
CA SER A 33 -1.17 13.10 -2.48
C SER A 33 -1.04 14.46 -1.80
N GLU A 34 -2.08 14.91 -1.16
CA GLU A 34 -2.02 16.23 -0.48
C GLU A 34 -1.49 16.06 0.95
N CYS A 35 -1.31 14.83 1.38
CA CYS A 35 -0.81 14.60 2.76
C CYS A 35 0.71 14.80 2.78
N SER A 36 1.19 15.69 3.60
CA SER A 36 2.66 15.93 3.66
C SER A 36 3.38 14.61 3.97
N LYS A 37 2.69 13.68 4.57
CA LYS A 37 3.33 12.37 4.90
C LYS A 37 2.57 11.24 4.21
N PRO A 38 2.95 10.97 2.99
CA PRO A 38 2.32 9.92 2.18
C PRO A 38 2.82 8.53 2.61
N GLY A 39 2.19 7.49 2.15
CA GLY A 39 2.63 6.12 2.54
C GLY A 39 1.70 5.09 1.88
N VAL A 40 2.00 3.83 2.05
CA VAL A 40 1.15 2.77 1.45
C VAL A 40 0.30 2.11 2.54
N ILE A 41 -0.98 2.02 2.34
CA ILE A 41 -1.86 1.38 3.36
C ILE A 41 -2.42 0.08 2.81
N PHE A 42 -2.18 -1.02 3.46
CA PHE A 42 -2.70 -2.32 2.97
C PHE A 42 -3.93 -2.71 3.80
N LEU A 43 -4.96 -3.21 3.15
CA LEU A 43 -6.18 -3.60 3.88
C LEU A 43 -6.21 -5.13 4.05
N THR A 44 -6.34 -5.60 5.25
CA THR A 44 -6.37 -7.07 5.48
C THR A 44 -7.79 -7.59 5.25
N LYS A 45 -7.98 -8.87 5.27
CA LYS A 45 -9.34 -9.44 5.05
C LYS A 45 -10.16 -9.30 6.33
N LYS A 46 -9.62 -8.67 7.34
CA LYS A 46 -10.37 -8.51 8.62
C LYS A 46 -10.85 -7.06 8.73
N GLY A 47 -11.07 -6.42 7.61
CA GLY A 47 -11.56 -5.01 7.65
C GLY A 47 -10.55 -4.15 8.41
N ARG A 48 -9.28 -4.41 8.22
CA ARG A 48 -8.24 -3.60 8.94
C ARG A 48 -7.24 -3.05 7.92
N ARG A 49 -6.57 -1.98 8.26
CA ARG A 49 -5.58 -1.39 7.31
C ARG A 49 -4.42 -0.77 8.11
N PHE A 50 -3.22 -0.87 7.60
CA PHE A 50 -2.06 -0.29 8.32
C PHE A 50 -1.18 0.48 7.33
N CYS A 51 -0.54 1.53 7.78
CA CYS A 51 0.32 2.32 6.88
C CYS A 51 1.65 1.59 6.67
N ALA A 52 2.34 1.89 5.60
CA ALA A 52 3.65 1.22 5.34
C ALA A 52 4.57 2.19 4.60
N ASN A 53 5.84 1.88 4.52
CA ASN A 53 6.79 2.79 3.81
C ASN A 53 6.76 2.49 2.32
N PRO A 54 6.71 3.52 1.51
CA PRO A 54 6.67 3.39 0.05
C PRO A 54 8.06 3.02 -0.48
N SER A 55 9.08 3.22 0.32
CA SER A 55 10.45 2.87 -0.13
C SER A 55 10.83 1.49 0.43
N ASP A 56 9.90 0.82 1.04
CA ASP A 56 10.21 -0.52 1.61
C ASP A 56 10.34 -1.54 0.48
N LYS A 57 11.36 -2.35 0.51
CA LYS A 57 11.54 -3.36 -0.56
C LYS A 57 10.39 -4.38 -0.48
N GLN A 58 9.90 -4.64 0.71
CA GLN A 58 8.78 -5.61 0.85
C GLN A 58 7.51 -5.02 0.27
N VAL A 59 7.41 -3.71 0.24
CA VAL A 59 6.19 -3.08 -0.31
C VAL A 59 6.22 -3.16 -1.84
N GLN A 60 7.36 -2.92 -2.43
CA GLN A 60 7.45 -3.00 -3.92
C GLN A 60 7.18 -4.43 -4.38
N VAL A 61 7.59 -5.40 -3.61
CA VAL A 61 7.36 -6.81 -3.99
C VAL A 61 5.87 -7.16 -3.83
N CYS A 62 5.24 -6.61 -2.82
CA CYS A 62 3.79 -6.91 -2.61
C CYS A 62 2.98 -6.29 -3.75
N MET A 63 3.43 -5.20 -4.30
CA MET A 63 2.68 -4.55 -5.41
C MET A 63 2.52 -5.56 -6.56
N ARG A 64 3.56 -6.27 -6.90
CA ARG A 64 3.46 -7.26 -8.01
C ARG A 64 2.44 -8.33 -7.64
N MET A 65 2.04 -8.39 -6.39
CA MET A 65 1.05 -9.42 -5.97
C MET A 65 -0.36 -8.84 -6.10
N LEU A 66 -0.59 -7.65 -5.59
CA LEU A 66 -1.94 -7.05 -5.69
C LEU A 66 -2.28 -6.80 -7.15
N LYS A 67 -1.34 -6.33 -7.92
CA LYS A 67 -1.60 -6.06 -9.37
C LYS A 67 -1.75 -7.40 -10.11
N LEU A 68 -2.02 -7.34 -11.38
CA LEU A 68 -2.18 -8.60 -12.16
C LEU A 68 -0.80 -9.24 -12.37
N ASP A 69 -0.61 -10.42 -11.84
CA ASP A 69 0.71 -11.10 -12.01
C ASP A 69 0.84 -11.61 -13.45
N THR A 70 1.13 -10.74 -14.37
CA THR A 70 1.27 -11.18 -15.79
C THR A 70 2.75 -11.24 -16.16
N ARG A 71 3.18 -12.30 -16.80
CA ARG A 71 4.61 -12.40 -17.19
C ARG A 71 4.75 -13.35 -18.38
N ILE A 72 4.79 -12.80 -19.57
CA ILE A 72 4.92 -13.66 -20.78
C ILE A 72 6.38 -14.06 -20.97
N LYS A 73 6.97 -14.69 -19.99
CA LYS A 73 8.40 -15.11 -20.12
C LYS A 73 9.29 -13.86 -20.19
N THR A 74 9.21 -13.13 -21.27
CA THR A 74 10.04 -11.90 -21.40
C THR A 74 11.51 -12.30 -21.62
N ARG A 75 12.35 -11.35 -21.93
CA ARG A 75 13.79 -11.67 -22.17
C ARG A 75 14.38 -12.29 -20.89
N LYS A 76 15.66 -12.11 -20.69
CA LYS A 76 16.30 -12.69 -19.47
C LYS A 76 17.61 -11.94 -19.19
N ASN A 77 17.53 -10.67 -18.91
CA ASN A 77 18.76 -9.88 -18.62
C ASN A 77 19.30 -10.27 -17.25
#